data_2N11
#
_entry.id   2N11
#
_entity_poly.entity_id   1
_entity_poly.type   'polypeptide(L)'
_entity_poly.pdbx_seq_one_letter_code
;QQQAVLEQERRDRELALRIAQSEAELISDEAQADLALRRSLDSYPVSKNDGTRPKMTPEQMAKEMSEFLSRGPA
;
_entity_poly.pdbx_strand_id   A
#
# COMPACT_ATOMS: atom_id res chain seq x y z
N GLN A 1 -18.68 13.53 -23.13
CA GLN A 1 -17.86 12.49 -22.52
C GLN A 1 -16.43 12.58 -23.06
N GLN A 2 -16.25 13.30 -24.16
CA GLN A 2 -14.93 13.45 -24.75
C GLN A 2 -13.88 13.70 -23.68
N GLN A 3 -14.06 14.79 -22.92
CA GLN A 3 -13.13 15.13 -21.86
C GLN A 3 -12.81 13.91 -21.01
N ALA A 4 -13.82 13.06 -20.80
CA ALA A 4 -13.65 11.86 -19.99
C ALA A 4 -12.75 10.85 -20.71
N VAL A 5 -13.24 10.31 -21.82
CA VAL A 5 -12.47 9.32 -22.58
C VAL A 5 -11.12 9.90 -23.00
N LEU A 6 -11.08 11.21 -23.18
CA LEU A 6 -9.84 11.88 -23.58
C LEU A 6 -8.82 11.85 -22.44
N GLU A 7 -9.12 12.56 -21.36
CA GLU A 7 -8.22 12.61 -20.21
C GLU A 7 -7.96 11.20 -19.67
N GLN A 8 -8.96 10.34 -19.77
CA GLN A 8 -8.83 8.97 -19.29
C GLN A 8 -7.82 8.20 -20.15
N GLU A 9 -7.95 8.32 -21.46
CA GLU A 9 -7.04 7.64 -22.37
C GLU A 9 -5.62 8.17 -22.19
N ARG A 10 -5.44 9.46 -22.40
CA ARG A 10 -4.12 10.07 -22.26
C ARG A 10 -3.49 9.67 -20.94
N ARG A 11 -4.25 9.83 -19.85
CA ARG A 11 -3.76 9.48 -18.53
C ARG A 11 -3.36 8.01 -18.48
N ASP A 12 -4.29 7.13 -18.88
CA ASP A 12 -4.02 5.70 -18.88
C ASP A 12 -2.65 5.41 -19.47
N ARG A 13 -2.40 5.94 -20.66
CA ARG A 13 -1.12 5.72 -21.32
C ARG A 13 0.02 6.26 -20.47
N GLU A 14 -0.08 7.52 -20.07
CA GLU A 14 0.95 8.15 -19.25
C GLU A 14 1.37 7.20 -18.11
N LEU A 15 0.44 6.93 -17.20
CA LEU A 15 0.73 6.05 -16.08
C LEU A 15 1.32 4.74 -16.58
N ALA A 16 0.53 3.99 -17.35
CA ALA A 16 0.98 2.71 -17.88
C ALA A 16 2.43 2.81 -18.37
N LEU A 17 2.76 3.92 -19.02
CA LEU A 17 4.11 4.14 -19.53
C LEU A 17 5.08 4.30 -18.38
N ARG A 18 4.66 5.04 -17.36
CA ARG A 18 5.52 5.28 -16.19
C ARG A 18 5.83 3.95 -15.49
N ILE A 19 4.81 3.14 -15.29
CA ILE A 19 4.99 1.85 -14.63
C ILE A 19 5.87 0.94 -15.47
N ALA A 20 5.64 0.95 -16.78
CA ALA A 20 6.42 0.11 -17.70
C ALA A 20 7.87 0.59 -17.75
N GLN A 21 8.05 1.90 -17.89
CA GLN A 21 9.38 2.47 -17.95
C GLN A 21 10.06 2.37 -16.59
N SER A 22 9.27 2.51 -15.53
CA SER A 22 9.81 2.43 -14.17
C SER A 22 10.20 1.00 -13.83
N GLU A 23 9.24 0.08 -13.93
CA GLU A 23 9.51 -1.32 -13.63
C GLU A 23 10.60 -1.86 -14.54
N ALA A 24 10.59 -1.41 -15.79
CA ALA A 24 11.60 -1.85 -16.74
C ALA A 24 12.96 -1.27 -16.38
N GLU A 25 12.96 -0.02 -15.93
CA GLU A 25 14.20 0.64 -15.55
C GLU A 25 14.64 0.18 -14.16
N LEU A 26 13.67 -0.26 -13.36
CA LEU A 26 13.96 -0.72 -12.01
C LEU A 26 14.62 0.38 -11.18
N ILE A 27 14.35 1.63 -11.55
CA ILE A 27 14.91 2.77 -10.82
C ILE A 27 13.96 3.24 -9.73
N SER A 28 12.66 3.01 -9.95
CA SER A 28 11.65 3.42 -8.97
C SER A 28 11.61 2.43 -7.81
N ASP A 29 12.77 2.22 -7.17
CA ASP A 29 12.84 1.30 -6.05
C ASP A 29 12.16 1.88 -4.83
N GLU A 30 11.98 3.20 -4.83
CA GLU A 30 11.33 3.88 -3.71
C GLU A 30 9.90 3.37 -3.52
N ALA A 31 9.22 3.13 -4.63
CA ALA A 31 7.84 2.64 -4.59
C ALA A 31 7.80 1.25 -3.95
N GLN A 32 8.64 0.34 -4.43
CA GLN A 32 8.68 -1.01 -3.90
C GLN A 32 8.96 -0.98 -2.40
N ALA A 33 9.98 -0.22 -2.00
CA ALA A 33 10.35 -0.11 -0.60
C ALA A 33 9.15 0.35 0.22
N ASP A 34 8.50 1.41 -0.24
CA ASP A 34 7.34 1.96 0.45
C ASP A 34 6.25 0.89 0.59
N LEU A 35 5.63 0.54 -0.54
CA LEU A 35 4.57 -0.47 -0.52
C LEU A 35 4.98 -1.67 0.33
N ALA A 36 6.27 -2.01 0.27
CA ALA A 36 6.78 -3.14 1.04
C ALA A 36 6.71 -2.85 2.54
N LEU A 37 6.98 -1.60 2.90
CA LEU A 37 6.95 -1.20 4.30
C LEU A 37 5.52 -1.21 4.84
N ARG A 38 4.60 -0.68 4.04
CA ARG A 38 3.20 -0.63 4.43
C ARG A 38 2.57 -2.02 4.35
N ARG A 39 3.11 -2.86 3.47
CA ARG A 39 2.59 -4.21 3.29
C ARG A 39 3.10 -5.11 4.41
N SER A 40 4.27 -4.79 4.95
CA SER A 40 4.84 -5.58 6.03
C SER A 40 4.20 -5.21 7.37
N LEU A 41 2.90 -5.44 7.47
CA LEU A 41 2.18 -5.13 8.69
C LEU A 41 2.90 -5.70 9.90
N ASP A 42 3.63 -6.80 9.69
CA ASP A 42 4.37 -7.43 10.78
C ASP A 42 5.63 -6.63 11.11
N SER A 43 5.63 -5.36 10.75
CA SER A 43 6.77 -4.50 11.01
C SER A 43 7.26 -4.68 12.45
N TYR A 44 6.31 -4.85 13.37
CA TYR A 44 6.66 -5.04 14.77
C TYR A 44 7.47 -6.33 14.96
N PRO A 45 8.34 -6.36 15.93
CA PRO A 45 9.18 -7.56 16.21
C PRO A 45 8.35 -8.73 16.74
N VAL A 46 9.03 -9.85 17.01
CA VAL A 46 8.35 -11.03 17.52
C VAL A 46 7.97 -10.85 18.99
N SER A 47 6.93 -11.55 19.41
CA SER A 47 6.47 -11.47 20.81
C SER A 47 6.29 -12.86 21.39
N LYS A 48 7.05 -13.17 22.43
CA LYS A 48 6.96 -14.47 23.07
C LYS A 48 5.74 -14.53 23.99
N ASN A 49 4.94 -15.58 23.83
CA ASN A 49 3.75 -15.75 24.66
C ASN A 49 3.34 -17.22 24.70
N ASP A 50 4.10 -18.06 24.03
CA ASP A 50 3.82 -19.50 24.01
C ASP A 50 4.71 -20.24 25.00
N GLY A 51 5.89 -19.67 25.26
CA GLY A 51 6.83 -20.30 26.19
C GLY A 51 7.82 -21.19 25.45
N THR A 52 8.19 -20.76 24.24
CA THR A 52 9.14 -21.53 23.44
C THR A 52 10.57 -21.29 23.92
N ARG A 53 10.72 -21.09 25.23
CA ARG A 53 12.04 -20.84 25.80
C ARG A 53 12.79 -22.17 26.00
N PRO A 54 14.10 -22.14 25.95
CA PRO A 54 14.94 -23.36 26.14
C PRO A 54 14.40 -24.27 27.24
N LYS A 55 15.06 -25.40 27.42
CA LYS A 55 14.67 -26.37 28.45
C LYS A 55 13.38 -27.07 28.04
N MET A 56 13.50 -28.35 27.70
CA MET A 56 12.33 -29.13 27.29
C MET A 56 11.65 -29.75 28.50
N THR A 57 10.43 -29.32 28.77
CA THR A 57 9.67 -29.84 29.90
C THR A 57 9.09 -31.21 29.57
N PRO A 58 8.95 -32.07 30.56
CA PRO A 58 8.40 -33.43 30.35
C PRO A 58 7.27 -33.44 29.33
N GLU A 59 6.42 -32.42 29.37
CA GLU A 59 5.30 -32.32 28.44
C GLU A 59 5.80 -32.17 27.01
N GLN A 60 6.85 -31.37 26.85
CA GLN A 60 7.43 -31.15 25.53
C GLN A 60 8.00 -32.45 24.96
N MET A 61 9.04 -32.96 25.61
CA MET A 61 9.67 -34.19 25.17
C MET A 61 8.64 -35.31 25.01
N ALA A 62 7.63 -35.30 25.88
CA ALA A 62 6.58 -36.31 25.83
C ALA A 62 5.74 -36.14 24.58
N LYS A 63 5.45 -34.88 24.23
CA LYS A 63 4.64 -34.59 23.05
C LYS A 63 5.44 -34.89 21.77
N GLU A 64 6.75 -34.64 21.83
CA GLU A 64 7.60 -34.88 20.68
C GLU A 64 7.72 -36.37 20.40
N MET A 65 8.19 -37.12 21.39
CA MET A 65 8.34 -38.57 21.24
C MET A 65 6.99 -39.21 20.95
N SER A 66 5.97 -38.81 21.70
CA SER A 66 4.64 -39.36 21.51
C SER A 66 4.16 -39.14 20.09
N GLU A 67 4.36 -37.91 19.59
CA GLU A 67 3.94 -37.59 18.23
C GLU A 67 4.84 -38.27 17.21
N PHE A 68 6.12 -38.43 17.56
CA PHE A 68 7.06 -39.07 16.66
C PHE A 68 6.74 -40.55 16.51
N LEU A 69 6.84 -41.30 17.60
CA LEU A 69 6.55 -42.73 17.57
C LEU A 69 5.22 -42.98 16.86
N SER A 70 4.25 -42.12 17.11
CA SER A 70 2.93 -42.26 16.48
C SER A 70 2.85 -41.41 15.22
N ARG A 71 2.96 -42.06 14.07
CA ARG A 71 2.90 -41.36 12.79
C ARG A 71 2.54 -42.33 11.67
N GLY A 72 3.52 -43.15 11.28
CA GLY A 72 3.31 -44.11 10.20
C GLY A 72 4.62 -44.77 9.79
N PRO A 73 4.56 -45.69 8.87
CA PRO A 73 5.76 -46.41 8.37
C PRO A 73 6.57 -45.57 7.39
N ALA A 74 6.37 -45.82 6.10
CA ALA A 74 7.08 -45.09 5.07
C ALA A 74 6.38 -45.22 3.73
N GLN A 1 -18.57 13.95 -22.69
CA GLN A 1 -17.91 12.68 -22.42
C GLN A 1 -16.50 12.66 -23.01
N GLN A 2 -16.30 13.42 -24.07
CA GLN A 2 -15.00 13.50 -24.72
C GLN A 2 -13.90 13.71 -23.68
N GLN A 3 -13.99 14.83 -22.96
CA GLN A 3 -13.01 15.15 -21.94
C GLN A 3 -12.78 13.95 -21.01
N ALA A 4 -13.84 13.18 -20.77
CA ALA A 4 -13.73 12.01 -19.91
C ALA A 4 -12.84 10.96 -20.54
N VAL A 5 -13.28 10.40 -21.66
CA VAL A 5 -12.50 9.37 -22.35
C VAL A 5 -11.14 9.92 -22.78
N LEU A 6 -11.14 11.12 -23.34
CA LEU A 6 -9.90 11.74 -23.79
C LEU A 6 -8.89 11.76 -22.64
N GLU A 7 -9.27 12.40 -21.54
CA GLU A 7 -8.39 12.49 -20.37
C GLU A 7 -8.04 11.10 -19.85
N GLN A 8 -9.02 10.20 -19.89
CA GLN A 8 -8.81 8.84 -19.42
C GLN A 8 -7.73 8.15 -20.24
N GLU A 9 -7.76 8.37 -21.55
CA GLU A 9 -6.76 7.76 -22.43
C GLU A 9 -5.38 8.36 -22.19
N ARG A 10 -5.29 9.68 -22.30
CA ARG A 10 -4.01 10.36 -22.08
C ARG A 10 -3.38 9.90 -20.77
N ARG A 11 -4.16 9.94 -19.69
CA ARG A 11 -3.66 9.53 -18.39
C ARG A 11 -3.31 8.04 -18.39
N ASP A 12 -4.32 7.20 -18.60
CA ASP A 12 -4.11 5.76 -18.63
C ASP A 12 -2.79 5.41 -19.34
N ARG A 13 -2.58 6.02 -20.50
CA ARG A 13 -1.37 5.77 -21.27
C ARG A 13 -0.14 6.24 -20.49
N GLU A 14 -0.13 7.50 -20.10
CA GLU A 14 1.00 8.06 -19.36
C GLU A 14 1.42 7.11 -18.24
N LEU A 15 0.50 6.81 -17.33
CA LEU A 15 0.79 5.92 -16.22
C LEU A 15 1.28 4.56 -16.74
N ALA A 16 0.39 3.85 -17.43
CA ALA A 16 0.72 2.54 -17.97
C ALA A 16 2.13 2.56 -18.57
N LEU A 17 2.50 3.69 -19.17
CA LEU A 17 3.82 3.82 -19.77
C LEU A 17 4.89 3.83 -18.69
N ARG A 18 4.73 4.69 -17.70
CA ARG A 18 5.70 4.78 -16.61
C ARG A 18 5.86 3.41 -15.94
N ILE A 19 4.75 2.89 -15.43
CA ILE A 19 4.77 1.59 -14.77
C ILE A 19 5.50 0.58 -15.66
N ALA A 20 5.01 0.42 -16.88
CA ALA A 20 5.62 -0.52 -17.82
C ALA A 20 7.13 -0.34 -17.84
N GLN A 21 7.58 0.91 -17.86
CA GLN A 21 9.01 1.20 -17.88
C GLN A 21 9.64 0.84 -16.54
N SER A 22 8.82 0.84 -15.49
CA SER A 22 9.32 0.50 -14.15
C SER A 22 9.56 -0.99 -14.06
N GLU A 23 8.53 -1.77 -14.34
CA GLU A 23 8.65 -3.23 -14.28
C GLU A 23 9.71 -3.71 -15.27
N ALA A 24 9.75 -3.05 -16.42
CA ALA A 24 10.72 -3.40 -17.45
C ALA A 24 12.14 -3.12 -16.98
N GLU A 25 12.35 -1.93 -16.43
CA GLU A 25 13.68 -1.54 -15.94
C GLU A 25 13.95 -2.22 -14.60
N LEU A 26 12.90 -2.55 -13.88
CA LEU A 26 13.04 -3.20 -12.58
C LEU A 26 14.06 -2.46 -11.72
N ILE A 27 14.20 -1.15 -11.96
CA ILE A 27 15.14 -0.34 -11.19
C ILE A 27 14.44 0.28 -9.99
N SER A 28 13.46 1.13 -10.25
CA SER A 28 12.73 1.79 -9.17
C SER A 28 11.81 0.80 -8.47
N ASP A 29 12.37 -0.33 -8.05
CA ASP A 29 11.59 -1.35 -7.37
C ASP A 29 11.05 -0.81 -6.05
N GLU A 30 11.75 0.18 -5.49
CA GLU A 30 11.34 0.79 -4.23
C GLU A 30 9.96 1.41 -4.38
N ALA A 31 9.76 2.15 -5.46
CA ALA A 31 8.49 2.80 -5.72
C ALA A 31 7.37 1.77 -5.77
N GLN A 32 7.49 0.83 -6.70
CA GLN A 32 6.48 -0.22 -6.84
C GLN A 32 6.12 -0.80 -5.48
N ALA A 33 7.14 -1.25 -4.75
CA ALA A 33 6.92 -1.82 -3.43
C ALA A 33 6.28 -0.79 -2.50
N ASP A 34 6.84 0.41 -2.48
CA ASP A 34 6.32 1.48 -1.64
C ASP A 34 4.84 1.69 -1.91
N LEU A 35 4.52 2.22 -3.09
CA LEU A 35 3.13 2.47 -3.47
C LEU A 35 2.25 1.28 -3.07
N ALA A 36 2.67 0.08 -3.47
CA ALA A 36 1.92 -1.12 -3.14
C ALA A 36 1.74 -1.25 -1.64
N LEU A 37 2.80 -0.96 -0.89
CA LEU A 37 2.74 -1.05 0.56
C LEU A 37 2.03 0.17 1.14
N ARG A 38 1.87 1.21 0.32
CA ARG A 38 1.20 2.42 0.76
C ARG A 38 -0.32 2.25 0.67
N ARG A 39 -0.80 1.80 -0.49
CA ARG A 39 -2.23 1.60 -0.69
C ARG A 39 -2.76 0.51 0.25
N SER A 40 -1.84 -0.08 1.01
CA SER A 40 -2.22 -1.15 1.94
C SER A 40 -3.42 -0.73 2.79
N LEU A 41 -4.62 -0.95 2.26
CA LEU A 41 -5.84 -0.58 2.97
C LEU A 41 -6.17 -1.62 4.04
N ASP A 42 -5.62 -2.83 3.86
CA ASP A 42 -5.85 -3.90 4.82
C ASP A 42 -5.36 -3.51 6.20
N SER A 43 -4.79 -2.32 6.30
CA SER A 43 -4.27 -1.83 7.57
C SER A 43 -5.26 -2.12 8.70
N TYR A 44 -6.36 -1.39 8.72
CA TYR A 44 -7.37 -1.59 9.75
C TYR A 44 -8.19 -2.85 9.46
N PRO A 45 -8.67 -3.51 10.48
CA PRO A 45 -9.48 -4.76 10.31
C PRO A 45 -10.47 -4.66 9.16
N VAL A 46 -11.14 -5.77 8.88
CA VAL A 46 -12.13 -5.82 7.81
C VAL A 46 -13.52 -6.09 8.37
N SER A 47 -14.52 -5.42 7.80
CA SER A 47 -15.89 -5.59 8.25
C SER A 47 -16.51 -6.84 7.63
N LYS A 48 -16.86 -7.81 8.48
CA LYS A 48 -17.45 -9.05 8.01
C LYS A 48 -18.90 -8.81 7.59
N ASN A 49 -19.50 -9.81 6.94
CA ASN A 49 -20.89 -9.70 6.50
C ASN A 49 -21.08 -8.45 5.65
N ASP A 50 -20.59 -8.51 4.41
CA ASP A 50 -20.72 -7.38 3.50
C ASP A 50 -20.59 -7.84 2.06
N GLY A 51 -21.62 -8.55 1.57
CA GLY A 51 -21.61 -9.04 0.20
C GLY A 51 -20.65 -10.22 0.05
N THR A 52 -19.84 -10.44 1.09
CA THR A 52 -18.87 -11.54 1.06
C THR A 52 -19.47 -12.78 1.71
N ARG A 53 -20.44 -13.39 1.05
CA ARG A 53 -21.09 -14.59 1.57
C ARG A 53 -20.35 -15.84 1.11
N PRO A 54 -20.38 -16.89 1.89
CA PRO A 54 -19.69 -18.17 1.54
C PRO A 54 -20.33 -18.86 0.35
N LYS A 55 -19.77 -20.00 -0.04
CA LYS A 55 -20.29 -20.76 -1.17
C LYS A 55 -19.97 -20.04 -2.48
N MET A 56 -19.07 -20.62 -3.26
CA MET A 56 -18.67 -20.03 -4.54
C MET A 56 -19.54 -20.58 -5.67
N THR A 57 -20.00 -19.68 -6.54
CA THR A 57 -20.85 -20.08 -7.67
C THR A 57 -20.08 -19.93 -8.99
N PRO A 58 -20.40 -20.73 -9.97
CA PRO A 58 -19.73 -20.67 -11.30
C PRO A 58 -19.45 -19.23 -11.73
N GLU A 59 -20.47 -18.38 -11.63
CA GLU A 59 -20.33 -16.98 -12.02
C GLU A 59 -19.17 -16.34 -11.26
N GLN A 60 -19.22 -16.43 -9.93
CA GLN A 60 -18.16 -15.86 -9.10
C GLN A 60 -16.80 -16.33 -9.59
N MET A 61 -16.63 -17.64 -9.69
CA MET A 61 -15.36 -18.21 -10.14
C MET A 61 -14.94 -17.58 -11.46
N ALA A 62 -15.77 -17.75 -12.49
CA ALA A 62 -15.46 -17.19 -13.80
C ALA A 62 -15.06 -15.72 -13.67
N LYS A 63 -15.94 -14.91 -13.08
CA LYS A 63 -15.67 -13.50 -12.90
C LYS A 63 -14.36 -13.29 -12.16
N GLU A 64 -14.30 -13.75 -10.91
CA GLU A 64 -13.10 -13.61 -10.10
C GLU A 64 -11.87 -14.02 -10.90
N MET A 65 -11.87 -15.24 -11.41
CA MET A 65 -10.75 -15.74 -12.19
C MET A 65 -10.36 -14.73 -13.27
N SER A 66 -11.36 -14.23 -13.99
CA SER A 66 -11.12 -13.25 -15.04
C SER A 66 -10.44 -12.01 -14.47
N GLU A 67 -10.90 -11.57 -13.32
CA GLU A 67 -10.33 -10.39 -12.67
C GLU A 67 -8.90 -10.66 -12.22
N PHE A 68 -8.68 -11.85 -11.67
CA PHE A 68 -7.35 -12.24 -11.20
C PHE A 68 -6.36 -12.25 -12.35
N LEU A 69 -6.66 -13.05 -13.38
CA LEU A 69 -5.79 -13.16 -14.54
C LEU A 69 -5.77 -11.84 -15.31
N SER A 70 -6.83 -11.05 -15.15
CA SER A 70 -6.93 -9.77 -15.85
C SER A 70 -6.62 -9.94 -17.32
N ARG A 71 -6.11 -8.87 -17.95
CA ARG A 71 -5.77 -8.92 -19.36
C ARG A 71 -4.45 -9.65 -19.57
N GLY A 72 -3.37 -9.09 -19.04
CA GLY A 72 -2.06 -9.70 -19.18
C GLY A 72 -1.11 -9.21 -18.10
N PRO A 73 0.14 -9.56 -18.20
CA PRO A 73 1.19 -9.15 -17.21
C PRO A 73 1.11 -7.66 -16.89
N ALA A 74 1.26 -7.33 -15.61
CA ALA A 74 1.21 -5.94 -15.19
C ALA A 74 1.84 -5.77 -13.80
N GLN A 1 -18.26 14.00 -24.40
CA GLN A 1 -17.63 12.84 -23.78
C GLN A 1 -16.15 12.78 -24.14
N GLN A 2 -15.79 13.43 -25.25
CA GLN A 2 -14.40 13.45 -25.69
C GLN A 2 -13.46 13.72 -24.53
N GLN A 3 -13.63 14.88 -23.89
CA GLN A 3 -12.79 15.25 -22.76
C GLN A 3 -12.69 14.11 -21.76
N ALA A 4 -13.80 13.39 -21.58
CA ALA A 4 -13.81 12.27 -20.64
C ALA A 4 -12.90 11.14 -21.11
N VAL A 5 -13.27 10.51 -22.22
CA VAL A 5 -12.48 9.41 -22.75
C VAL A 5 -11.05 9.86 -23.02
N LEU A 6 -10.90 11.04 -23.60
CA LEU A 6 -9.57 11.58 -23.90
C LEU A 6 -8.74 11.66 -22.63
N GLU A 7 -9.14 12.55 -21.72
CA GLU A 7 -8.42 12.71 -20.46
C GLU A 7 -8.11 11.35 -19.84
N GLN A 8 -9.12 10.50 -19.79
CA GLN A 8 -8.95 9.16 -19.21
C GLN A 8 -7.86 8.41 -19.96
N GLU A 9 -7.99 8.33 -21.28
CA GLU A 9 -7.01 7.63 -22.11
C GLU A 9 -5.61 8.18 -21.85
N ARG A 10 -5.44 9.49 -22.04
CA ARG A 10 -4.15 10.11 -21.83
C ARG A 10 -3.55 9.65 -20.51
N ARG A 11 -4.33 9.75 -19.43
CA ARG A 11 -3.85 9.33 -18.13
C ARG A 11 -3.37 7.88 -18.18
N ASP A 12 -4.28 6.97 -18.52
CA ASP A 12 -3.93 5.56 -18.61
C ASP A 12 -2.63 5.38 -19.39
N ARG A 13 -2.55 6.05 -20.54
CA ARG A 13 -1.36 5.96 -21.37
C ARG A 13 -0.13 6.47 -20.62
N GLU A 14 -0.24 7.69 -20.10
CA GLU A 14 0.87 8.28 -19.35
C GLU A 14 1.46 7.26 -18.37
N LEU A 15 0.61 6.73 -17.49
CA LEU A 15 1.06 5.75 -16.51
C LEU A 15 1.74 4.57 -17.21
N ALA A 16 0.97 3.86 -18.03
CA ALA A 16 1.50 2.71 -18.76
C ALA A 16 2.80 3.07 -19.47
N LEU A 17 2.88 4.31 -19.95
CA LEU A 17 4.06 4.77 -20.65
C LEU A 17 5.24 4.92 -19.69
N ARG A 18 4.95 5.44 -18.49
CA ARG A 18 5.99 5.63 -17.49
C ARG A 18 6.53 4.28 -17.01
N ILE A 19 5.61 3.36 -16.72
CA ILE A 19 6.00 2.03 -16.26
C ILE A 19 6.63 1.23 -17.40
N ALA A 20 6.21 1.51 -18.62
CA ALA A 20 6.74 0.80 -19.77
C ALA A 20 8.14 1.29 -20.12
N GLN A 21 8.29 2.61 -20.25
CA GLN A 21 9.59 3.18 -20.57
C GLN A 21 10.56 3.00 -19.41
N SER A 22 10.03 3.02 -18.19
CA SER A 22 10.87 2.85 -17.00
C SER A 22 11.30 1.40 -16.86
N GLU A 23 10.33 0.49 -16.84
CA GLU A 23 10.64 -0.94 -16.71
C GLU A 23 11.43 -1.43 -17.91
N ALA A 24 11.23 -0.79 -19.05
CA ALA A 24 11.94 -1.18 -20.27
C ALA A 24 13.38 -0.67 -20.24
N GLU A 25 13.55 0.58 -19.82
CA GLU A 25 14.87 1.17 -19.75
C GLU A 25 15.58 0.78 -18.45
N LEU A 26 14.78 0.48 -17.44
CA LEU A 26 15.34 0.08 -16.14
C LEU A 26 16.46 1.03 -15.72
N ILE A 27 16.18 2.33 -15.77
CA ILE A 27 17.16 3.34 -15.39
C ILE A 27 16.83 3.91 -14.02
N SER A 28 15.53 4.10 -13.76
CA SER A 28 15.09 4.65 -12.48
C SER A 28 15.19 3.59 -11.38
N ASP A 29 16.33 2.91 -11.33
CA ASP A 29 16.54 1.88 -10.32
C ASP A 29 16.07 2.36 -8.95
N GLU A 30 16.06 3.68 -8.77
CA GLU A 30 15.63 4.26 -7.51
C GLU A 30 14.20 3.85 -7.19
N ALA A 31 13.31 4.02 -8.17
CA ALA A 31 11.91 3.66 -7.98
C ALA A 31 11.78 2.19 -7.58
N GLN A 32 12.25 1.31 -8.45
CA GLN A 32 12.18 -0.12 -8.17
C GLN A 32 12.67 -0.42 -6.75
N ALA A 33 13.77 0.22 -6.36
CA ALA A 33 14.33 0.01 -5.03
C ALA A 33 13.36 0.51 -3.96
N ASP A 34 12.80 1.70 -4.18
CA ASP A 34 11.86 2.28 -3.22
C ASP A 34 10.68 1.34 -3.00
N LEU A 35 9.92 1.08 -4.05
CA LEU A 35 8.76 0.20 -3.94
C LEU A 35 9.16 -1.15 -3.37
N ALA A 36 10.32 -1.66 -3.80
CA ALA A 36 10.80 -2.95 -3.32
C ALA A 36 10.98 -2.92 -1.80
N LEU A 37 11.83 -2.00 -1.34
CA LEU A 37 12.09 -1.87 0.09
C LEU A 37 10.82 -1.52 0.84
N ARG A 38 9.99 -0.68 0.22
CA ARG A 38 8.74 -0.26 0.84
C ARG A 38 7.75 -1.41 0.86
N ARG A 39 7.83 -2.29 -0.14
CA ARG A 39 6.93 -3.43 -0.23
C ARG A 39 7.39 -4.53 0.73
N SER A 40 8.70 -4.70 0.86
CA SER A 40 9.24 -5.72 1.75
C SER A 40 9.44 -5.15 3.15
N LEU A 41 8.49 -5.43 4.03
CA LEU A 41 8.58 -4.94 5.41
C LEU A 41 9.67 -5.70 6.17
N ASP A 42 9.82 -6.98 5.85
CA ASP A 42 10.82 -7.80 6.52
C ASP A 42 12.20 -7.54 5.92
N SER A 43 12.37 -6.40 5.27
CA SER A 43 13.64 -6.04 4.66
C SER A 43 14.79 -6.34 5.61
N TYR A 44 14.65 -5.88 6.86
CA TYR A 44 15.69 -6.09 7.86
C TYR A 44 15.65 -7.53 8.36
N PRO A 45 16.77 -8.07 8.79
CA PRO A 45 16.86 -9.46 9.30
C PRO A 45 16.15 -9.62 10.66
N VAL A 46 16.18 -10.83 11.20
CA VAL A 46 15.54 -11.11 12.49
C VAL A 46 16.59 -11.57 13.50
N SER A 47 16.57 -10.94 14.67
CA SER A 47 17.52 -11.29 15.74
C SER A 47 16.78 -11.86 16.94
N LYS A 48 17.22 -13.03 17.41
CA LYS A 48 16.60 -13.66 18.56
C LYS A 48 17.17 -13.11 19.86
N ASN A 49 16.35 -12.36 20.58
CA ASN A 49 16.76 -11.76 21.85
C ASN A 49 18.23 -11.35 21.80
N ASP A 50 18.68 -10.90 20.64
CA ASP A 50 20.06 -10.48 20.48
C ASP A 50 21.02 -11.51 21.04
N GLY A 51 20.49 -12.69 21.35
CA GLY A 51 21.31 -13.77 21.90
C GLY A 51 21.72 -13.47 23.34
N THR A 52 21.62 -12.19 23.72
CA THR A 52 22.00 -11.78 25.07
C THR A 52 20.79 -11.87 26.01
N ARG A 53 20.46 -13.09 26.43
CA ARG A 53 19.34 -13.29 27.33
C ARG A 53 19.79 -13.20 28.78
N PRO A 54 18.96 -12.70 29.66
CA PRO A 54 19.29 -12.55 31.10
C PRO A 54 19.34 -13.89 31.81
N LYS A 55 19.82 -13.88 33.05
CA LYS A 55 19.93 -15.11 33.84
C LYS A 55 20.49 -14.81 35.22
N MET A 56 20.03 -15.58 36.21
CA MET A 56 20.49 -15.39 37.59
C MET A 56 20.93 -16.73 38.18
N THR A 57 22.11 -16.73 38.80
CA THR A 57 22.63 -17.95 39.41
C THR A 57 21.98 -18.20 40.77
N PRO A 58 21.86 -19.43 41.18
CA PRO A 58 21.25 -19.80 42.49
C PRO A 58 21.62 -18.82 43.59
N GLU A 59 22.91 -18.49 43.68
CA GLU A 59 23.38 -17.56 44.70
C GLU A 59 22.60 -16.25 44.64
N GLN A 60 22.47 -15.69 43.44
CA GLN A 60 21.75 -14.44 43.27
C GLN A 60 20.30 -14.58 43.74
N MET A 61 19.53 -15.42 43.05
CA MET A 61 18.13 -15.62 43.40
C MET A 61 18.01 -16.04 44.87
N ALA A 62 18.93 -16.86 45.33
CA ALA A 62 18.92 -17.33 46.71
C ALA A 62 19.16 -16.15 47.66
N LYS A 63 20.31 -15.52 47.52
CA LYS A 63 20.66 -14.37 48.37
C LYS A 63 19.57 -13.30 48.29
N GLU A 64 19.27 -12.85 47.08
CA GLU A 64 18.26 -11.83 46.88
C GLU A 64 16.98 -12.20 47.63
N MET A 65 16.43 -13.35 47.31
CA MET A 65 15.20 -13.81 47.95
C MET A 65 15.37 -13.82 49.47
N SER A 66 16.35 -14.58 49.94
CA SER A 66 16.60 -14.67 51.38
C SER A 66 16.63 -13.28 52.01
N GLU A 67 17.48 -12.41 51.46
CA GLU A 67 17.60 -11.05 51.97
C GLU A 67 16.27 -10.31 51.87
N PHE A 68 15.61 -10.44 50.72
CA PHE A 68 14.33 -9.77 50.52
C PHE A 68 13.30 -10.27 51.53
N LEU A 69 13.00 -11.56 51.46
CA LEU A 69 12.02 -12.15 52.38
C LEU A 69 12.43 -11.90 53.82
N SER A 70 13.72 -12.06 54.10
CA SER A 70 14.24 -11.86 55.45
C SER A 70 14.83 -10.45 55.59
N ARG A 71 14.06 -9.53 56.15
CA ARG A 71 14.52 -8.17 56.34
C ARG A 71 15.59 -8.12 57.43
N GLY A 72 15.33 -8.79 58.54
CA GLY A 72 16.27 -8.81 59.66
C GLY A 72 15.59 -9.29 60.93
N PRO A 73 16.36 -9.51 61.96
CA PRO A 73 15.83 -9.98 63.28
C PRO A 73 15.08 -8.88 64.03
N ALA A 74 13.98 -9.24 64.66
CA ALA A 74 13.17 -8.27 65.40
C ALA A 74 12.78 -7.11 64.51
N GLN A 1 -18.63 13.60 -23.68
CA GLN A 1 -17.86 12.55 -23.00
C GLN A 1 -16.42 12.56 -23.49
N GLN A 2 -16.19 13.16 -24.65
CA GLN A 2 -14.84 13.23 -25.21
C GLN A 2 -13.83 13.58 -24.12
N GLN A 3 -14.00 14.74 -23.52
CA GLN A 3 -13.09 15.18 -22.46
C GLN A 3 -12.83 14.05 -21.47
N ALA A 4 -13.87 13.25 -21.20
CA ALA A 4 -13.75 12.15 -20.25
C ALA A 4 -12.84 11.06 -20.82
N VAL A 5 -13.27 10.42 -21.89
CA VAL A 5 -12.48 9.36 -22.51
C VAL A 5 -11.12 9.89 -22.95
N LEU A 6 -11.06 11.16 -23.30
CA LEU A 6 -9.82 11.78 -23.73
C LEU A 6 -8.82 11.81 -22.57
N GLU A 7 -9.19 12.48 -21.50
CA GLU A 7 -8.32 12.58 -20.33
C GLU A 7 -8.00 11.19 -19.78
N GLN A 8 -8.99 10.32 -19.81
CA GLN A 8 -8.81 8.95 -19.31
C GLN A 8 -7.76 8.22 -20.14
N GLU A 9 -7.83 8.39 -21.45
CA GLU A 9 -6.89 7.74 -22.34
C GLU A 9 -5.48 8.30 -22.14
N ARG A 10 -5.36 9.62 -22.14
CA ARG A 10 -4.07 10.26 -21.94
C ARG A 10 -3.41 9.75 -20.67
N ARG A 11 -4.16 9.76 -19.57
CA ARG A 11 -3.63 9.30 -18.29
C ARG A 11 -3.25 7.82 -18.38
N ASP A 12 -4.23 6.97 -18.65
CA ASP A 12 -3.99 5.54 -18.75
C ASP A 12 -2.67 5.27 -19.49
N ARG A 13 -2.51 5.88 -20.65
CA ARG A 13 -1.30 5.70 -21.44
C ARG A 13 -0.09 6.24 -20.69
N GLU A 14 -0.19 7.48 -20.22
CA GLU A 14 0.90 8.10 -19.49
C GLU A 14 1.30 7.24 -18.29
N LEU A 15 0.37 7.06 -17.36
CA LEU A 15 0.63 6.25 -16.17
C LEU A 15 1.20 4.89 -16.56
N ALA A 16 0.40 4.10 -17.27
CA ALA A 16 0.84 2.78 -17.70
C ALA A 16 2.27 2.82 -18.20
N LEU A 17 2.60 3.86 -18.96
CA LEU A 17 3.94 4.01 -19.49
C LEU A 17 4.93 4.31 -18.37
N ARG A 18 4.48 5.06 -17.37
CA ARG A 18 5.32 5.41 -16.25
C ARG A 18 5.53 4.21 -15.34
N ILE A 19 4.46 3.45 -15.11
CA ILE A 19 4.53 2.27 -14.26
C ILE A 19 5.32 1.16 -14.95
N ALA A 20 5.25 1.13 -16.28
CA ALA A 20 5.97 0.12 -17.05
C ALA A 20 7.46 0.43 -17.10
N GLN A 21 7.79 1.65 -17.52
CA GLN A 21 9.19 2.05 -17.61
C GLN A 21 9.82 2.10 -16.23
N SER A 22 9.03 2.46 -15.22
CA SER A 22 9.52 2.54 -13.85
C SER A 22 9.71 1.14 -13.28
N GLU A 23 8.64 0.36 -13.23
CA GLU A 23 8.72 -1.00 -12.69
C GLU A 23 9.72 -1.83 -13.48
N ALA A 24 9.91 -1.49 -14.75
CA ALA A 24 10.85 -2.21 -15.60
C ALA A 24 12.28 -1.78 -15.30
N GLU A 25 12.49 -0.47 -15.17
CA GLU A 25 13.82 0.04 -14.88
C GLU A 25 14.14 -0.08 -13.39
N LEU A 26 13.10 -0.20 -12.58
CA LEU A 26 13.28 -0.32 -11.14
C LEU A 26 14.23 0.75 -10.61
N ILE A 27 14.29 1.87 -11.33
CA ILE A 27 15.16 2.97 -10.91
C ILE A 27 14.50 3.79 -9.81
N SER A 28 13.22 4.08 -9.97
CA SER A 28 12.48 4.85 -8.98
C SER A 28 12.24 4.01 -7.73
N ASP A 29 13.30 3.77 -6.98
CA ASP A 29 13.19 2.98 -5.76
C ASP A 29 12.53 3.79 -4.65
N GLU A 30 12.69 5.11 -4.72
CA GLU A 30 12.11 6.00 -3.72
C GLU A 30 10.58 5.84 -3.69
N ALA A 31 9.98 5.74 -4.88
CA ALA A 31 8.54 5.57 -4.98
C ALA A 31 8.09 4.30 -4.28
N GLN A 32 8.69 3.17 -4.67
CA GLN A 32 8.35 1.89 -4.07
C GLN A 32 8.47 1.95 -2.55
N ALA A 33 9.55 2.56 -2.08
CA ALA A 33 9.78 2.68 -0.65
C ALA A 33 8.66 3.49 0.01
N ASP A 34 8.29 4.59 -0.62
CA ASP A 34 7.23 5.44 -0.09
C ASP A 34 5.90 4.71 -0.08
N LEU A 35 5.54 4.12 -1.23
CA LEU A 35 4.29 3.39 -1.33
C LEU A 35 4.27 2.24 -0.32
N ALA A 36 5.44 1.68 -0.04
CA ALA A 36 5.55 0.57 0.90
C ALA A 36 5.36 1.06 2.33
N LEU A 37 5.92 2.22 2.65
CA LEU A 37 5.79 2.77 4.00
C LEU A 37 4.55 3.63 4.12
N ARG A 38 4.03 4.08 2.98
CA ARG A 38 2.82 4.91 2.97
C ARG A 38 1.58 4.05 3.09
N ARG A 39 1.56 2.93 2.36
CA ARG A 39 0.40 2.03 2.40
C ARG A 39 0.16 1.53 3.81
N SER A 40 1.13 1.74 4.69
CA SER A 40 1.01 1.30 6.07
C SER A 40 0.20 2.30 6.89
N LEU A 41 -0.89 1.82 7.48
CA LEU A 41 -1.76 2.68 8.27
C LEU A 41 -1.21 2.83 9.69
N ASP A 42 -0.68 1.73 10.23
CA ASP A 42 -0.11 1.74 11.58
C ASP A 42 1.20 2.50 11.60
N SER A 43 1.47 3.25 10.54
CA SER A 43 2.70 4.03 10.45
C SER A 43 2.53 5.40 11.10
N TYR A 44 1.35 6.00 10.92
CA TYR A 44 1.08 7.30 11.50
C TYR A 44 1.04 7.20 13.03
N PRO A 45 1.37 8.27 13.72
CA PRO A 45 1.36 8.29 15.21
C PRO A 45 0.11 7.62 15.78
N VAL A 46 0.33 6.57 16.55
CA VAL A 46 -0.78 5.83 17.15
C VAL A 46 -1.33 6.60 18.35
N SER A 47 -2.66 6.60 18.48
CA SER A 47 -3.31 7.30 19.59
C SER A 47 -4.32 6.39 20.28
N LYS A 48 -4.26 6.35 21.61
CA LYS A 48 -5.18 5.52 22.37
C LYS A 48 -6.52 6.22 22.55
N ASN A 49 -7.59 5.44 22.61
CA ASN A 49 -8.93 6.00 22.78
C ASN A 49 -9.94 4.89 23.06
N ASP A 50 -9.52 3.91 23.84
CA ASP A 50 -10.40 2.79 24.19
C ASP A 50 -11.03 2.19 22.93
N GLY A 51 -10.56 2.63 21.77
CA GLY A 51 -11.07 2.13 20.50
C GLY A 51 -12.54 2.50 20.32
N THR A 52 -13.13 3.09 21.36
CA THR A 52 -14.53 3.48 21.31
C THR A 52 -15.37 2.42 20.62
N ARG A 53 -15.24 1.20 21.10
CA ARG A 53 -15.99 0.08 20.52
C ARG A 53 -17.40 0.01 21.12
N PRO A 54 -18.37 -0.40 20.36
CA PRO A 54 -19.78 -0.50 20.83
C PRO A 54 -19.95 -1.62 21.87
N LYS A 55 -21.18 -1.78 22.36
CA LYS A 55 -21.45 -2.80 23.37
C LYS A 55 -22.93 -3.21 23.31
N MET A 56 -23.27 -4.27 24.05
CA MET A 56 -24.65 -4.74 24.08
C MET A 56 -25.48 -3.92 25.05
N THR A 57 -26.43 -3.15 24.50
CA THR A 57 -27.29 -2.31 25.33
C THR A 57 -28.40 -3.15 25.96
N PRO A 58 -28.85 -2.78 27.14
CA PRO A 58 -29.93 -3.53 27.85
C PRO A 58 -31.01 -4.02 26.89
N GLU A 59 -31.37 -3.17 25.93
CA GLU A 59 -32.40 -3.54 24.96
C GLU A 59 -31.96 -4.73 24.13
N GLN A 60 -30.72 -4.71 23.68
CA GLN A 60 -30.18 -5.81 22.87
C GLN A 60 -30.27 -7.12 23.63
N MET A 61 -29.49 -7.23 24.71
CA MET A 61 -29.49 -8.45 25.52
C MET A 61 -30.91 -8.83 25.91
N ALA A 62 -31.73 -7.82 26.23
CA ALA A 62 -33.11 -8.07 26.61
C ALA A 62 -33.87 -8.74 25.48
N LYS A 63 -33.90 -8.08 24.32
CA LYS A 63 -34.61 -8.62 23.16
C LYS A 63 -34.04 -9.99 22.80
N GLU A 64 -32.72 -10.08 22.72
CA GLU A 64 -32.08 -11.35 22.37
C GLU A 64 -32.61 -12.48 23.25
N MET A 65 -32.61 -12.25 24.56
CA MET A 65 -33.09 -13.26 25.49
C MET A 65 -34.55 -13.59 25.21
N SER A 66 -35.42 -12.61 25.35
CA SER A 66 -36.85 -12.80 25.11
C SER A 66 -37.06 -13.55 23.79
N GLU A 67 -36.15 -13.34 22.85
CA GLU A 67 -36.25 -14.01 21.55
C GLU A 67 -35.81 -15.46 21.65
N PHE A 68 -34.73 -15.70 22.38
CA PHE A 68 -34.21 -17.05 22.55
C PHE A 68 -35.13 -17.86 23.46
N LEU A 69 -35.42 -17.33 24.64
CA LEU A 69 -36.29 -18.01 25.59
C LEU A 69 -37.68 -18.19 25.00
N SER A 70 -37.92 -17.56 23.86
CA SER A 70 -39.22 -17.65 23.21
C SER A 70 -39.67 -19.10 23.08
N ARG A 71 -40.81 -19.32 22.46
CA ARG A 71 -41.34 -20.67 22.26
C ARG A 71 -41.89 -20.85 20.86
N GLY A 72 -41.12 -21.52 20.00
CA GLY A 72 -41.55 -21.75 18.63
C GLY A 72 -40.36 -22.01 17.73
N PRO A 73 -39.55 -21.00 17.51
CA PRO A 73 -38.35 -21.11 16.64
C PRO A 73 -37.22 -21.89 17.32
N ALA A 74 -36.11 -22.07 16.61
CA ALA A 74 -34.97 -22.80 17.14
C ALA A 74 -35.42 -24.12 17.74
N GLN A 1 -18.75 13.26 -22.95
CA GLN A 1 -17.93 12.17 -22.44
C GLN A 1 -16.52 12.28 -22.98
N GLN A 2 -16.35 13.00 -24.09
CA GLN A 2 -15.05 13.18 -24.70
C GLN A 2 -13.99 13.46 -23.64
N GLN A 3 -14.19 14.55 -22.90
CA GLN A 3 -13.25 14.92 -21.85
C GLN A 3 -12.89 13.71 -20.99
N ALA A 4 -13.88 12.85 -20.75
CA ALA A 4 -13.67 11.66 -19.93
C ALA A 4 -12.76 10.67 -20.65
N VAL A 5 -13.22 10.13 -21.77
CA VAL A 5 -12.43 9.17 -22.54
C VAL A 5 -11.11 9.79 -22.97
N LEU A 6 -11.11 11.10 -23.16
CA LEU A 6 -9.90 11.80 -23.58
C LEU A 6 -8.86 11.80 -22.46
N GLU A 7 -9.16 12.55 -21.39
CA GLU A 7 -8.23 12.63 -20.26
C GLU A 7 -7.93 11.23 -19.73
N GLN A 8 -8.88 10.32 -19.85
CA GLN A 8 -8.70 8.95 -19.38
C GLN A 8 -7.65 8.24 -20.23
N GLU A 9 -7.78 8.36 -21.55
CA GLU A 9 -6.84 7.72 -22.46
C GLU A 9 -5.44 8.31 -22.28
N ARG A 10 -5.37 9.64 -22.21
CA ARG A 10 -4.09 10.32 -22.03
C ARG A 10 -3.40 9.84 -20.76
N ARG A 11 -4.14 9.89 -19.65
CA ARG A 11 -3.58 9.46 -18.38
C ARG A 11 -3.24 7.97 -18.41
N ASP A 12 -4.24 7.14 -18.67
CA ASP A 12 -4.04 5.70 -18.75
C ASP A 12 -2.73 5.38 -19.47
N ARG A 13 -2.57 5.92 -20.66
CA ARG A 13 -1.37 5.69 -21.44
C ARG A 13 -0.13 6.16 -20.69
N GLU A 14 -0.18 7.40 -20.21
CA GLU A 14 0.95 7.97 -19.46
C GLU A 14 1.27 7.10 -18.25
N LEU A 15 0.33 7.03 -17.31
CA LEU A 15 0.53 6.24 -16.11
C LEU A 15 0.95 4.82 -16.47
N ALA A 16 0.10 4.11 -17.20
CA ALA A 16 0.40 2.74 -17.61
C ALA A 16 1.83 2.63 -18.10
N LEU A 17 2.28 3.64 -18.84
CA LEU A 17 3.63 3.65 -19.38
C LEU A 17 4.64 3.87 -18.26
N ARG A 18 4.26 4.69 -17.29
CA ARG A 18 5.15 4.98 -16.16
C ARG A 18 5.32 3.74 -15.29
N ILE A 19 4.22 3.05 -15.01
CA ILE A 19 4.27 1.84 -14.19
C ILE A 19 4.96 0.71 -14.94
N ALA A 20 4.71 0.63 -16.24
CA ALA A 20 5.32 -0.42 -17.06
C ALA A 20 6.84 -0.25 -17.09
N GLN A 21 7.29 0.97 -17.37
CA GLN A 21 8.72 1.25 -17.42
C GLN A 21 9.34 1.13 -16.03
N SER A 22 8.59 1.56 -15.02
CA SER A 22 9.07 1.50 -13.65
C SER A 22 9.14 0.05 -13.16
N GLU A 23 8.00 -0.63 -13.19
CA GLU A 23 7.94 -2.02 -12.74
C GLU A 23 8.91 -2.87 -13.56
N ALA A 24 9.05 -2.55 -14.84
CA ALA A 24 9.95 -3.29 -15.70
C ALA A 24 11.41 -2.97 -15.35
N GLU A 25 11.66 -1.71 -15.01
CA GLU A 25 13.01 -1.29 -14.65
C GLU A 25 13.32 -1.65 -13.19
N LEU A 26 12.27 -1.78 -12.39
CA LEU A 26 12.44 -2.13 -10.98
C LEU A 26 13.40 -1.16 -10.31
N ILE A 27 13.54 0.04 -10.87
CA ILE A 27 14.43 1.05 -10.32
C ILE A 27 13.68 1.88 -9.27
N SER A 28 12.45 2.24 -9.57
CA SER A 28 11.65 3.04 -8.65
C SER A 28 11.09 2.17 -7.52
N ASP A 29 11.99 1.50 -6.82
CA ASP A 29 11.59 0.64 -5.70
C ASP A 29 11.03 1.48 -4.55
N GLU A 30 11.46 2.74 -4.50
CA GLU A 30 11.00 3.63 -3.44
C GLU A 30 9.48 3.75 -3.45
N ALA A 31 8.91 3.84 -4.65
CA ALA A 31 7.46 3.96 -4.78
C ALA A 31 6.78 2.70 -4.26
N GLN A 32 7.28 1.54 -4.67
CA GLN A 32 6.71 0.27 -4.25
C GLN A 32 6.69 0.18 -2.73
N ALA A 33 7.83 0.44 -2.09
CA ALA A 33 7.92 0.39 -0.65
C ALA A 33 6.96 1.38 0.00
N ASP A 34 6.87 2.58 -0.59
CA ASP A 34 5.98 3.61 -0.08
C ASP A 34 4.53 3.14 -0.10
N LEU A 35 4.00 2.96 -1.31
CA LEU A 35 2.63 2.50 -1.47
C LEU A 35 2.34 1.30 -0.57
N ALA A 36 3.31 0.40 -0.48
CA ALA A 36 3.16 -0.78 0.36
C ALA A 36 2.95 -0.40 1.81
N LEU A 37 3.78 0.51 2.31
CA LEU A 37 3.68 0.97 3.70
C LEU A 37 2.39 1.75 3.90
N ARG A 38 1.98 2.49 2.88
CA ARG A 38 0.76 3.29 2.95
C ARG A 38 -0.47 2.41 2.82
N ARG A 39 -0.36 1.36 2.00
CA ARG A 39 -1.47 0.44 1.78
C ARG A 39 -1.54 -0.56 2.92
N SER A 40 -0.46 -0.67 3.69
CA SER A 40 -0.41 -1.60 4.81
C SER A 40 -1.43 -1.21 5.87
N LEU A 41 -1.93 -2.19 6.60
CA LEU A 41 -2.91 -1.94 7.66
C LEU A 41 -2.26 -1.17 8.80
N ASP A 42 -0.94 -1.13 8.82
CA ASP A 42 -0.21 -0.44 9.87
C ASP A 42 -0.38 1.07 9.73
N SER A 43 -0.63 1.53 8.51
CA SER A 43 -0.81 2.95 8.25
C SER A 43 -2.28 3.34 8.45
N TYR A 44 -2.66 3.53 9.71
CA TYR A 44 -4.03 3.91 10.04
C TYR A 44 -4.35 5.27 9.43
N PRO A 45 -5.60 5.50 9.06
CA PRO A 45 -6.02 6.80 8.47
C PRO A 45 -5.41 7.98 9.19
N VAL A 46 -4.64 8.78 8.46
CA VAL A 46 -3.98 9.96 9.03
C VAL A 46 -4.66 11.23 8.55
N SER A 47 -4.56 12.29 9.34
CA SER A 47 -5.17 13.57 8.99
C SER A 47 -4.28 14.34 8.03
N LYS A 48 -4.69 14.42 6.77
CA LYS A 48 -3.92 15.14 5.76
C LYS A 48 -4.56 16.48 5.45
N ASN A 49 -3.75 17.53 5.41
CA ASN A 49 -4.25 18.87 5.11
C ASN A 49 -4.43 19.05 3.61
N ASP A 50 -5.67 18.85 3.15
CA ASP A 50 -5.97 19.00 1.72
C ASP A 50 -4.90 18.32 0.87
N GLY A 51 -4.32 17.24 1.41
CA GLY A 51 -3.29 16.50 0.70
C GLY A 51 -1.91 16.84 1.24
N THR A 52 -1.87 17.35 2.46
CA THR A 52 -0.61 17.73 3.10
C THR A 52 0.31 18.41 2.10
N ARG A 53 -0.26 19.31 1.28
CA ARG A 53 0.53 20.03 0.30
C ARG A 53 1.03 21.36 0.86
N PRO A 54 2.17 21.81 0.44
CA PRO A 54 2.76 23.10 0.92
C PRO A 54 1.95 24.31 0.45
N LYS A 55 2.41 25.50 0.81
CA LYS A 55 1.71 26.73 0.42
C LYS A 55 2.72 27.85 0.20
N MET A 56 2.63 28.50 -0.96
CA MET A 56 3.53 29.60 -1.29
C MET A 56 2.84 30.95 -1.07
N THR A 57 3.59 31.93 -0.59
CA THR A 57 3.03 33.25 -0.34
C THR A 57 3.05 34.10 -1.63
N PRO A 58 2.11 34.98 -1.78
CA PRO A 58 2.02 35.86 -2.99
C PRO A 58 3.41 36.34 -3.45
N GLU A 59 4.25 36.68 -2.49
CA GLU A 59 5.60 37.15 -2.81
C GLU A 59 6.41 36.06 -3.50
N GLN A 60 6.30 34.84 -3.00
CA GLN A 60 7.03 33.71 -3.58
C GLN A 60 6.61 33.50 -5.03
N MET A 61 5.37 33.08 -5.24
CA MET A 61 4.87 32.84 -6.58
C MET A 61 5.09 34.06 -7.47
N ALA A 62 4.96 35.24 -6.88
CA ALA A 62 5.15 36.48 -7.63
C ALA A 62 6.55 36.55 -8.21
N LYS A 63 7.55 36.47 -7.33
CA LYS A 63 8.94 36.53 -7.77
C LYS A 63 9.25 35.38 -8.74
N GLU A 64 8.91 34.16 -8.34
CA GLU A 64 9.15 32.99 -9.17
C GLU A 64 8.66 33.25 -10.60
N MET A 65 7.42 33.73 -10.71
CA MET A 65 6.84 34.02 -12.03
C MET A 65 7.68 35.05 -12.77
N SER A 66 7.84 36.22 -12.15
CA SER A 66 8.61 37.29 -12.75
C SER A 66 10.00 36.80 -13.13
N GLU A 67 10.48 35.79 -12.43
CA GLU A 67 11.80 35.23 -12.69
C GLU A 67 11.73 34.21 -13.83
N PHE A 68 10.64 33.45 -13.86
CA PHE A 68 10.46 32.43 -14.90
C PHE A 68 10.07 33.09 -16.22
N LEU A 69 9.01 33.91 -16.18
CA LEU A 69 8.54 34.59 -17.38
C LEU A 69 9.69 35.34 -18.05
N SER A 70 10.60 35.86 -17.23
CA SER A 70 11.74 36.60 -17.75
C SER A 70 12.77 35.66 -18.36
N ARG A 71 12.54 35.25 -19.60
CA ARG A 71 13.46 34.34 -20.28
C ARG A 71 14.69 35.10 -20.76
N GLY A 72 14.48 36.30 -21.28
CA GLY A 72 15.59 37.11 -21.78
C GLY A 72 16.19 36.51 -23.05
N PRO A 73 15.44 36.54 -24.12
CA PRO A 73 15.90 35.99 -25.43
C PRO A 73 17.32 36.43 -25.78
N ALA A 74 18.26 35.48 -25.74
CA ALA A 74 19.65 35.78 -26.06
C ALA A 74 19.77 36.34 -27.47
N GLN A 1 -18.45 14.05 -23.37
CA GLN A 1 -17.84 12.79 -22.99
C GLN A 1 -16.40 12.73 -23.50
N GLN A 2 -16.11 13.48 -24.55
CA GLN A 2 -14.77 13.50 -25.13
C GLN A 2 -13.73 13.74 -24.04
N GLN A 3 -13.84 14.87 -23.36
CA GLN A 3 -12.90 15.21 -22.30
C GLN A 3 -12.73 14.04 -21.34
N ALA A 4 -13.82 13.29 -21.13
CA ALA A 4 -13.79 12.15 -20.22
C ALA A 4 -12.88 11.05 -20.77
N VAL A 5 -13.29 10.46 -21.89
CA VAL A 5 -12.51 9.39 -22.50
C VAL A 5 -11.12 9.89 -22.88
N LEU A 6 -11.06 11.07 -23.47
CA LEU A 6 -9.78 11.65 -23.87
C LEU A 6 -8.82 11.70 -22.68
N GLU A 7 -9.23 12.42 -21.64
CA GLU A 7 -8.40 12.55 -20.44
C GLU A 7 -8.05 11.17 -19.89
N GLN A 8 -9.05 10.30 -19.80
CA GLN A 8 -8.84 8.96 -19.28
C GLN A 8 -7.77 8.23 -20.10
N GLU A 9 -7.84 8.37 -21.41
CA GLU A 9 -6.88 7.72 -22.28
C GLU A 9 -5.49 8.31 -22.07
N ARG A 10 -5.38 9.63 -22.15
CA ARG A 10 -4.11 10.31 -21.96
C ARG A 10 -3.45 9.84 -20.66
N ARG A 11 -4.21 9.89 -19.57
CA ARG A 11 -3.68 9.46 -18.28
C ARG A 11 -3.29 7.99 -18.31
N ASP A 12 -4.26 7.13 -18.58
CA ASP A 12 -4.00 5.69 -18.63
C ASP A 12 -2.72 5.42 -19.41
N ARG A 13 -2.57 6.08 -20.56
CA ARG A 13 -1.39 5.90 -21.37
C ARG A 13 -0.13 6.33 -20.62
N GLU A 14 -0.16 7.55 -20.10
CA GLU A 14 0.98 8.08 -19.35
C GLU A 14 1.43 7.08 -18.29
N LEU A 15 0.56 6.80 -17.33
CA LEU A 15 0.88 5.85 -16.27
C LEU A 15 1.38 4.54 -16.87
N ALA A 16 0.52 3.85 -17.60
CA ALA A 16 0.90 2.58 -18.22
C ALA A 16 2.30 2.67 -18.81
N LEU A 17 2.61 3.81 -19.41
CA LEU A 17 3.93 4.00 -20.02
C LEU A 17 5.00 4.03 -18.94
N ARG A 18 4.71 4.71 -17.83
CA ARG A 18 5.66 4.80 -16.73
C ARG A 18 5.91 3.42 -16.12
N ILE A 19 4.84 2.66 -15.92
CA ILE A 19 4.96 1.33 -15.35
C ILE A 19 5.72 0.41 -16.30
N ALA A 20 5.48 0.57 -17.60
CA ALA A 20 6.16 -0.25 -18.59
C ALA A 20 7.66 0.00 -18.56
N GLN A 21 8.04 1.27 -18.65
CA GLN A 21 9.45 1.63 -18.62
C GLN A 21 10.08 1.27 -17.28
N SER A 22 9.28 1.35 -16.22
CA SER A 22 9.77 1.03 -14.88
C SER A 22 9.91 -0.48 -14.72
N GLU A 23 8.80 -1.19 -14.88
CA GLU A 23 8.83 -2.65 -14.74
C GLU A 23 9.80 -3.27 -15.73
N ALA A 24 10.03 -2.57 -16.84
CA ALA A 24 10.95 -3.07 -17.87
C ALA A 24 12.39 -2.76 -17.50
N GLU A 25 12.61 -1.56 -16.96
CA GLU A 25 13.95 -1.16 -16.56
C GLU A 25 14.34 -1.79 -15.23
N LEU A 26 13.34 -2.15 -14.43
CA LEU A 26 13.59 -2.77 -13.14
C LEU A 26 14.69 -2.02 -12.39
N ILE A 27 14.39 -0.78 -12.00
CA ILE A 27 15.36 0.05 -11.27
C ILE A 27 14.78 0.45 -9.92
N SER A 28 13.51 0.83 -9.92
CA SER A 28 12.85 1.24 -8.68
C SER A 28 12.56 0.04 -7.80
N ASP A 29 13.55 -0.85 -7.67
CA ASP A 29 13.40 -2.04 -6.84
C ASP A 29 12.77 -1.68 -5.50
N GLU A 30 12.96 -0.45 -5.08
CA GLU A 30 12.41 0.01 -3.80
C GLU A 30 10.89 -0.15 -3.80
N ALA A 31 10.27 0.11 -4.95
CA ALA A 31 8.82 0.00 -5.06
C ALA A 31 8.38 -1.44 -4.88
N GLN A 32 8.98 -2.35 -5.66
CA GLN A 32 8.64 -3.76 -5.57
C GLN A 32 8.84 -4.28 -4.15
N ALA A 33 10.02 -4.01 -3.60
CA ALA A 33 10.32 -4.47 -2.24
C ALA A 33 9.27 -3.96 -1.26
N ASP A 34 9.00 -2.67 -1.30
CA ASP A 34 8.01 -2.07 -0.42
C ASP A 34 6.65 -2.75 -0.59
N LEU A 35 6.14 -2.70 -1.82
CA LEU A 35 4.85 -3.31 -2.11
C LEU A 35 4.79 -4.74 -1.58
N ALA A 36 5.87 -5.48 -1.80
CA ALA A 36 5.95 -6.86 -1.34
C ALA A 36 5.96 -6.92 0.18
N LEU A 37 6.88 -6.19 0.79
CA LEU A 37 6.99 -6.17 2.24
C LEU A 37 5.67 -5.77 2.88
N ARG A 38 4.92 -4.91 2.19
CA ARG A 38 3.64 -4.46 2.69
C ARG A 38 2.55 -5.48 2.40
N ARG A 39 2.61 -6.08 1.22
CA ARG A 39 1.63 -7.08 0.83
C ARG A 39 1.97 -8.43 1.47
N SER A 40 3.20 -8.55 1.96
CA SER A 40 3.64 -9.79 2.59
C SER A 40 2.68 -10.20 3.70
N LEU A 41 3.11 -11.14 4.54
CA LEU A 41 2.28 -11.61 5.64
C LEU A 41 1.89 -10.44 6.54
N ASP A 42 2.55 -9.31 6.35
CA ASP A 42 2.26 -8.13 7.16
C ASP A 42 0.98 -7.45 6.68
N SER A 43 0.14 -8.20 5.99
CA SER A 43 -1.11 -7.66 5.46
C SER A 43 -2.18 -7.64 6.56
N TYR A 44 -1.76 -7.89 7.80
CA TYR A 44 -2.69 -7.90 8.92
C TYR A 44 -3.26 -6.50 9.14
N PRO A 45 -4.41 -6.41 9.76
CA PRO A 45 -5.07 -5.10 10.04
C PRO A 45 -4.32 -4.30 11.10
N VAL A 46 -4.83 -3.11 11.41
CA VAL A 46 -4.21 -2.25 12.41
C VAL A 46 -5.03 -2.22 13.68
N SER A 47 -4.39 -2.51 14.82
CA SER A 47 -5.08 -2.51 16.10
C SER A 47 -4.98 -1.14 16.76
N LYS A 48 -6.10 -0.70 17.34
CA LYS A 48 -6.14 0.60 18.01
C LYS A 48 -6.80 0.48 19.37
N ASN A 49 -6.01 0.63 20.43
CA ASN A 49 -6.54 0.53 21.78
C ASN A 49 -5.44 0.87 22.80
N ASP A 50 -5.10 2.15 22.90
CA ASP A 50 -4.08 2.58 23.85
C ASP A 50 -4.24 4.07 24.17
N GLY A 51 -5.44 4.44 24.61
CA GLY A 51 -5.71 5.84 24.95
C GLY A 51 -5.91 6.68 23.69
N THR A 52 -6.38 6.05 22.62
CA THR A 52 -6.62 6.75 21.36
C THR A 52 -8.06 6.56 20.90
N ARG A 53 -8.84 7.63 21.02
CA ARG A 53 -10.25 7.59 20.61
C ARG A 53 -10.48 8.55 19.44
N PRO A 54 -11.44 8.25 18.59
CA PRO A 54 -11.77 9.11 17.43
C PRO A 54 -12.39 10.44 17.84
N LYS A 55 -12.71 11.28 16.86
CA LYS A 55 -13.31 12.58 17.15
C LYS A 55 -13.77 13.25 15.85
N MET A 56 -15.08 13.40 15.71
CA MET A 56 -15.65 14.02 14.52
C MET A 56 -15.58 15.55 14.62
N THR A 57 -15.37 16.21 13.49
CA THR A 57 -15.28 17.66 13.46
C THR A 57 -16.60 18.25 12.94
N PRO A 58 -16.95 19.44 13.38
CA PRO A 58 -18.20 20.12 12.95
C PRO A 58 -18.49 19.90 11.46
N GLU A 59 -17.43 19.89 10.66
CA GLU A 59 -17.58 19.69 9.21
C GLU A 59 -18.08 18.28 8.92
N GLN A 60 -17.57 17.30 9.66
CA GLN A 60 -17.96 15.91 9.46
C GLN A 60 -19.48 15.77 9.62
N MET A 61 -19.98 16.16 10.79
CA MET A 61 -21.41 16.06 11.05
C MET A 61 -22.19 16.94 10.08
N ALA A 62 -21.83 18.22 10.01
CA ALA A 62 -22.50 19.15 9.12
C ALA A 62 -22.60 18.56 7.71
N LYS A 63 -21.46 18.17 7.16
CA LYS A 63 -21.43 17.58 5.82
C LYS A 63 -22.41 16.43 5.72
N GLU A 64 -22.30 15.49 6.65
CA GLU A 64 -23.18 14.32 6.65
C GLU A 64 -24.64 14.76 6.66
N MET A 65 -24.98 15.64 7.60
CA MET A 65 -26.35 16.14 7.70
C MET A 65 -26.82 16.72 6.37
N SER A 66 -26.16 17.78 5.93
CA SER A 66 -26.51 18.42 4.67
C SER A 66 -26.54 17.39 3.53
N GLU A 67 -25.53 16.54 3.48
CA GLU A 67 -25.45 15.51 2.46
C GLU A 67 -26.66 14.59 2.52
N PHE A 68 -27.17 14.37 3.73
CA PHE A 68 -28.33 13.50 3.91
C PHE A 68 -29.62 14.25 3.61
N LEU A 69 -29.79 15.40 4.25
CA LEU A 69 -30.98 16.22 4.06
C LEU A 69 -31.01 16.78 2.64
N SER A 70 -29.88 16.68 1.94
CA SER A 70 -29.79 17.19 0.58
C SER A 70 -28.60 16.55 -0.16
N ARG A 71 -28.78 16.32 -1.45
CA ARG A 71 -27.72 15.72 -2.25
C ARG A 71 -26.67 16.76 -2.63
N GLY A 72 -27.11 17.81 -3.34
CA GLY A 72 -26.20 18.86 -3.76
C GLY A 72 -25.85 19.78 -2.59
N PRO A 73 -24.90 20.65 -2.78
CA PRO A 73 -24.44 21.60 -1.72
C PRO A 73 -25.46 22.71 -1.48
N ALA A 74 -26.71 22.47 -1.88
CA ALA A 74 -27.76 23.46 -1.70
C ALA A 74 -29.13 22.82 -1.92
N GLN A 1 -18.44 14.27 -23.14
CA GLN A 1 -17.81 13.01 -22.76
C GLN A 1 -16.39 12.94 -23.33
N GLN A 2 -16.14 13.68 -24.40
CA GLN A 2 -14.83 13.68 -25.02
C GLN A 2 -13.74 13.91 -23.98
N GLN A 3 -13.80 15.03 -23.29
CA GLN A 3 -12.81 15.35 -22.26
C GLN A 3 -12.65 14.18 -21.29
N ALA A 4 -13.75 13.48 -21.04
CA ALA A 4 -13.72 12.35 -20.12
C ALA A 4 -12.89 11.20 -20.70
N VAL A 5 -13.38 10.60 -21.77
CA VAL A 5 -12.67 9.49 -22.41
C VAL A 5 -11.28 9.92 -22.84
N LEU A 6 -11.17 11.11 -23.43
CA LEU A 6 -9.88 11.61 -23.88
C LEU A 6 -8.89 11.65 -22.72
N GLU A 7 -9.24 12.41 -21.68
CA GLU A 7 -8.36 12.52 -20.52
C GLU A 7 -8.02 11.15 -19.98
N GLN A 8 -9.03 10.30 -19.80
CA GLN A 8 -8.82 8.96 -19.29
C GLN A 8 -7.74 8.24 -20.10
N GLU A 9 -7.80 8.39 -21.41
CA GLU A 9 -6.83 7.76 -22.29
C GLU A 9 -5.44 8.36 -22.07
N ARG A 10 -5.36 9.68 -22.03
CA ARG A 10 -4.09 10.35 -21.82
C ARG A 10 -3.38 9.79 -20.59
N ARG A 11 -4.07 9.82 -19.46
CA ARG A 11 -3.49 9.31 -18.22
C ARG A 11 -3.17 7.82 -18.36
N ASP A 12 -4.19 7.02 -18.69
CA ASP A 12 -4.00 5.58 -18.85
C ASP A 12 -2.69 5.29 -19.57
N ARG A 13 -2.45 6.00 -20.67
CA ARG A 13 -1.24 5.80 -21.44
C ARG A 13 -0.02 6.27 -20.65
N GLU A 14 -0.08 7.51 -20.17
CA GLU A 14 1.03 8.08 -19.40
C GLU A 14 1.38 7.18 -18.23
N LEU A 15 0.39 6.96 -17.36
CA LEU A 15 0.61 6.11 -16.19
C LEU A 15 1.10 4.73 -16.61
N ALA A 16 0.29 4.02 -17.38
CA ALA A 16 0.65 2.69 -17.85
C ALA A 16 2.11 2.67 -18.31
N LEU A 17 2.53 3.74 -18.97
CA LEU A 17 3.90 3.83 -19.46
C LEU A 17 4.88 3.95 -18.30
N ARG A 18 4.54 4.78 -17.32
CA ARG A 18 5.39 4.97 -16.16
C ARG A 18 5.58 3.65 -15.42
N ILE A 19 4.48 3.00 -15.07
CA ILE A 19 4.55 1.74 -14.37
C ILE A 19 5.33 0.71 -15.17
N ALA A 20 5.02 0.63 -16.47
CA ALA A 20 5.70 -0.32 -17.35
C ALA A 20 7.21 -0.15 -17.26
N GLN A 21 7.68 1.05 -17.56
CA GLN A 21 9.11 1.33 -17.54
C GLN A 21 9.66 1.25 -16.11
N SER A 22 8.79 1.39 -15.13
CA SER A 22 9.21 1.33 -13.73
C SER A 22 9.63 -0.10 -13.39
N GLU A 23 8.70 -1.03 -13.52
CA GLU A 23 8.98 -2.42 -13.24
C GLU A 23 10.08 -2.93 -14.16
N ALA A 24 10.01 -2.51 -15.42
CA ALA A 24 11.00 -2.93 -16.40
C ALA A 24 12.39 -2.46 -16.00
N GLU A 25 12.47 -1.25 -15.45
CA GLU A 25 13.75 -0.70 -15.02
C GLU A 25 14.11 -1.16 -13.61
N LEU A 26 13.11 -1.62 -12.87
CA LEU A 26 13.34 -2.09 -11.51
C LEU A 26 14.11 -1.04 -10.71
N ILE A 27 13.45 0.08 -10.45
CA ILE A 27 14.08 1.16 -9.69
C ILE A 27 13.16 1.64 -8.57
N SER A 28 11.92 1.95 -8.93
CA SER A 28 10.93 2.40 -7.97
C SER A 28 11.58 3.08 -6.76
N ASP A 29 12.31 4.16 -7.03
CA ASP A 29 12.99 4.89 -5.97
C ASP A 29 12.06 5.12 -4.78
N GLU A 30 10.80 5.40 -5.09
CA GLU A 30 9.81 5.64 -4.05
C GLU A 30 9.89 4.56 -2.97
N ALA A 31 9.87 3.30 -3.38
CA ALA A 31 9.95 2.19 -2.44
C ALA A 31 11.17 2.33 -1.55
N GLN A 32 12.34 2.47 -2.18
CA GLN A 32 13.58 2.62 -1.43
C GLN A 32 13.47 3.73 -0.39
N ALA A 33 12.88 4.84 -0.80
CA ALA A 33 12.71 5.98 0.10
C ALA A 33 11.84 5.59 1.29
N ASP A 34 10.68 5.01 1.01
CA ASP A 34 9.78 4.60 2.07
C ASP A 34 10.48 3.69 3.07
N LEU A 35 10.99 2.56 2.57
CA LEU A 35 11.69 1.60 3.42
C LEU A 35 12.78 2.31 4.22
N ALA A 36 13.50 3.22 3.57
CA ALA A 36 14.57 3.95 4.23
C ALA A 36 14.04 4.72 5.42
N LEU A 37 13.07 5.61 5.16
CA LEU A 37 12.48 6.41 6.24
C LEU A 37 12.01 5.52 7.38
N ARG A 38 11.47 4.35 7.02
CA ARG A 38 10.99 3.42 8.03
C ARG A 38 12.15 2.79 8.79
N ARG A 39 13.15 2.32 8.05
CA ARG A 39 14.32 1.71 8.68
C ARG A 39 15.02 2.69 9.60
N SER A 40 14.70 3.98 9.45
CA SER A 40 15.31 5.01 10.28
C SER A 40 14.78 4.94 11.71
N LEU A 41 15.70 4.83 12.66
CA LEU A 41 15.31 4.75 14.07
C LEU A 41 14.71 6.06 14.53
N ASP A 42 15.19 7.17 13.97
CA ASP A 42 14.70 8.49 14.33
C ASP A 42 13.30 8.70 13.76
N SER A 43 12.66 7.63 13.33
CA SER A 43 11.32 7.71 12.76
C SER A 43 10.31 8.12 13.83
N TYR A 44 10.44 7.51 15.02
CA TYR A 44 9.53 7.82 16.11
C TYR A 44 9.96 9.11 16.82
N PRO A 45 9.02 9.87 17.32
CA PRO A 45 9.32 11.15 18.03
C PRO A 45 10.02 10.92 19.37
N VAL A 46 10.37 12.01 20.04
CA VAL A 46 11.04 11.92 21.33
C VAL A 46 10.02 11.81 22.46
N SER A 47 10.34 10.98 23.45
CA SER A 47 9.43 10.79 24.59
C SER A 47 9.67 11.87 25.64
N LYS A 48 8.58 12.37 26.22
CA LYS A 48 8.67 13.42 27.25
C LYS A 48 7.80 13.07 28.44
N ASN A 49 8.25 13.42 29.63
CA ASN A 49 7.50 13.15 30.85
C ASN A 49 6.29 14.08 30.95
N ASP A 50 5.13 13.58 30.55
CA ASP A 50 3.91 14.38 30.60
C ASP A 50 3.33 14.36 32.01
N GLY A 51 4.06 13.75 32.94
CA GLY A 51 3.59 13.68 34.33
C GLY A 51 2.50 12.64 34.47
N THR A 52 2.36 11.78 33.46
CA THR A 52 1.33 10.74 33.49
C THR A 52 0.04 11.26 34.10
N ARG A 53 -0.85 11.75 33.23
CA ARG A 53 -2.13 12.27 33.68
C ARG A 53 -3.15 11.14 33.83
N PRO A 54 -4.08 11.27 34.74
CA PRO A 54 -5.13 10.24 34.98
C PRO A 54 -5.67 9.66 33.67
N LYS A 55 -6.53 8.65 33.81
CA LYS A 55 -7.12 8.00 32.65
C LYS A 55 -8.58 8.41 32.49
N MET A 56 -8.84 9.69 32.74
CA MET A 56 -10.19 10.22 32.63
C MET A 56 -10.44 10.77 31.23
N THR A 57 -11.29 10.09 30.48
CA THR A 57 -11.61 10.52 29.12
C THR A 57 -12.63 11.66 29.14
N PRO A 58 -12.59 12.54 28.17
CA PRO A 58 -13.54 13.69 28.09
C PRO A 58 -14.96 13.29 28.49
N GLU A 59 -15.42 12.14 28.00
CA GLU A 59 -16.75 11.67 28.31
C GLU A 59 -16.92 11.47 29.81
N GLN A 60 -15.96 10.79 30.43
CA GLN A 60 -16.02 10.54 31.86
C GLN A 60 -16.15 11.85 32.64
N MET A 61 -15.10 12.67 32.59
CA MET A 61 -15.12 13.95 33.30
C MET A 61 -16.35 14.76 32.91
N ALA A 62 -16.83 14.56 31.69
CA ALA A 62 -18.01 15.29 31.22
C ALA A 62 -19.27 14.75 31.88
N LYS A 63 -19.43 13.43 31.86
CA LYS A 63 -20.60 12.81 32.46
C LYS A 63 -20.58 12.98 33.98
N GLU A 64 -19.37 12.99 34.55
CA GLU A 64 -19.21 13.14 35.99
C GLU A 64 -19.57 14.56 36.43
N MET A 65 -18.87 15.54 35.87
CA MET A 65 -19.12 16.93 36.21
C MET A 65 -20.55 17.33 35.84
N SER A 66 -20.99 16.89 34.66
CA SER A 66 -22.33 17.20 34.20
C SER A 66 -23.38 16.65 35.16
N GLU A 67 -23.28 15.35 35.45
CA GLU A 67 -24.22 14.71 36.35
C GLU A 67 -24.15 15.34 37.75
N PHE A 68 -22.96 15.80 38.12
CA PHE A 68 -22.78 16.42 39.43
C PHE A 68 -23.34 17.84 39.44
N LEU A 69 -23.03 18.60 38.41
CA LEU A 69 -23.51 19.98 38.31
C LEU A 69 -24.96 20.01 37.86
N SER A 70 -25.49 18.84 37.48
CA SER A 70 -26.87 18.75 37.03
C SER A 70 -27.81 19.36 38.06
N ARG A 71 -28.03 20.66 37.96
CA ARG A 71 -28.92 21.36 38.90
C ARG A 71 -30.38 21.16 38.49
N GLY A 72 -30.96 22.18 37.87
CA GLY A 72 -32.36 22.11 37.44
C GLY A 72 -32.53 21.04 36.36
N PRO A 73 -31.97 21.27 35.20
CA PRO A 73 -32.07 20.31 34.06
C PRO A 73 -31.22 19.07 34.28
N ALA A 74 -31.63 17.96 33.67
CA ALA A 74 -30.90 16.71 33.80
C ALA A 74 -31.25 15.75 32.67
N GLN A 1 -18.65 13.70 -23.22
CA GLN A 1 -17.99 12.44 -22.88
C GLN A 1 -16.58 12.40 -23.48
N GLN A 2 -16.29 13.36 -24.36
CA GLN A 2 -14.99 13.42 -25.00
C GLN A 2 -13.90 13.67 -23.95
N GLN A 3 -14.00 14.79 -23.26
CA GLN A 3 -13.01 15.13 -22.24
C GLN A 3 -12.80 13.97 -21.28
N ALA A 4 -13.86 13.19 -21.06
CA ALA A 4 -13.78 12.05 -20.15
C ALA A 4 -12.91 10.94 -20.74
N VAL A 5 -13.34 10.38 -21.86
CA VAL A 5 -12.57 9.31 -22.51
C VAL A 5 -11.22 9.83 -22.98
N LEU A 6 -11.16 11.11 -23.33
CA LEU A 6 -9.91 11.70 -23.79
C LEU A 6 -8.90 11.77 -22.65
N GLU A 7 -9.21 12.57 -21.64
CA GLU A 7 -8.31 12.71 -20.50
C GLU A 7 -8.00 11.35 -19.88
N GLN A 8 -9.01 10.49 -19.82
CA GLN A 8 -8.84 9.15 -19.24
C GLN A 8 -7.81 8.36 -20.06
N GLU A 9 -7.94 8.40 -21.38
CA GLU A 9 -7.02 7.69 -22.24
C GLU A 9 -5.60 8.24 -22.08
N ARG A 10 -5.46 9.55 -22.21
CA ARG A 10 -4.16 10.19 -22.06
C ARG A 10 -3.49 9.75 -20.76
N ARG A 11 -4.26 9.76 -19.68
CA ARG A 11 -3.73 9.35 -18.38
C ARG A 11 -3.30 7.89 -18.42
N ASP A 12 -4.24 7.01 -18.73
CA ASP A 12 -3.94 5.59 -18.80
C ASP A 12 -2.60 5.35 -19.48
N ARG A 13 -2.38 6.04 -20.59
CA ARG A 13 -1.13 5.90 -21.33
C ARG A 13 0.03 6.39 -20.50
N GLU A 14 -0.08 7.61 -19.98
CA GLU A 14 0.97 8.18 -19.15
C GLU A 14 1.45 7.17 -18.11
N LEU A 15 0.53 6.72 -17.26
CA LEU A 15 0.86 5.75 -16.23
C LEU A 15 1.49 4.51 -16.86
N ALA A 16 0.72 3.82 -17.69
CA ALA A 16 1.22 2.62 -18.35
C ALA A 16 2.66 2.81 -18.81
N LEU A 17 2.97 4.01 -19.30
CA LEU A 17 4.31 4.32 -19.75
C LEU A 17 5.28 4.31 -18.58
N ARG A 18 4.89 5.01 -17.51
CA ARG A 18 5.72 5.07 -16.32
C ARG A 18 6.00 3.67 -15.79
N ILE A 19 4.93 2.94 -15.50
CA ILE A 19 5.08 1.58 -15.00
C ILE A 19 6.03 0.80 -15.87
N ALA A 20 5.73 0.75 -17.17
CA ALA A 20 6.58 0.04 -18.12
C ALA A 20 8.04 0.38 -17.87
N GLN A 21 8.33 1.68 -17.77
CA GLN A 21 9.69 2.13 -17.52
C GLN A 21 10.13 1.71 -16.12
N SER A 22 9.16 1.45 -15.25
CA SER A 22 9.46 1.03 -13.89
C SER A 22 9.91 -0.42 -13.87
N GLU A 23 9.13 -1.27 -14.53
CA GLU A 23 9.45 -2.69 -14.59
C GLU A 23 10.70 -2.91 -15.45
N ALA A 24 10.90 -2.01 -16.40
CA ALA A 24 12.06 -2.11 -17.28
C ALA A 24 13.32 -1.60 -16.59
N GLU A 25 13.18 -0.54 -15.80
CA GLU A 25 14.32 0.03 -15.09
C GLU A 25 14.64 -0.77 -13.83
N LEU A 26 13.62 -1.46 -13.30
CA LEU A 26 13.82 -2.26 -12.09
C LEU A 26 14.65 -1.49 -11.07
N ILE A 27 14.09 -0.41 -10.54
CA ILE A 27 14.78 0.41 -9.54
C ILE A 27 14.03 0.38 -8.21
N SER A 28 12.74 0.70 -8.27
CA SER A 28 11.92 0.71 -7.06
C SER A 28 11.57 -0.71 -6.65
N ASP A 29 12.53 -1.62 -6.77
CA ASP A 29 12.31 -3.01 -6.41
C ASP A 29 11.59 -3.11 -5.06
N GLU A 30 11.65 -2.02 -4.29
CA GLU A 30 11.00 -2.00 -2.98
C GLU A 30 9.51 -2.19 -3.13
N ALA A 31 8.90 -1.47 -4.07
CA ALA A 31 7.47 -1.56 -4.30
C ALA A 31 7.09 -2.98 -4.70
N GLN A 32 7.81 -3.53 -5.68
CA GLN A 32 7.54 -4.88 -6.15
C GLN A 32 7.57 -5.87 -4.99
N ALA A 33 8.60 -5.77 -4.16
CA ALA A 33 8.74 -6.65 -3.01
C ALA A 33 7.51 -6.55 -2.12
N ASP A 34 7.24 -5.35 -1.64
CA ASP A 34 6.09 -5.11 -0.77
C ASP A 34 4.84 -5.77 -1.36
N LEU A 35 4.53 -5.43 -2.60
CA LEU A 35 3.36 -5.98 -3.27
C LEU A 35 3.41 -7.51 -3.24
N ALA A 36 4.58 -8.07 -3.54
CA ALA A 36 4.75 -9.51 -3.56
C ALA A 36 4.37 -10.11 -2.20
N LEU A 37 4.96 -9.55 -1.13
CA LEU A 37 4.68 -10.03 0.21
C LEU A 37 3.23 -9.76 0.58
N ARG A 38 2.72 -8.61 0.19
CA ARG A 38 1.34 -8.24 0.48
C ARG A 38 0.38 -9.10 -0.33
N ARG A 39 0.85 -9.59 -1.47
CA ARG A 39 0.03 -10.43 -2.33
C ARG A 39 -0.04 -11.86 -1.80
N SER A 40 1.01 -12.25 -1.07
CA SER A 40 1.07 -13.60 -0.51
C SER A 40 0.07 -13.74 0.64
N LEU A 41 -1.07 -14.34 0.35
CA LEU A 41 -2.10 -14.54 1.37
C LEU A 41 -1.66 -15.58 2.39
N ASP A 42 -0.75 -16.47 1.97
CA ASP A 42 -0.25 -17.50 2.86
C ASP A 42 0.73 -16.92 3.87
N SER A 43 0.59 -15.63 4.14
CA SER A 43 1.48 -14.96 5.08
C SER A 43 1.31 -15.55 6.49
N TYR A 44 0.45 -14.95 7.28
CA TYR A 44 0.20 -15.43 8.63
C TYR A 44 -0.71 -16.66 8.62
N PRO A 45 -0.72 -17.41 9.67
CA PRO A 45 -1.56 -18.64 9.78
C PRO A 45 -3.05 -18.32 9.88
N VAL A 46 -3.88 -19.35 9.93
CA VAL A 46 -5.32 -19.17 10.03
C VAL A 46 -5.74 -19.02 11.49
N SER A 47 -6.24 -17.83 11.83
CA SER A 47 -6.69 -17.55 13.19
C SER A 47 -8.22 -17.50 13.27
N LYS A 48 -8.82 -18.52 13.86
CA LYS A 48 -10.26 -18.58 13.99
C LYS A 48 -10.72 -17.85 15.24
N ASN A 49 -11.38 -16.71 15.05
CA ASN A 49 -11.87 -15.91 16.17
C ASN A 49 -13.36 -16.17 16.40
N ASP A 50 -13.66 -17.31 17.03
CA ASP A 50 -15.06 -17.66 17.30
C ASP A 50 -15.70 -16.64 18.24
N GLY A 51 -14.88 -15.78 18.83
CA GLY A 51 -15.37 -14.75 19.74
C GLY A 51 -15.68 -15.36 21.11
N THR A 52 -15.07 -16.50 21.40
CA THR A 52 -15.29 -17.17 22.67
C THR A 52 -14.03 -17.92 23.11
N ARG A 53 -13.14 -17.22 23.81
CA ARG A 53 -11.91 -17.84 24.29
C ARG A 53 -12.18 -18.72 25.49
N PRO A 54 -11.40 -19.75 25.68
CA PRO A 54 -11.57 -20.69 26.83
C PRO A 54 -11.19 -20.03 28.16
N LYS A 55 -11.29 -20.81 29.24
CA LYS A 55 -10.96 -20.29 30.57
C LYS A 55 -10.12 -21.31 31.34
N MET A 56 -8.97 -20.87 31.84
CA MET A 56 -8.09 -21.74 32.60
C MET A 56 -8.15 -21.41 34.08
N THR A 57 -8.64 -22.36 34.87
CA THR A 57 -8.76 -22.16 36.32
C THR A 57 -7.40 -22.35 36.99
N PRO A 58 -7.16 -21.68 38.09
CA PRO A 58 -5.87 -21.78 38.83
C PRO A 58 -5.32 -23.21 38.82
N GLU A 59 -6.20 -24.19 38.97
CA GLU A 59 -5.79 -25.58 38.99
C GLU A 59 -5.26 -26.00 37.62
N GLN A 60 -5.98 -25.60 36.57
CA GLN A 60 -5.57 -25.94 35.21
C GLN A 60 -4.18 -25.40 34.91
N MET A 61 -4.05 -24.08 34.91
CA MET A 61 -2.78 -23.44 34.64
C MET A 61 -1.69 -23.97 35.58
N ALA A 62 -2.05 -24.14 36.84
CA ALA A 62 -1.11 -24.64 37.84
C ALA A 62 -0.60 -26.02 37.44
N LYS A 63 -1.53 -26.89 37.04
CA LYS A 63 -1.16 -28.25 36.65
C LYS A 63 -0.28 -28.22 35.40
N GLU A 64 -0.62 -27.34 34.46
CA GLU A 64 0.15 -27.23 33.23
C GLU A 64 1.58 -26.83 33.53
N MET A 65 1.75 -25.72 34.25
CA MET A 65 3.09 -25.24 34.60
C MET A 65 3.87 -26.33 35.33
N SER A 66 3.26 -26.89 36.37
CA SER A 66 3.91 -27.94 37.15
C SER A 66 4.22 -29.15 36.27
N GLU A 67 3.31 -29.44 35.34
CA GLU A 67 3.50 -30.58 34.44
C GLU A 67 4.57 -30.26 33.39
N PHE A 68 4.70 -28.98 33.05
CA PHE A 68 5.68 -28.56 32.05
C PHE A 68 7.06 -28.45 32.68
N LEU A 69 7.23 -27.51 33.61
CA LEU A 69 8.51 -27.33 34.27
C LEU A 69 9.06 -28.66 34.76
N SER A 70 8.18 -29.52 35.25
CA SER A 70 8.58 -30.83 35.75
C SER A 70 8.23 -31.91 34.74
N ARG A 71 8.22 -33.16 35.20
CA ARG A 71 7.90 -34.28 34.32
C ARG A 71 7.53 -35.51 35.14
N GLY A 72 8.39 -35.88 36.08
CA GLY A 72 8.15 -37.04 36.93
C GLY A 72 9.42 -37.47 37.65
N PRO A 73 9.96 -36.60 38.47
CA PRO A 73 11.20 -36.88 39.25
C PRO A 73 10.93 -37.81 40.43
N ALA A 74 10.38 -38.98 40.15
CA ALA A 74 10.08 -39.95 41.21
C ALA A 74 11.32 -40.79 41.52
N GLN A 1 -18.71 13.22 -23.30
CA GLN A 1 -17.86 12.21 -22.68
C GLN A 1 -16.43 12.33 -23.20
N GLN A 2 -16.26 13.07 -24.30
CA GLN A 2 -14.94 13.26 -24.88
C GLN A 2 -13.90 13.51 -23.80
N GLN A 3 -14.09 14.58 -23.04
CA GLN A 3 -13.16 14.93 -21.97
C GLN A 3 -12.89 13.72 -21.08
N ALA A 4 -13.90 12.87 -20.92
CA ALA A 4 -13.76 11.68 -20.09
C ALA A 4 -12.82 10.66 -20.74
N VAL A 5 -13.20 10.19 -21.92
CA VAL A 5 -12.38 9.22 -22.63
C VAL A 5 -11.04 9.82 -23.04
N LEU A 6 -11.03 11.13 -23.28
CA LEU A 6 -9.80 11.81 -23.67
C LEU A 6 -8.81 11.87 -22.51
N GLU A 7 -9.19 12.52 -21.43
CA GLU A 7 -8.32 12.64 -20.27
C GLU A 7 -7.98 11.26 -19.71
N GLN A 8 -8.96 10.36 -19.73
CA GLN A 8 -8.75 9.02 -19.22
C GLN A 8 -7.72 8.27 -20.07
N GLU A 9 -7.86 8.40 -21.39
CA GLU A 9 -6.94 7.73 -22.31
C GLU A 9 -5.51 8.26 -22.11
N ARG A 10 -5.36 9.58 -22.15
CA ARG A 10 -4.05 10.20 -21.97
C ARG A 10 -3.43 9.77 -20.64
N ARG A 11 -4.23 9.83 -19.58
CA ARG A 11 -3.75 9.45 -18.26
C ARG A 11 -3.46 7.95 -18.21
N ASP A 12 -4.26 7.18 -18.94
CA ASP A 12 -4.08 5.74 -18.97
C ASP A 12 -2.71 5.36 -19.53
N ARG A 13 -2.45 5.76 -20.77
CA ARG A 13 -1.17 5.46 -21.40
C ARG A 13 -0.02 6.11 -20.62
N GLU A 14 -0.20 7.37 -20.26
CA GLU A 14 0.84 8.07 -19.51
C GLU A 14 1.28 7.26 -18.30
N LEU A 15 0.36 7.02 -17.37
CA LEU A 15 0.66 6.25 -16.18
C LEU A 15 1.23 4.88 -16.56
N ALA A 16 0.45 4.11 -17.31
CA ALA A 16 0.88 2.79 -17.74
C ALA A 16 2.32 2.84 -18.26
N LEU A 17 2.66 3.94 -18.92
CA LEU A 17 4.00 4.11 -19.47
C LEU A 17 5.00 4.39 -18.35
N ARG A 18 4.60 5.24 -17.41
CA ARG A 18 5.46 5.58 -16.28
C ARG A 18 5.81 4.34 -15.48
N ILE A 19 4.80 3.54 -15.17
CA ILE A 19 5.02 2.32 -14.40
C ILE A 19 5.75 1.28 -15.24
N ALA A 20 5.38 1.19 -16.52
CA ALA A 20 6.01 0.23 -17.42
C ALA A 20 7.47 0.58 -17.63
N GLN A 21 7.75 1.85 -17.88
CA GLN A 21 9.12 2.30 -18.09
C GLN A 21 9.92 2.20 -16.80
N SER A 22 9.28 2.50 -15.69
CA SER A 22 9.95 2.44 -14.38
C SER A 22 10.22 0.99 -13.98
N GLU A 23 9.17 0.18 -13.92
CA GLU A 23 9.31 -1.22 -13.54
C GLU A 23 10.25 -1.93 -14.50
N ALA A 24 10.18 -1.56 -15.78
CA ALA A 24 11.03 -2.16 -16.79
C ALA A 24 12.47 -1.71 -16.60
N GLU A 25 12.64 -0.43 -16.25
CA GLU A 25 13.98 0.12 -16.03
C GLU A 25 14.49 -0.27 -14.65
N LEU A 26 13.56 -0.56 -13.74
CA LEU A 26 13.93 -0.94 -12.38
C LEU A 26 14.63 0.21 -11.66
N ILE A 27 14.20 1.44 -11.94
CA ILE A 27 14.79 2.62 -11.32
C ILE A 27 13.80 3.27 -10.36
N SER A 28 12.58 3.48 -10.83
CA SER A 28 11.53 4.09 -10.03
C SER A 28 12.11 5.04 -8.99
N ASP A 29 12.91 5.99 -9.45
CA ASP A 29 13.53 6.97 -8.56
C ASP A 29 12.50 7.50 -7.56
N GLU A 30 11.23 7.52 -7.97
CA GLU A 30 10.17 8.01 -7.11
C GLU A 30 10.17 7.27 -5.77
N ALA A 31 10.31 5.95 -5.85
CA ALA A 31 10.33 5.14 -4.63
C ALA A 31 11.49 5.53 -3.73
N GLN A 32 12.66 5.68 -4.32
CA GLN A 32 13.85 6.06 -3.56
C GLN A 32 13.61 7.38 -2.83
N ALA A 33 13.38 8.44 -3.59
CA ALA A 33 13.14 9.75 -3.00
C ALA A 33 12.03 9.67 -1.95
N ASP A 34 10.93 9.02 -2.31
CA ASP A 34 9.81 8.87 -1.39
C ASP A 34 10.27 8.27 -0.07
N LEU A 35 10.74 7.03 -0.11
CA LEU A 35 11.21 6.36 1.09
C LEU A 35 12.11 7.27 1.90
N ALA A 36 13.09 7.86 1.24
CA ALA A 36 14.02 8.76 1.90
C ALA A 36 13.28 9.92 2.56
N LEU A 37 12.33 10.49 1.82
CA LEU A 37 11.55 11.61 2.35
C LEU A 37 10.75 11.17 3.58
N ARG A 38 10.32 9.91 3.58
CA ARG A 38 9.55 9.39 4.71
C ARG A 38 10.47 9.03 5.87
N ARG A 39 11.68 8.59 5.55
CA ARG A 39 12.65 8.22 6.57
C ARG A 39 13.34 9.47 7.12
N SER A 40 12.85 10.63 6.72
CA SER A 40 13.43 11.89 7.18
C SER A 40 13.24 12.06 8.69
N LEU A 41 12.27 11.34 9.24
CA LEU A 41 12.00 11.42 10.67
C LEU A 41 13.29 11.19 11.47
N ASP A 42 14.35 10.78 10.78
CA ASP A 42 15.62 10.54 11.43
C ASP A 42 16.34 11.86 11.70
N SER A 43 15.68 12.97 11.35
CA SER A 43 16.27 14.30 11.55
C SER A 43 15.50 15.07 12.61
N TYR A 44 15.66 14.66 13.87
CA TYR A 44 14.97 15.33 14.98
C TYR A 44 15.58 16.70 15.23
N PRO A 45 14.84 17.58 15.85
CA PRO A 45 15.32 18.96 16.16
C PRO A 45 16.41 18.97 17.23
N VAL A 46 16.92 20.15 17.54
CA VAL A 46 17.97 20.28 18.54
C VAL A 46 17.36 20.51 19.92
N SER A 47 17.99 19.96 20.94
CA SER A 47 17.51 20.11 22.31
C SER A 47 18.05 21.39 22.94
N LYS A 48 17.19 22.10 23.67
CA LYS A 48 17.60 23.34 24.31
C LYS A 48 18.43 23.05 25.56
N ASN A 49 19.64 23.61 25.62
CA ASN A 49 20.51 23.41 26.76
C ASN A 49 19.93 24.05 28.02
N ASP A 50 19.36 23.22 28.89
CA ASP A 50 18.77 23.73 30.13
C ASP A 50 19.85 23.93 31.18
N GLY A 51 21.09 24.08 30.74
CA GLY A 51 22.20 24.30 31.66
C GLY A 51 22.69 22.96 32.23
N THR A 52 22.20 21.86 31.66
CA THR A 52 22.59 20.54 32.12
C THR A 52 23.95 20.15 31.53
N ARG A 53 24.99 20.83 31.96
CA ARG A 53 26.34 20.55 31.47
C ARG A 53 27.09 19.65 32.46
N PRO A 54 27.96 18.80 31.97
CA PRO A 54 28.75 17.88 32.84
C PRO A 54 29.77 18.63 33.70
N LYS A 55 30.48 17.89 34.54
CA LYS A 55 31.48 18.49 35.42
C LYS A 55 30.80 19.22 36.57
N MET A 56 30.79 18.59 37.74
CA MET A 56 30.16 19.19 38.91
C MET A 56 31.22 19.77 39.84
N THR A 57 31.15 21.08 40.06
CA THR A 57 32.11 21.76 40.92
C THR A 57 31.74 21.55 42.39
N PRO A 58 32.72 21.47 43.26
CA PRO A 58 32.48 21.26 44.71
C PRO A 58 31.25 22.03 45.21
N GLU A 59 31.09 23.25 44.73
CA GLU A 59 29.95 24.07 45.13
C GLU A 59 28.65 23.48 44.61
N GLN A 60 28.65 23.08 43.34
CA GLN A 60 27.46 22.51 42.73
C GLN A 60 27.03 21.24 43.47
N MET A 61 27.90 20.23 43.45
CA MET A 61 27.60 18.98 44.12
C MET A 61 27.23 19.21 45.58
N ALA A 62 28.01 20.08 46.24
CA ALA A 62 27.75 20.39 47.64
C ALA A 62 26.34 20.90 47.83
N LYS A 63 25.93 21.85 46.98
CA LYS A 63 24.60 22.41 47.06
C LYS A 63 23.55 21.36 46.71
N GLU A 64 23.63 20.83 45.50
CA GLU A 64 22.69 19.81 45.05
C GLU A 64 22.51 18.73 46.12
N MET A 65 23.63 18.22 46.61
CA MET A 65 23.59 17.18 47.64
C MET A 65 22.83 17.68 48.87
N SER A 66 23.33 18.73 49.49
CA SER A 66 22.68 19.29 50.66
C SER A 66 21.22 19.63 50.37
N GLU A 67 20.94 19.99 49.12
CA GLU A 67 19.58 20.32 48.72
C GLU A 67 18.77 19.06 48.46
N PHE A 68 19.45 18.02 48.01
CA PHE A 68 18.78 16.75 47.72
C PHE A 68 18.50 15.98 49.01
N LEU A 69 19.54 15.85 49.84
CA LEU A 69 19.40 15.15 51.11
C LEU A 69 18.30 15.77 51.97
N SER A 70 18.14 17.09 51.84
CA SER A 70 17.12 17.80 52.60
C SER A 70 15.79 17.06 52.53
N ARG A 71 15.00 17.16 53.60
CA ARG A 71 13.70 16.50 53.64
C ARG A 71 12.86 17.04 54.78
N GLY A 72 11.63 17.46 54.46
CA GLY A 72 10.73 18.01 55.47
C GLY A 72 11.40 19.15 56.24
N PRO A 73 11.61 20.27 55.58
CA PRO A 73 12.25 21.45 56.21
C PRO A 73 11.66 21.78 57.58
N ALA A 74 12.51 21.94 58.58
CA ALA A 74 12.07 22.26 59.92
C ALA A 74 11.43 23.65 59.97
N GLN A 1 -18.49 14.18 -23.36
CA GLN A 1 -17.89 12.93 -22.92
C GLN A 1 -16.46 12.80 -23.46
N GLN A 2 -16.19 13.48 -24.56
CA GLN A 2 -14.87 13.43 -25.16
C GLN A 2 -13.79 13.73 -24.13
N GLN A 3 -13.86 14.91 -23.53
CA GLN A 3 -12.88 15.30 -22.52
C GLN A 3 -12.69 14.19 -21.49
N ALA A 4 -13.79 13.50 -21.18
CA ALA A 4 -13.73 12.42 -20.19
C ALA A 4 -12.88 11.26 -20.71
N VAL A 5 -13.35 10.59 -21.75
CA VAL A 5 -12.62 9.47 -22.32
C VAL A 5 -11.23 9.91 -22.78
N LEU A 6 -11.17 11.03 -23.49
CA LEU A 6 -9.90 11.55 -23.98
C LEU A 6 -8.90 11.66 -22.82
N GLU A 7 -9.25 12.45 -21.81
CA GLU A 7 -8.37 12.63 -20.66
C GLU A 7 -8.00 11.29 -20.05
N GLN A 8 -9.00 10.44 -19.85
CA GLN A 8 -8.77 9.12 -19.27
C GLN A 8 -7.70 8.37 -20.08
N GLU A 9 -7.82 8.43 -21.40
CA GLU A 9 -6.86 7.76 -22.27
C GLU A 9 -5.47 8.35 -22.07
N ARG A 10 -5.41 9.67 -21.97
CA ARG A 10 -4.13 10.36 -21.78
C ARG A 10 -3.45 9.84 -20.52
N ARG A 11 -4.23 9.68 -19.45
CA ARG A 11 -3.70 9.19 -18.18
C ARG A 11 -3.24 7.75 -18.32
N ASP A 12 -4.19 6.86 -18.59
CA ASP A 12 -3.89 5.44 -18.74
C ASP A 12 -2.59 5.24 -19.53
N ARG A 13 -2.43 6.01 -20.61
CA ARG A 13 -1.24 5.91 -21.45
C ARG A 13 -0.01 6.41 -20.68
N GLU A 14 -0.14 7.59 -20.08
CA GLU A 14 0.98 8.16 -19.33
C GLU A 14 1.38 7.24 -18.19
N LEU A 15 0.41 6.80 -17.41
CA LEU A 15 0.67 5.92 -16.29
C LEU A 15 1.35 4.64 -16.78
N ALA A 16 0.67 3.89 -17.62
CA ALA A 16 1.23 2.65 -18.16
C ALA A 16 2.64 2.87 -18.67
N LEU A 17 2.88 4.04 -19.27
CA LEU A 17 4.19 4.37 -19.80
C LEU A 17 5.19 4.57 -18.66
N ARG A 18 4.74 5.17 -17.57
CA ARG A 18 5.60 5.41 -16.42
C ARG A 18 6.00 4.08 -15.77
N ILE A 19 5.02 3.22 -15.55
CA ILE A 19 5.29 1.91 -14.94
C ILE A 19 6.16 1.06 -15.85
N ALA A 20 5.91 1.15 -17.15
CA ALA A 20 6.69 0.38 -18.12
C ALA A 20 8.16 0.82 -18.10
N GLN A 21 8.37 2.13 -18.11
CA GLN A 21 9.73 2.67 -18.10
C GLN A 21 10.39 2.41 -16.75
N SER A 22 9.58 2.39 -15.70
CA SER A 22 10.09 2.15 -14.36
C SER A 22 10.46 0.68 -14.16
N GLU A 23 9.49 -0.20 -14.43
CA GLU A 23 9.73 -1.63 -14.29
C GLU A 23 10.78 -2.10 -15.28
N ALA A 24 10.84 -1.45 -16.44
CA ALA A 24 11.81 -1.80 -17.46
C ALA A 24 13.22 -1.33 -17.07
N GLU A 25 13.30 -0.12 -16.56
CA GLU A 25 14.58 0.44 -16.14
C GLU A 25 15.02 -0.16 -14.82
N LEU A 26 14.05 -0.62 -14.03
CA LEU A 26 14.35 -1.23 -12.74
C LEU A 26 15.28 -0.35 -11.93
N ILE A 27 15.02 0.96 -11.93
CA ILE A 27 15.84 1.91 -11.19
C ILE A 27 15.19 2.23 -9.84
N SER A 28 13.92 1.86 -9.70
CA SER A 28 13.20 2.11 -8.46
C SER A 28 13.78 1.28 -7.32
N ASP A 29 15.01 1.59 -6.95
CA ASP A 29 15.67 0.86 -5.87
C ASP A 29 14.82 0.89 -4.60
N GLU A 30 14.19 2.03 -4.35
CA GLU A 30 13.35 2.18 -3.17
C GLU A 30 12.46 0.95 -2.98
N ALA A 31 11.90 0.45 -4.07
CA ALA A 31 11.03 -0.72 -4.02
C ALA A 31 11.82 -1.94 -3.55
N GLN A 32 13.00 -2.13 -4.10
CA GLN A 32 13.84 -3.26 -3.73
C GLN A 32 14.15 -3.23 -2.24
N ALA A 33 14.52 -2.05 -1.75
CA ALA A 33 14.84 -1.90 -0.33
C ALA A 33 13.64 -2.25 0.53
N ASP A 34 12.51 -1.61 0.26
CA ASP A 34 11.29 -1.87 1.02
C ASP A 34 10.98 -3.36 1.02
N LEU A 35 10.67 -3.90 -0.15
CA LEU A 35 10.36 -5.33 -0.26
C LEU A 35 11.34 -6.16 0.56
N ALA A 36 12.62 -5.92 0.35
CA ALA A 36 13.66 -6.66 1.08
C ALA A 36 13.46 -6.50 2.58
N LEU A 37 13.15 -5.27 3.00
CA LEU A 37 12.94 -5.00 4.42
C LEU A 37 11.66 -5.67 4.90
N ARG A 38 10.76 -5.98 3.97
CA ARG A 38 9.50 -6.63 4.31
C ARG A 38 9.71 -8.13 4.53
N ARG A 39 10.22 -8.80 3.50
CA ARG A 39 10.47 -10.23 3.58
C ARG A 39 11.52 -10.53 4.64
N SER A 40 12.30 -9.52 5.01
CA SER A 40 13.34 -9.68 6.02
C SER A 40 12.83 -10.52 7.19
N LEU A 41 13.73 -11.27 7.81
CA LEU A 41 13.36 -12.11 8.95
C LEU A 41 13.04 -11.24 10.17
N ASP A 42 13.45 -9.99 10.12
CA ASP A 42 13.21 -9.06 11.22
C ASP A 42 11.73 -8.70 11.31
N SER A 43 10.89 -9.52 10.68
CA SER A 43 9.45 -9.28 10.68
C SER A 43 8.71 -10.50 11.21
N TYR A 44 9.46 -11.46 11.74
CA TYR A 44 8.86 -12.67 12.29
C TYR A 44 8.17 -12.38 13.62
N PRO A 45 7.21 -13.18 14.00
CA PRO A 45 6.46 -12.99 15.27
C PRO A 45 7.33 -13.28 16.49
N VAL A 46 6.76 -13.09 17.67
CA VAL A 46 7.48 -13.33 18.92
C VAL A 46 6.82 -14.45 19.72
N SER A 47 7.62 -15.41 20.17
CA SER A 47 7.10 -16.53 20.95
C SER A 47 6.78 -16.09 22.37
N LYS A 48 5.64 -16.55 22.88
CA LYS A 48 5.23 -16.21 24.25
C LYS A 48 4.78 -17.45 25.01
N ASN A 49 4.73 -17.34 26.33
CA ASN A 49 4.32 -18.47 27.17
C ASN A 49 2.90 -18.91 26.81
N ASP A 50 2.80 -19.98 26.03
CA ASP A 50 1.51 -20.49 25.62
C ASP A 50 0.88 -21.32 26.74
N GLY A 51 1.66 -22.23 27.31
CA GLY A 51 1.18 -23.08 28.39
C GLY A 51 0.37 -24.25 27.84
N THR A 52 0.77 -24.76 26.68
CA THR A 52 0.06 -25.87 26.06
C THR A 52 0.26 -27.15 26.87
N ARG A 53 -0.66 -27.40 27.79
CA ARG A 53 -0.57 -28.59 28.63
C ARG A 53 -0.80 -29.86 27.79
N PRO A 54 -0.15 -30.94 28.13
CA PRO A 54 -0.30 -32.23 27.39
C PRO A 54 -1.68 -32.84 27.58
N LYS A 55 -1.92 -33.97 26.91
CA LYS A 55 -3.20 -34.67 27.01
C LYS A 55 -3.04 -35.99 27.76
N MET A 56 -4.16 -36.52 28.26
CA MET A 56 -4.13 -37.78 28.99
C MET A 56 -4.79 -38.89 28.16
N THR A 57 -4.36 -40.13 28.37
CA THR A 57 -4.90 -41.26 27.63
C THR A 57 -6.15 -41.81 28.34
N PRO A 58 -7.20 -42.08 27.60
CA PRO A 58 -8.46 -42.63 28.19
C PRO A 58 -8.18 -43.70 29.24
N GLU A 59 -7.17 -44.52 29.01
CA GLU A 59 -6.82 -45.59 29.94
C GLU A 59 -6.49 -45.01 31.31
N GLN A 60 -5.52 -44.10 31.34
CA GLN A 60 -5.11 -43.48 32.59
C GLN A 60 -6.31 -42.89 33.32
N MET A 61 -6.96 -41.92 32.70
CA MET A 61 -8.14 -41.29 33.30
C MET A 61 -9.10 -42.34 33.83
N ALA A 62 -9.42 -43.32 32.99
CA ALA A 62 -10.34 -44.38 33.38
C ALA A 62 -9.88 -45.02 34.68
N LYS A 63 -8.63 -45.49 34.70
CA LYS A 63 -8.07 -46.12 35.89
C LYS A 63 -8.03 -45.13 37.04
N GLU A 64 -7.31 -44.02 36.83
CA GLU A 64 -7.19 -43.00 37.86
C GLU A 64 -8.55 -42.73 38.51
N MET A 65 -9.56 -42.53 37.68
CA MET A 65 -10.91 -42.27 38.18
C MET A 65 -11.41 -43.43 39.02
N SER A 66 -11.38 -44.63 38.44
CA SER A 66 -11.84 -45.82 39.14
C SER A 66 -11.18 -45.92 40.51
N GLU A 67 -9.88 -45.63 40.56
CA GLU A 67 -9.13 -45.69 41.82
C GLU A 67 -9.50 -44.51 42.70
N PHE A 68 -9.85 -43.39 42.08
CA PHE A 68 -10.21 -42.19 42.83
C PHE A 68 -11.62 -42.33 43.42
N LEU A 69 -12.61 -42.50 42.54
CA LEU A 69 -13.98 -42.65 43.00
C LEU A 69 -14.07 -43.69 44.10
N SER A 70 -13.08 -44.57 44.15
CA SER A 70 -13.06 -45.62 45.17
C SER A 70 -12.60 -45.06 46.52
N ARG A 71 -11.89 -45.87 47.28
CA ARG A 71 -11.41 -45.44 48.59
C ARG A 71 -10.17 -44.55 48.43
N GLY A 72 -9.11 -45.11 47.86
CA GLY A 72 -7.88 -44.36 47.65
C GLY A 72 -7.30 -43.90 49.00
N PRO A 73 -6.12 -43.36 48.97
CA PRO A 73 -5.43 -42.86 50.20
C PRO A 73 -6.03 -41.56 50.72
N ALA A 74 -6.78 -41.66 51.81
CA ALA A 74 -7.43 -40.49 52.39
C ALA A 74 -6.40 -39.66 53.18
N GLN A 1 -18.57 14.08 -23.36
CA GLN A 1 -17.86 12.96 -22.76
C GLN A 1 -16.44 12.88 -23.30
N GLN A 2 -16.21 13.52 -24.44
CA GLN A 2 -14.89 13.51 -25.07
C GLN A 2 -13.81 13.78 -24.02
N GLN A 3 -13.88 14.93 -23.38
CA GLN A 3 -12.91 15.29 -22.36
C GLN A 3 -12.71 14.15 -21.36
N ALA A 4 -13.79 13.44 -21.07
CA ALA A 4 -13.73 12.33 -20.13
C ALA A 4 -12.89 11.19 -20.69
N VAL A 5 -13.38 10.56 -21.75
CA VAL A 5 -12.67 9.45 -22.36
C VAL A 5 -11.27 9.89 -22.82
N LEU A 6 -11.19 11.06 -23.45
CA LEU A 6 -9.91 11.57 -23.91
C LEU A 6 -8.92 11.64 -22.75
N GLU A 7 -9.29 12.35 -21.69
CA GLU A 7 -8.43 12.49 -20.53
C GLU A 7 -8.06 11.12 -19.98
N GLN A 8 -9.06 10.25 -19.83
CA GLN A 8 -8.81 8.91 -19.31
C GLN A 8 -7.73 8.21 -20.13
N GLU A 9 -7.79 8.38 -21.45
CA GLU A 9 -6.80 7.76 -22.32
C GLU A 9 -5.43 8.37 -22.09
N ARG A 10 -5.35 9.69 -22.15
CA ARG A 10 -4.08 10.38 -21.94
C ARG A 10 -3.40 9.88 -20.67
N ARG A 11 -4.11 9.98 -19.55
CA ARG A 11 -3.56 9.53 -18.28
C ARG A 11 -3.24 8.03 -18.33
N ASP A 12 -4.25 7.24 -18.67
CA ASP A 12 -4.07 5.79 -18.74
C ASP A 12 -2.76 5.45 -19.46
N ARG A 13 -2.51 6.11 -20.58
CA ARG A 13 -1.29 5.87 -21.35
C ARG A 13 -0.06 6.28 -20.55
N GLU A 14 -0.07 7.52 -20.06
CA GLU A 14 1.06 8.03 -19.28
C GLU A 14 1.47 7.02 -18.22
N LEU A 15 0.57 6.74 -17.28
CA LEU A 15 0.84 5.79 -16.22
C LEU A 15 1.27 4.44 -16.80
N ALA A 16 0.36 3.81 -17.54
CA ALA A 16 0.65 2.52 -18.15
C ALA A 16 2.06 2.50 -18.73
N LEU A 17 2.45 3.60 -19.36
CA LEU A 17 3.78 3.70 -19.95
C LEU A 17 4.84 3.71 -18.86
N ARG A 18 4.58 4.44 -17.78
CA ARG A 18 5.52 4.52 -16.68
C ARG A 18 5.73 3.14 -16.06
N ILE A 19 4.62 2.44 -15.81
CA ILE A 19 4.70 1.11 -15.21
C ILE A 19 5.42 0.14 -16.16
N ALA A 20 5.15 0.28 -17.45
CA ALA A 20 5.78 -0.58 -18.44
C ALA A 20 7.30 -0.39 -18.44
N GLN A 21 7.73 0.85 -18.57
CA GLN A 21 9.16 1.14 -18.58
C GLN A 21 9.79 0.77 -17.25
N SER A 22 9.01 0.89 -16.18
CA SER A 22 9.51 0.55 -14.85
C SER A 22 9.61 -0.96 -14.67
N GLU A 23 8.49 -1.65 -14.84
CA GLU A 23 8.46 -3.09 -14.70
C GLU A 23 9.35 -3.75 -15.75
N ALA A 24 9.63 -3.03 -16.82
CA ALA A 24 10.47 -3.56 -17.89
C ALA A 24 11.95 -3.29 -17.61
N GLU A 25 12.23 -2.13 -17.02
CA GLU A 25 13.61 -1.76 -16.72
C GLU A 25 14.00 -2.20 -15.30
N LEU A 26 13.00 -2.44 -14.47
CA LEU A 26 13.24 -2.87 -13.10
C LEU A 26 14.17 -1.89 -12.38
N ILE A 27 14.20 -0.65 -12.85
CA ILE A 27 15.04 0.37 -12.24
C ILE A 27 14.36 0.96 -11.00
N SER A 28 13.05 1.12 -11.07
CA SER A 28 12.29 1.67 -9.95
C SER A 28 11.96 0.57 -8.94
N ASP A 29 12.97 -0.19 -8.55
CA ASP A 29 12.77 -1.28 -7.60
C ASP A 29 12.23 -0.74 -6.28
N GLU A 30 12.54 0.52 -5.99
CA GLU A 30 12.07 1.15 -4.76
C GLU A 30 10.55 1.11 -4.68
N ALA A 31 9.90 1.41 -5.80
CA ALA A 31 8.44 1.41 -5.85
C ALA A 31 7.90 0.01 -5.57
N GLN A 32 8.27 -0.94 -6.42
CA GLN A 32 7.82 -2.32 -6.26
C GLN A 32 8.02 -2.78 -4.82
N ALA A 33 9.23 -2.58 -4.30
CA ALA A 33 9.54 -2.98 -2.94
C ALA A 33 8.54 -2.37 -1.97
N ASP A 34 8.55 -1.05 -1.86
CA ASP A 34 7.63 -0.36 -0.96
C ASP A 34 6.22 -0.91 -1.10
N LEU A 35 5.74 -0.97 -2.34
CA LEU A 35 4.40 -1.48 -2.61
C LEU A 35 4.25 -2.89 -2.04
N ALA A 36 5.29 -3.70 -2.19
CA ALA A 36 5.27 -5.07 -1.69
C ALA A 36 5.24 -5.09 -0.17
N LEU A 37 6.19 -4.40 0.45
CA LEU A 37 6.28 -4.35 1.91
C LEU A 37 5.10 -3.56 2.47
N ARG A 38 4.49 -2.73 1.63
CA ARG A 38 3.35 -1.92 2.06
C ARG A 38 2.07 -2.73 2.01
N ARG A 39 1.80 -3.33 0.85
CA ARG A 39 0.60 -4.14 0.67
C ARG A 39 0.68 -5.41 1.52
N SER A 40 1.82 -5.61 2.17
CA SER A 40 2.01 -6.79 3.01
C SER A 40 0.77 -7.04 3.87
N LEU A 41 0.30 -8.27 3.86
CA LEU A 41 -0.88 -8.63 4.64
C LEU A 41 -0.64 -8.35 6.12
N ASP A 42 0.53 -8.72 6.60
CA ASP A 42 0.87 -8.51 8.01
C ASP A 42 0.88 -7.02 8.33
N SER A 43 1.21 -6.21 7.33
CA SER A 43 1.25 -4.76 7.49
C SER A 43 1.85 -4.37 8.83
N TYR A 44 1.03 -4.44 9.88
CA TYR A 44 1.48 -4.10 11.23
C TYR A 44 1.67 -5.37 12.06
N PRO A 45 2.58 -5.35 13.00
CA PRO A 45 2.84 -6.53 13.88
C PRO A 45 1.68 -6.80 14.83
N VAL A 46 1.82 -7.85 15.63
CA VAL A 46 0.78 -8.22 16.59
C VAL A 46 0.82 -7.29 17.80
N SER A 47 -0.34 -7.12 18.44
CA SER A 47 -0.43 -6.26 19.61
C SER A 47 -1.18 -6.98 20.74
N LYS A 48 -0.58 -6.96 21.94
CA LYS A 48 -1.19 -7.62 23.08
C LYS A 48 -2.39 -6.82 23.58
N ASN A 49 -3.15 -7.42 24.49
CA ASN A 49 -4.33 -6.76 25.03
C ASN A 49 -5.34 -6.45 23.93
N ASP A 50 -5.25 -7.21 22.85
CA ASP A 50 -6.16 -7.02 21.71
C ASP A 50 -5.87 -5.70 21.01
N GLY A 51 -5.04 -4.87 21.65
CA GLY A 51 -4.68 -3.57 21.08
C GLY A 51 -5.75 -2.54 21.42
N THR A 52 -6.53 -2.85 22.45
CA THR A 52 -7.60 -1.95 22.88
C THR A 52 -7.16 -0.48 22.79
N ARG A 53 -7.51 0.17 21.69
CA ARG A 53 -7.15 1.56 21.49
C ARG A 53 -8.18 2.48 22.15
N PRO A 54 -7.76 3.62 22.63
CA PRO A 54 -8.67 4.60 23.29
C PRO A 54 -10.01 4.71 22.59
N LYS A 55 -10.91 5.49 23.18
CA LYS A 55 -12.24 5.68 22.62
C LYS A 55 -12.34 7.04 21.93
N MET A 56 -13.55 7.42 21.55
CA MET A 56 -13.77 8.70 20.86
C MET A 56 -14.76 9.55 21.64
N THR A 57 -14.33 10.76 22.01
CA THR A 57 -15.19 11.67 22.76
C THR A 57 -16.16 12.39 21.82
N PRO A 58 -17.33 12.74 22.28
CA PRO A 58 -18.34 13.45 21.45
C PRO A 58 -17.71 14.48 20.52
N GLU A 59 -16.67 15.15 21.01
CA GLU A 59 -15.99 16.16 20.21
C GLU A 59 -15.24 15.50 19.04
N GLN A 60 -14.70 14.31 19.29
CA GLN A 60 -13.97 13.59 18.27
C GLN A 60 -14.90 13.21 17.12
N MET A 61 -15.85 12.34 17.40
CA MET A 61 -16.80 11.90 16.38
C MET A 61 -17.50 13.10 15.75
N ALA A 62 -17.85 14.08 16.58
CA ALA A 62 -18.53 15.28 16.10
C ALA A 62 -17.70 15.96 15.01
N LYS A 63 -16.42 16.16 15.29
CA LYS A 63 -15.53 16.80 14.33
C LYS A 63 -15.37 15.92 13.09
N GLU A 64 -14.97 14.67 13.30
CA GLU A 64 -14.77 13.74 12.19
C GLU A 64 -16.04 13.65 11.34
N MET A 65 -17.17 13.40 12.00
CA MET A 65 -18.44 13.29 11.29
C MET A 65 -18.71 14.55 10.48
N SER A 66 -18.86 15.68 11.18
CA SER A 66 -19.13 16.94 10.51
C SER A 66 -18.15 17.16 9.36
N GLU A 67 -16.93 16.65 9.52
CA GLU A 67 -15.91 16.80 8.49
C GLU A 67 -16.22 15.90 7.30
N PHE A 68 -16.70 14.69 7.58
CA PHE A 68 -17.04 13.75 6.52
C PHE A 68 -18.24 14.24 5.72
N LEU A 69 -19.30 14.61 6.43
CA LEU A 69 -20.51 15.09 5.78
C LEU A 69 -20.22 16.39 5.02
N SER A 70 -19.17 17.08 5.43
CA SER A 70 -18.79 18.34 4.78
C SER A 70 -20.00 19.25 4.64
N ARG A 71 -20.13 20.20 5.56
CA ARG A 71 -21.25 21.14 5.53
C ARG A 71 -21.28 21.89 4.20
N GLY A 72 -20.09 22.14 3.64
CA GLY A 72 -19.99 22.85 2.37
C GLY A 72 -20.24 24.34 2.57
N PRO A 73 -19.44 24.99 3.38
CA PRO A 73 -19.58 26.44 3.66
C PRO A 73 -19.09 27.29 2.48
N ALA A 74 -19.98 28.14 1.97
CA ALA A 74 -19.64 29.01 0.85
C ALA A 74 -18.44 29.89 1.19
N GLN A 1 -18.57 13.68 -23.05
CA GLN A 1 -17.84 12.47 -22.69
C GLN A 1 -16.40 12.55 -23.22
N GLN A 2 -16.23 13.23 -24.35
CA GLN A 2 -14.90 13.37 -24.95
C GLN A 2 -13.86 13.66 -23.87
N GLN A 3 -14.03 14.77 -23.17
CA GLN A 3 -13.10 15.16 -22.12
C GLN A 3 -12.84 13.99 -21.17
N ALA A 4 -13.89 13.20 -20.91
CA ALA A 4 -13.77 12.06 -20.01
C ALA A 4 -12.85 10.99 -20.61
N VAL A 5 -13.30 10.39 -21.70
CA VAL A 5 -12.51 9.35 -22.37
C VAL A 5 -11.13 9.88 -22.75
N LEU A 6 -11.11 11.05 -23.37
CA LEU A 6 -9.83 11.66 -23.78
C LEU A 6 -8.87 11.74 -22.60
N GLU A 7 -9.28 12.47 -21.57
CA GLU A 7 -8.44 12.62 -20.38
C GLU A 7 -8.04 11.25 -19.83
N GLN A 8 -9.00 10.33 -19.80
CA GLN A 8 -8.74 8.99 -19.29
C GLN A 8 -7.69 8.29 -20.15
N GLU A 9 -7.87 8.36 -21.47
CA GLU A 9 -6.94 7.73 -22.38
C GLU A 9 -5.53 8.27 -22.18
N ARG A 10 -5.38 9.58 -22.29
CA ARG A 10 -4.09 10.22 -22.11
C ARG A 10 -3.45 9.76 -20.80
N ARG A 11 -4.18 9.91 -19.71
CA ARG A 11 -3.67 9.50 -18.40
C ARG A 11 -3.32 8.02 -18.40
N ASP A 12 -4.27 7.20 -18.85
CA ASP A 12 -4.05 5.75 -18.89
C ASP A 12 -2.70 5.43 -19.52
N ARG A 13 -2.43 6.01 -20.69
CA ARG A 13 -1.17 5.78 -21.38
C ARG A 13 0.00 6.28 -20.55
N GLU A 14 -0.11 7.50 -20.04
CA GLU A 14 0.95 8.08 -19.21
C GLU A 14 1.37 7.10 -18.13
N LEU A 15 0.47 6.82 -17.19
CA LEU A 15 0.76 5.90 -16.11
C LEU A 15 1.26 4.56 -16.66
N ALA A 16 0.41 3.90 -17.45
CA ALA A 16 0.78 2.61 -18.04
C ALA A 16 2.22 2.63 -18.53
N LEU A 17 2.63 3.77 -19.09
CA LEU A 17 3.99 3.92 -19.60
C LEU A 17 4.98 4.00 -18.44
N ARG A 18 4.64 4.78 -17.43
CA ARG A 18 5.50 4.95 -16.27
C ARG A 18 5.72 3.61 -15.58
N ILE A 19 4.63 2.91 -15.29
CA ILE A 19 4.70 1.61 -14.63
C ILE A 19 5.44 0.61 -15.51
N ALA A 20 5.13 0.64 -16.81
CA ALA A 20 5.76 -0.28 -17.75
C ALA A 20 7.27 -0.02 -17.81
N GLN A 21 7.65 1.24 -17.83
CA GLN A 21 9.06 1.61 -17.87
C GLN A 21 9.73 1.32 -16.53
N SER A 22 8.96 1.47 -15.46
CA SER A 22 9.48 1.21 -14.12
C SER A 22 9.69 -0.28 -13.90
N GLU A 23 8.63 -1.06 -14.10
CA GLU A 23 8.71 -2.51 -13.93
C GLU A 23 9.70 -3.11 -14.92
N ALA A 24 9.72 -2.56 -16.13
CA ALA A 24 10.62 -3.04 -17.16
C ALA A 24 12.07 -2.75 -16.78
N GLU A 25 12.31 -1.53 -16.30
CA GLU A 25 13.65 -1.13 -15.90
C GLU A 25 14.02 -1.76 -14.56
N LEU A 26 13.00 -2.09 -13.77
CA LEU A 26 13.22 -2.70 -12.46
C LEU A 26 13.83 -1.70 -11.50
N ILE A 27 13.35 -0.46 -11.55
CA ILE A 27 13.86 0.59 -10.66
C ILE A 27 12.87 0.86 -9.54
N SER A 28 11.64 1.24 -9.92
CA SER A 28 10.59 1.53 -8.95
C SER A 28 11.17 1.98 -7.62
N ASP A 29 11.98 3.03 -7.65
CA ASP A 29 12.59 3.56 -6.43
C ASP A 29 11.56 3.66 -5.32
N GLU A 30 10.33 4.01 -5.69
CA GLU A 30 9.26 4.14 -4.71
C GLU A 30 9.23 2.93 -3.79
N ALA A 31 9.15 1.74 -4.39
CA ALA A 31 9.11 0.50 -3.60
C ALA A 31 10.24 0.48 -2.58
N GLN A 32 11.47 0.66 -3.04
CA GLN A 32 12.62 0.66 -2.16
C GLN A 32 12.43 1.67 -1.02
N ALA A 33 12.27 2.94 -1.40
CA ALA A 33 12.07 3.99 -0.40
C ALA A 33 10.97 3.62 0.58
N ASP A 34 9.78 3.35 0.04
CA ASP A 34 8.64 2.97 0.87
C ASP A 34 9.06 1.92 1.89
N LEU A 35 9.40 0.73 1.41
CA LEU A 35 9.80 -0.36 2.28
C LEU A 35 10.84 0.12 3.29
N ALA A 36 11.85 0.83 2.80
CA ALA A 36 12.90 1.35 3.66
C ALA A 36 12.31 2.25 4.75
N LEU A 37 11.33 3.06 4.36
CA LEU A 37 10.69 3.96 5.31
C LEU A 37 9.73 3.21 6.22
N ARG A 38 9.32 2.01 5.79
CA ARG A 38 8.42 1.20 6.57
C ARG A 38 9.17 0.51 7.71
N ARG A 39 10.35 -0.01 7.40
CA ARG A 39 11.15 -0.69 8.40
C ARG A 39 11.91 0.31 9.26
N SER A 40 11.71 1.59 8.98
CA SER A 40 12.38 2.64 9.73
C SER A 40 12.30 2.35 11.24
N LEU A 41 13.47 2.18 11.86
CA LEU A 41 13.53 1.90 13.28
C LEU A 41 13.30 3.18 14.09
N ASP A 42 14.02 4.24 13.73
CA ASP A 42 13.89 5.51 14.42
C ASP A 42 12.50 6.11 14.20
N SER A 43 11.82 5.62 13.17
CA SER A 43 10.48 6.11 12.84
C SER A 43 10.47 7.63 12.77
N TYR A 44 11.59 8.20 12.34
CA TYR A 44 11.70 9.65 12.22
C TYR A 44 10.83 10.15 11.05
N PRO A 45 10.27 11.33 11.18
CA PRO A 45 9.41 11.92 10.11
C PRO A 45 10.21 12.30 8.88
N VAL A 46 9.52 12.79 7.85
CA VAL A 46 10.17 13.19 6.61
C VAL A 46 10.33 14.71 6.56
N SER A 47 11.58 15.17 6.62
CA SER A 47 11.87 16.60 6.58
C SER A 47 11.76 17.12 5.16
N LYS A 48 10.70 17.88 4.88
CA LYS A 48 10.50 18.45 3.55
C LYS A 48 10.92 19.92 3.52
N ASN A 49 10.96 20.48 2.32
CA ASN A 49 11.35 21.88 2.17
C ASN A 49 10.73 22.46 0.90
N ASP A 50 9.41 22.65 0.92
CA ASP A 50 8.70 23.20 -0.24
C ASP A 50 9.46 24.38 -0.81
N GLY A 51 10.18 25.10 0.05
CA GLY A 51 10.95 26.26 -0.40
C GLY A 51 10.03 27.41 -0.76
N THR A 52 8.88 27.49 -0.09
CA THR A 52 7.92 28.56 -0.35
C THR A 52 7.17 28.92 0.93
N ARG A 53 7.84 29.64 1.82
CA ARG A 53 7.23 30.05 3.07
C ARG A 53 6.02 30.96 2.81
N PRO A 54 5.02 30.90 3.66
CA PRO A 54 3.79 31.72 3.50
C PRO A 54 4.07 33.21 3.75
N LYS A 55 3.03 34.02 3.65
CA LYS A 55 3.17 35.46 3.87
C LYS A 55 1.97 36.01 4.63
N MET A 56 2.12 37.20 5.20
CA MET A 56 1.04 37.83 5.95
C MET A 56 0.05 38.48 5.00
N THR A 57 -1.22 38.15 5.16
CA THR A 57 -2.26 38.71 4.30
C THR A 57 -2.80 40.02 4.90
N PRO A 58 -3.22 40.95 4.07
CA PRO A 58 -3.77 42.25 4.54
C PRO A 58 -4.66 42.09 5.77
N GLU A 59 -5.51 41.07 5.74
CA GLU A 59 -6.42 40.81 6.85
C GLU A 59 -5.63 40.44 8.11
N GLN A 60 -4.74 39.47 7.98
CA GLN A 60 -3.94 39.03 9.12
C GLN A 60 -3.33 40.23 9.84
N MET A 61 -2.63 41.09 9.08
CA MET A 61 -2.02 42.26 9.67
C MET A 61 -3.08 43.20 10.23
N ALA A 62 -4.09 43.49 9.42
CA ALA A 62 -5.17 44.38 9.86
C ALA A 62 -5.68 43.97 11.24
N LYS A 63 -5.98 42.69 11.39
CA LYS A 63 -6.47 42.19 12.67
C LYS A 63 -5.41 42.33 13.76
N GLU A 64 -4.22 41.80 13.48
CA GLU A 64 -3.12 41.88 14.45
C GLU A 64 -2.95 43.30 14.94
N MET A 65 -2.91 44.25 14.01
CA MET A 65 -2.74 45.65 14.37
C MET A 65 -3.91 46.12 15.24
N SER A 66 -5.11 46.12 14.68
CA SER A 66 -6.29 46.55 15.41
C SER A 66 -6.32 45.92 16.80
N GLU A 67 -5.86 44.68 16.88
CA GLU A 67 -5.84 43.97 18.16
C GLU A 67 -4.66 44.43 19.01
N PHE A 68 -3.55 44.74 18.35
CA PHE A 68 -2.35 45.18 19.05
C PHE A 68 -2.57 46.56 19.66
N LEU A 69 -2.92 47.53 18.81
CA LEU A 69 -3.14 48.89 19.27
C LEU A 69 -4.08 48.90 20.47
N SER A 70 -5.03 47.96 20.49
CA SER A 70 -5.98 47.86 21.59
C SER A 70 -5.36 47.13 22.77
N ARG A 71 -4.05 47.28 22.93
CA ARG A 71 -3.34 46.63 24.03
C ARG A 71 -2.09 47.42 24.40
N GLY A 72 -1.68 48.32 23.51
CA GLY A 72 -0.49 49.13 23.76
C GLY A 72 -0.47 49.65 25.20
N PRO A 73 -1.48 50.39 25.58
CA PRO A 73 -1.59 50.96 26.95
C PRO A 73 -1.30 49.92 28.03
N ALA A 74 -0.95 50.39 29.22
CA ALA A 74 -0.65 49.49 30.34
C ALA A 74 -1.93 48.98 30.98
N GLN A 1 -18.44 14.03 -23.15
CA GLN A 1 -17.79 12.75 -22.86
C GLN A 1 -16.34 12.77 -23.34
N GLN A 2 -16.08 13.56 -24.38
CA GLN A 2 -14.73 13.67 -24.93
C GLN A 2 -13.71 13.82 -23.81
N GLN A 3 -13.85 14.89 -23.04
CA GLN A 3 -12.92 15.14 -21.94
C GLN A 3 -12.73 13.89 -21.09
N ALA A 4 -13.79 13.10 -20.96
CA ALA A 4 -13.73 11.88 -20.17
C ALA A 4 -12.84 10.84 -20.83
N VAL A 5 -13.24 10.38 -22.01
CA VAL A 5 -12.45 9.37 -22.73
C VAL A 5 -11.08 9.92 -23.08
N LEU A 6 -11.00 11.23 -23.30
CA LEU A 6 -9.73 11.85 -23.63
C LEU A 6 -8.76 11.80 -22.45
N GLU A 7 -9.10 12.53 -21.39
CA GLU A 7 -8.26 12.57 -20.20
C GLU A 7 -8.02 11.15 -19.67
N GLN A 8 -9.04 10.30 -19.80
CA GLN A 8 -8.93 8.93 -19.33
C GLN A 8 -7.87 8.17 -20.12
N GLU A 9 -7.91 8.32 -21.44
CA GLU A 9 -6.95 7.65 -22.31
C GLU A 9 -5.55 8.22 -22.09
N ARG A 10 -5.42 9.53 -22.27
CA ARG A 10 -4.13 10.19 -22.09
C ARG A 10 -3.49 9.76 -20.78
N ARG A 11 -4.27 9.82 -19.69
CA ARG A 11 -3.77 9.43 -18.38
C ARG A 11 -3.33 7.97 -18.38
N ASP A 12 -4.27 7.07 -18.64
CA ASP A 12 -3.98 5.65 -18.67
C ASP A 12 -2.66 5.38 -19.38
N ARG A 13 -2.54 5.89 -20.60
CA ARG A 13 -1.32 5.71 -21.38
C ARG A 13 -0.11 6.23 -20.61
N GLU A 14 -0.18 7.49 -20.18
CA GLU A 14 0.90 8.10 -19.43
C GLU A 14 1.37 7.18 -18.31
N LEU A 15 0.50 7.00 -17.31
CA LEU A 15 0.83 6.14 -16.18
C LEU A 15 1.46 4.84 -16.66
N ALA A 16 0.68 4.05 -17.40
CA ALA A 16 1.17 2.78 -17.92
C ALA A 16 2.56 2.94 -18.53
N LEU A 17 2.78 4.08 -19.18
CA LEU A 17 4.07 4.35 -19.81
C LEU A 17 5.13 4.64 -18.75
N ARG A 18 4.74 5.37 -17.71
CA ARG A 18 5.67 5.71 -16.63
C ARG A 18 6.12 4.45 -15.90
N ILE A 19 5.15 3.61 -15.54
CA ILE A 19 5.46 2.37 -14.84
C ILE A 19 6.22 1.41 -15.76
N ALA A 20 5.83 1.38 -17.03
CA ALA A 20 6.49 0.49 -17.99
C ALA A 20 7.90 0.97 -18.27
N GLN A 21 8.07 2.27 -18.47
CA GLN A 21 9.38 2.84 -18.75
C GLN A 21 10.30 2.71 -17.53
N SER A 22 9.73 2.86 -16.34
CA SER A 22 10.49 2.76 -15.11
C SER A 22 10.91 1.30 -14.85
N GLU A 23 9.93 0.42 -14.75
CA GLU A 23 10.20 -0.99 -14.51
C GLU A 23 11.08 -1.58 -15.62
N ALA A 24 10.91 -1.05 -16.83
CA ALA A 24 11.69 -1.52 -17.97
C ALA A 24 13.14 -1.06 -17.85
N GLU A 25 13.32 0.21 -17.52
CA GLU A 25 14.67 0.76 -17.39
C GLU A 25 15.28 0.37 -16.04
N LEU A 26 14.41 0.12 -15.07
CA LEU A 26 14.86 -0.27 -13.74
C LEU A 26 15.94 0.70 -13.24
N ILE A 27 15.76 1.98 -13.50
CA ILE A 27 16.72 3.00 -13.07
C ILE A 27 16.26 3.67 -11.78
N SER A 28 15.08 4.28 -11.83
CA SER A 28 14.53 4.96 -10.66
C SER A 28 14.08 3.94 -9.62
N ASP A 29 14.95 3.00 -9.29
CA ASP A 29 14.62 1.98 -8.31
C ASP A 29 14.05 2.63 -7.05
N GLU A 30 14.48 3.85 -6.77
CA GLU A 30 14.00 4.57 -5.59
C GLU A 30 12.48 4.63 -5.59
N ALA A 31 11.90 5.08 -6.70
CA ALA A 31 10.45 5.17 -6.81
C ALA A 31 9.80 3.84 -6.46
N GLN A 32 10.14 2.80 -7.23
CA GLN A 32 9.58 1.47 -6.99
C GLN A 32 9.60 1.15 -5.49
N ALA A 33 10.75 1.40 -4.86
CA ALA A 33 10.89 1.13 -3.43
C ALA A 33 9.88 1.95 -2.62
N ASP A 34 9.76 3.23 -2.96
CA ASP A 34 8.82 4.10 -2.27
C ASP A 34 7.40 3.57 -2.39
N LEU A 35 6.87 3.57 -3.61
CA LEU A 35 5.52 3.09 -3.84
C LEU A 35 5.28 1.77 -3.10
N ALA A 36 6.25 0.86 -3.20
CA ALA A 36 6.14 -0.43 -2.52
C ALA A 36 6.00 -0.23 -1.01
N LEU A 37 6.82 0.64 -0.45
CA LEU A 37 6.77 0.90 0.99
C LEU A 37 5.46 1.59 1.35
N ARG A 38 5.03 2.53 0.51
CA ARG A 38 3.80 3.25 0.75
C ARG A 38 2.59 2.33 0.63
N ARG A 39 2.72 1.31 -0.22
CA ARG A 39 1.65 0.35 -0.43
C ARG A 39 1.73 -0.76 0.60
N SER A 40 2.95 -1.17 0.93
CA SER A 40 3.15 -2.24 1.91
C SER A 40 3.49 -1.65 3.28
N LEU A 41 2.47 -1.17 3.98
CA LEU A 41 2.68 -0.59 5.30
C LEU A 41 3.05 -1.66 6.32
N ASP A 42 2.89 -2.92 5.91
CA ASP A 42 3.21 -4.04 6.78
C ASP A 42 4.70 -4.08 7.10
N SER A 43 5.41 -3.02 6.72
CA SER A 43 6.85 -2.95 6.98
C SER A 43 7.18 -3.48 8.36
N TYR A 44 6.46 -2.99 9.36
CA TYR A 44 6.69 -3.43 10.74
C TYR A 44 6.03 -4.79 10.98
N PRO A 45 6.61 -5.61 11.82
CA PRO A 45 6.05 -6.96 12.13
C PRO A 45 4.78 -6.87 12.96
N VAL A 46 3.68 -7.39 12.41
CA VAL A 46 2.40 -7.37 13.09
C VAL A 46 2.32 -8.51 14.10
N SER A 47 1.89 -8.19 15.32
CA SER A 47 1.78 -9.19 16.38
C SER A 47 0.42 -9.08 17.06
N LYS A 48 -0.32 -10.19 17.06
CA LYS A 48 -1.64 -10.21 17.68
C LYS A 48 -1.52 -10.47 19.18
N ASN A 49 -2.42 -9.87 19.96
CA ASN A 49 -2.41 -10.05 21.40
C ASN A 49 -2.97 -11.42 21.78
N ASP A 50 -2.08 -12.42 21.82
CA ASP A 50 -2.50 -13.77 22.17
C ASP A 50 -3.17 -13.79 23.54
N GLY A 51 -2.80 -12.86 24.40
CA GLY A 51 -3.36 -12.78 25.73
C GLY A 51 -2.72 -13.79 26.67
N THR A 52 -1.40 -13.93 26.57
CA THR A 52 -0.67 -14.87 27.40
C THR A 52 0.75 -14.39 27.63
N ARG A 53 1.10 -14.17 28.89
CA ARG A 53 2.45 -13.71 29.23
C ARG A 53 3.42 -14.88 29.29
N PRO A 54 4.67 -14.66 28.94
CA PRO A 54 5.71 -15.73 28.96
C PRO A 54 6.07 -16.15 30.38
N LYS A 55 7.00 -17.08 30.50
CA LYS A 55 7.43 -17.58 31.80
C LYS A 55 8.88 -17.22 32.07
N MET A 56 9.11 -16.33 33.03
CA MET A 56 10.46 -15.91 33.38
C MET A 56 11.02 -16.77 34.51
N THR A 57 12.20 -17.33 34.30
CA THR A 57 12.83 -18.17 35.30
C THR A 57 13.48 -17.30 36.38
N PRO A 58 13.52 -17.77 37.61
CA PRO A 58 14.14 -17.02 38.74
C PRO A 58 15.40 -16.28 38.32
N GLU A 59 16.20 -16.93 37.48
CA GLU A 59 17.45 -16.32 37.01
C GLU A 59 17.15 -15.06 36.19
N GLN A 60 16.12 -15.13 35.35
CA GLN A 60 15.75 -13.99 34.53
C GLN A 60 15.27 -12.82 35.38
N MET A 61 14.13 -13.00 36.03
CA MET A 61 13.57 -11.95 36.88
C MET A 61 14.62 -11.43 37.85
N ALA A 62 15.41 -12.34 38.43
CA ALA A 62 16.45 -11.96 39.37
C ALA A 62 17.45 -11.01 38.69
N LYS A 63 18.12 -11.51 37.67
CA LYS A 63 19.10 -10.71 36.95
C LYS A 63 18.54 -9.32 36.64
N GLU A 64 17.35 -9.28 36.08
CA GLU A 64 16.70 -8.02 35.75
C GLU A 64 16.57 -7.15 36.99
N MET A 65 15.88 -7.66 38.00
CA MET A 65 15.68 -6.92 39.24
C MET A 65 17.01 -6.35 39.73
N SER A 66 18.01 -7.22 39.87
CA SER A 66 19.32 -6.79 40.34
C SER A 66 19.88 -5.70 39.44
N GLU A 67 19.64 -5.83 38.14
CA GLU A 67 20.13 -4.85 37.18
C GLU A 67 19.22 -3.63 37.15
N PHE A 68 17.97 -3.82 37.58
CA PHE A 68 17.01 -2.72 37.60
C PHE A 68 17.20 -1.86 38.85
N LEU A 69 17.05 -2.49 40.02
CA LEU A 69 17.22 -1.78 41.28
C LEU A 69 18.48 -0.94 41.27
N SER A 70 19.36 -1.22 40.30
CA SER A 70 20.61 -0.48 40.18
C SER A 70 20.35 1.00 39.99
N ARG A 71 21.13 1.83 40.68
CA ARG A 71 20.97 3.28 40.58
C ARG A 71 21.37 3.77 39.19
N GLY A 72 21.78 2.84 38.34
CA GLY A 72 22.19 3.19 36.98
C GLY A 72 22.27 1.94 36.10
N PRO A 73 22.52 2.13 34.84
CA PRO A 73 22.62 1.01 33.86
C PRO A 73 23.92 0.22 34.04
N ALA A 74 23.93 -0.67 35.02
CA ALA A 74 25.10 -1.50 35.29
C ALA A 74 25.09 -2.75 34.42
N GLN A 1 -18.49 14.14 -22.73
CA GLN A 1 -17.85 12.89 -22.35
C GLN A 1 -16.44 12.81 -22.92
N GLN A 2 -16.22 13.50 -24.03
CA GLN A 2 -14.91 13.50 -24.67
C GLN A 2 -13.82 13.75 -23.64
N GLN A 3 -13.87 14.90 -22.98
CA GLN A 3 -12.88 15.24 -21.97
C GLN A 3 -12.65 14.06 -21.02
N ALA A 4 -13.69 13.27 -20.81
CA ALA A 4 -13.59 12.12 -19.92
C ALA A 4 -12.75 11.02 -20.56
N VAL A 5 -13.23 10.48 -21.68
CA VAL A 5 -12.51 9.42 -22.37
C VAL A 5 -11.15 9.91 -22.85
N LEU A 6 -11.07 11.20 -23.17
CA LEU A 6 -9.81 11.78 -23.63
C LEU A 6 -8.79 11.82 -22.49
N GLU A 7 -9.21 12.40 -21.36
CA GLU A 7 -8.34 12.50 -20.20
C GLU A 7 -7.97 11.11 -19.69
N GLN A 8 -8.92 10.18 -19.77
CA GLN A 8 -8.68 8.82 -19.31
C GLN A 8 -7.71 8.10 -20.22
N GLU A 9 -7.85 8.31 -21.53
CA GLU A 9 -6.97 7.67 -22.49
C GLU A 9 -5.54 8.18 -22.34
N ARG A 10 -5.36 9.48 -22.48
CA ARG A 10 -4.03 10.08 -22.36
C ARG A 10 -3.43 9.76 -20.99
N ARG A 11 -4.24 9.89 -19.94
CA ARG A 11 -3.77 9.60 -18.59
C ARG A 11 -3.41 8.13 -18.47
N ASP A 12 -4.32 7.25 -18.88
CA ASP A 12 -4.08 5.82 -18.80
C ASP A 12 -2.71 5.48 -19.41
N ARG A 13 -2.45 6.01 -20.60
CA ARG A 13 -1.18 5.75 -21.27
C ARG A 13 -0.02 6.28 -20.43
N GLU A 14 -0.12 7.54 -20.01
CA GLU A 14 0.94 8.15 -19.19
C GLU A 14 1.35 7.21 -18.07
N LEU A 15 0.39 6.84 -17.23
CA LEU A 15 0.67 5.94 -16.11
C LEU A 15 1.24 4.63 -16.62
N ALA A 16 0.41 3.86 -17.34
CA ALA A 16 0.85 2.58 -17.88
C ALA A 16 2.27 2.67 -18.42
N LEU A 17 2.61 3.81 -19.00
CA LEU A 17 3.95 4.01 -19.54
C LEU A 17 4.97 4.06 -18.42
N ARG A 18 4.72 4.92 -17.43
CA ARG A 18 5.63 5.06 -16.30
C ARG A 18 5.88 3.69 -15.67
N ILE A 19 4.80 3.04 -15.25
CA ILE A 19 4.92 1.73 -14.63
C ILE A 19 5.76 0.81 -15.51
N ALA A 20 5.33 0.64 -16.76
CA ALA A 20 6.05 -0.21 -17.69
C ALA A 20 7.54 0.12 -17.67
N GLN A 21 7.85 1.42 -17.69
CA GLN A 21 9.23 1.87 -17.67
C GLN A 21 9.87 1.58 -16.32
N SER A 22 9.05 1.44 -15.29
CA SER A 22 9.56 1.16 -13.95
C SER A 22 9.95 -0.31 -13.83
N GLU A 23 9.02 -1.19 -14.20
CA GLU A 23 9.28 -2.62 -14.14
C GLU A 23 10.33 -3.01 -15.18
N ALA A 24 10.38 -2.23 -16.26
CA ALA A 24 11.33 -2.49 -17.32
C ALA A 24 12.72 -2.00 -16.94
N GLU A 25 12.79 -0.81 -16.32
CA GLU A 25 14.07 -0.24 -15.91
C GLU A 25 14.45 -0.73 -14.52
N LEU A 26 13.45 -1.08 -13.72
CA LEU A 26 13.70 -1.56 -12.37
C LEU A 26 14.74 -0.69 -11.66
N ILE A 27 14.54 0.63 -11.71
CA ILE A 27 15.45 1.56 -11.06
C ILE A 27 14.86 2.06 -9.74
N SER A 28 14.39 3.30 -9.73
CA SER A 28 13.79 3.87 -8.53
C SER A 28 12.46 4.52 -8.85
N ASP A 29 11.99 4.28 -10.07
CA ASP A 29 10.70 4.84 -10.50
C ASP A 29 9.64 4.56 -9.46
N GLU A 30 9.94 3.64 -8.54
CA GLU A 30 9.01 3.29 -7.47
C GLU A 30 8.69 4.51 -6.63
N ALA A 31 9.72 5.28 -6.28
CA ALA A 31 9.52 6.48 -5.47
C ALA A 31 8.47 7.38 -6.11
N GLN A 32 8.62 7.63 -7.41
CA GLN A 32 7.68 8.47 -8.13
C GLN A 32 6.29 7.85 -8.13
N ALA A 33 6.18 6.65 -8.69
CA ALA A 33 4.90 5.94 -8.74
C ALA A 33 4.22 5.99 -7.39
N ASP A 34 4.97 5.62 -6.34
CA ASP A 34 4.42 5.62 -4.99
C ASP A 34 3.89 7.00 -4.63
N LEU A 35 4.72 8.02 -4.80
CA LEU A 35 4.32 9.39 -4.49
C LEU A 35 2.98 9.71 -5.16
N ALA A 36 2.90 9.45 -6.45
CA ALA A 36 1.67 9.72 -7.21
C ALA A 36 0.52 8.90 -6.65
N LEU A 37 0.82 7.68 -6.21
CA LEU A 37 -0.20 6.79 -5.66
C LEU A 37 -0.65 7.28 -4.29
N ARG A 38 0.30 7.76 -3.49
CA ARG A 38 -0.01 8.25 -2.16
C ARG A 38 -0.66 9.63 -2.23
N ARG A 39 -0.10 10.50 -3.05
CA ARG A 39 -0.65 11.85 -3.21
C ARG A 39 -2.09 11.79 -3.71
N SER A 40 -2.48 10.63 -4.23
CA SER A 40 -3.83 10.45 -4.74
C SER A 40 -4.76 10.00 -3.62
N LEU A 41 -5.46 10.96 -3.03
CA LEU A 41 -6.39 10.66 -1.94
C LEU A 41 -7.62 9.94 -2.48
N ASP A 42 -7.80 9.99 -3.80
CA ASP A 42 -8.94 9.35 -4.43
C ASP A 42 -8.79 7.83 -4.40
N SER A 43 -7.72 7.36 -3.77
CA SER A 43 -7.46 5.93 -3.67
C SER A 43 -8.73 5.18 -3.29
N TYR A 44 -9.16 5.34 -2.05
CA TYR A 44 -10.37 4.68 -1.58
C TYR A 44 -11.61 5.35 -2.17
N PRO A 45 -12.69 4.63 -2.29
CA PRO A 45 -13.96 5.17 -2.85
C PRO A 45 -14.60 6.20 -1.93
N VAL A 46 -14.75 7.42 -2.44
CA VAL A 46 -15.35 8.49 -1.65
C VAL A 46 -16.85 8.31 -1.53
N SER A 47 -17.36 8.39 -0.31
CA SER A 47 -18.79 8.22 -0.07
C SER A 47 -19.53 9.53 -0.34
N LYS A 48 -20.84 9.42 -0.54
CA LYS A 48 -21.67 10.61 -0.81
C LYS A 48 -22.91 10.59 0.06
N ASN A 49 -23.42 11.79 0.37
CA ASN A 49 -24.61 11.90 1.19
C ASN A 49 -24.50 11.01 2.44
N ASP A 50 -23.55 11.34 3.31
CA ASP A 50 -23.35 10.57 4.53
C ASP A 50 -23.48 11.47 5.76
N GLY A 51 -24.08 12.63 5.57
CA GLY A 51 -24.26 13.57 6.67
C GLY A 51 -22.97 14.35 6.95
N THR A 52 -22.08 14.36 5.97
CA THR A 52 -20.81 15.07 6.11
C THR A 52 -20.08 15.14 4.78
N ARG A 53 -20.31 16.22 4.04
CA ARG A 53 -19.66 16.40 2.74
C ARG A 53 -18.23 16.89 2.94
N PRO A 54 -17.35 16.56 2.03
CA PRO A 54 -15.92 16.99 2.10
C PRO A 54 -15.77 18.49 1.94
N LYS A 55 -14.52 18.96 1.97
CA LYS A 55 -14.24 20.39 1.82
C LYS A 55 -13.13 20.62 0.79
N MET A 56 -13.39 21.51 -0.16
CA MET A 56 -12.40 21.80 -1.19
C MET A 56 -11.37 22.81 -0.69
N THR A 57 -10.11 22.59 -1.04
CA THR A 57 -9.04 23.49 -0.61
C THR A 57 -9.06 24.76 -1.45
N PRO A 58 -8.53 25.84 -0.93
CA PRO A 58 -8.48 27.15 -1.65
C PRO A 58 -7.77 27.03 -2.99
N GLU A 59 -6.67 26.29 -3.02
CA GLU A 59 -5.91 26.10 -4.26
C GLU A 59 -6.75 25.37 -5.29
N GLN A 60 -7.56 24.42 -4.83
CA GLN A 60 -8.41 23.65 -5.73
C GLN A 60 -9.48 24.54 -6.35
N MET A 61 -10.41 25.00 -5.52
CA MET A 61 -11.48 25.86 -6.01
C MET A 61 -10.92 26.99 -6.86
N ALA A 62 -9.81 27.57 -6.41
CA ALA A 62 -9.18 28.66 -7.15
C ALA A 62 -8.79 28.20 -8.55
N LYS A 63 -8.08 27.08 -8.62
CA LYS A 63 -7.65 26.54 -9.91
C LYS A 63 -8.87 26.29 -10.80
N GLU A 64 -9.86 25.59 -10.26
CA GLU A 64 -11.06 25.28 -11.01
C GLU A 64 -11.65 26.56 -11.62
N MET A 65 -11.72 27.61 -10.82
CA MET A 65 -12.25 28.89 -11.29
C MET A 65 -11.44 29.40 -12.48
N SER A 66 -10.14 29.56 -12.27
CA SER A 66 -9.27 30.04 -13.33
C SER A 66 -9.41 29.17 -14.58
N GLU A 67 -9.77 27.90 -14.36
CA GLU A 67 -9.94 26.97 -15.47
C GLU A 67 -11.35 27.10 -16.07
N PHE A 68 -12.33 27.34 -15.21
CA PHE A 68 -13.70 27.48 -15.66
C PHE A 68 -13.90 28.80 -16.40
N LEU A 69 -13.15 29.82 -15.99
CA LEU A 69 -13.24 31.13 -16.63
C LEU A 69 -12.50 31.12 -17.96
N SER A 70 -11.63 30.13 -18.15
CA SER A 70 -10.87 30.03 -19.38
C SER A 70 -9.84 31.16 -19.48
N ARG A 71 -8.88 31.01 -20.38
CA ARG A 71 -7.85 32.02 -20.56
C ARG A 71 -8.39 33.20 -21.38
N GLY A 72 -7.89 33.35 -22.59
CA GLY A 72 -8.32 34.44 -23.45
C GLY A 72 -9.65 34.09 -24.15
N PRO A 73 -10.09 34.94 -25.03
CA PRO A 73 -11.37 34.73 -25.78
C PRO A 73 -11.44 33.35 -26.40
N ALA A 74 -10.35 32.59 -26.30
CA ALA A 74 -10.30 31.25 -26.86
C ALA A 74 -10.79 31.25 -28.31
N GLN A 1 -18.76 13.16 -23.23
CA GLN A 1 -17.94 12.15 -22.58
C GLN A 1 -16.51 12.21 -23.10
N GLN A 2 -16.32 12.92 -24.20
CA GLN A 2 -15.01 13.06 -24.81
C GLN A 2 -13.96 13.39 -23.74
N GLN A 3 -14.16 14.51 -23.06
CA GLN A 3 -13.24 14.95 -22.02
C GLN A 3 -12.92 13.78 -21.08
N ALA A 4 -13.89 12.92 -20.86
CA ALA A 4 -13.71 11.76 -19.97
C ALA A 4 -12.76 10.75 -20.60
N VAL A 5 -13.19 10.16 -21.72
CA VAL A 5 -12.36 9.17 -22.40
C VAL A 5 -11.04 9.79 -22.86
N LEU A 6 -11.07 11.08 -23.15
CA LEU A 6 -9.86 11.77 -23.61
C LEU A 6 -8.83 11.84 -22.48
N GLU A 7 -9.23 12.45 -21.37
CA GLU A 7 -8.34 12.58 -20.22
C GLU A 7 -7.95 11.20 -19.69
N GLN A 8 -8.88 10.25 -19.76
CA GLN A 8 -8.62 8.90 -19.29
C GLN A 8 -7.66 8.17 -20.21
N GLU A 9 -7.80 8.43 -21.51
CA GLU A 9 -6.93 7.78 -22.50
C GLU A 9 -5.50 8.28 -22.35
N ARG A 10 -5.32 9.60 -22.45
CA ARG A 10 -3.98 10.18 -22.32
C ARG A 10 -3.38 9.83 -20.97
N ARG A 11 -4.19 9.92 -19.92
CA ARG A 11 -3.72 9.61 -18.57
C ARG A 11 -3.40 8.12 -18.46
N ASP A 12 -4.37 7.28 -18.83
CA ASP A 12 -4.17 5.84 -18.77
C ASP A 12 -2.84 5.46 -19.40
N ARG A 13 -2.55 6.04 -20.56
CA ARG A 13 -1.31 5.76 -21.26
C ARG A 13 -0.12 6.23 -20.42
N GLU A 14 -0.13 7.51 -20.06
CA GLU A 14 0.95 8.07 -19.27
C GLU A 14 1.35 7.12 -18.14
N LEU A 15 0.40 6.83 -17.26
CA LEU A 15 0.65 5.94 -16.14
C LEU A 15 1.11 4.57 -16.65
N ALA A 16 0.25 3.91 -17.41
CA ALA A 16 0.58 2.60 -17.96
C ALA A 16 1.99 2.60 -18.53
N LEU A 17 2.40 3.73 -19.08
CA LEU A 17 3.73 3.85 -19.67
C LEU A 17 4.78 3.84 -18.57
N ARG A 18 4.56 4.64 -17.53
CA ARG A 18 5.49 4.72 -16.42
C ARG A 18 5.66 3.34 -15.79
N ILE A 19 4.55 2.76 -15.34
CA ILE A 19 4.60 1.44 -14.73
C ILE A 19 5.30 0.46 -15.65
N ALA A 20 4.76 0.31 -16.86
CA ALA A 20 5.35 -0.59 -17.85
C ALA A 20 6.87 -0.41 -17.90
N GLN A 21 7.30 0.85 -17.90
CA GLN A 21 8.72 1.15 -17.95
C GLN A 21 9.38 0.81 -16.62
N SER A 22 8.58 0.78 -15.55
CA SER A 22 9.11 0.46 -14.24
C SER A 22 9.38 -1.04 -14.13
N GLU A 23 8.40 -1.84 -14.53
CA GLU A 23 8.55 -3.29 -14.49
C GLU A 23 9.58 -3.73 -15.52
N ALA A 24 9.61 -3.01 -16.65
CA ALA A 24 10.55 -3.34 -17.71
C ALA A 24 11.97 -2.98 -17.30
N GLU A 25 12.12 -1.84 -16.61
CA GLU A 25 13.44 -1.39 -16.17
C GLU A 25 13.76 -1.95 -14.79
N LEU A 26 12.72 -2.28 -14.03
CA LEU A 26 12.87 -2.83 -12.68
C LEU A 26 14.12 -2.29 -11.98
N ILE A 27 14.54 -1.09 -12.37
CA ILE A 27 15.71 -0.47 -11.77
C ILE A 27 15.32 0.85 -11.09
N SER A 28 14.18 1.39 -11.47
CA SER A 28 13.71 2.64 -10.89
C SER A 28 13.23 2.43 -9.45
N ASP A 29 14.14 1.92 -8.61
CA ASP A 29 13.81 1.67 -7.22
C ASP A 29 13.22 2.93 -6.57
N GLU A 30 13.75 4.08 -6.95
CA GLU A 30 13.27 5.34 -6.40
C GLU A 30 11.75 5.37 -6.35
N ALA A 31 11.11 4.81 -7.37
CA ALA A 31 9.66 4.76 -7.44
C ALA A 31 9.09 3.98 -6.26
N GLN A 32 9.57 2.74 -6.10
CA GLN A 32 9.10 1.90 -5.01
C GLN A 32 9.41 2.54 -3.67
N ALA A 33 10.63 3.07 -3.53
CA ALA A 33 11.04 3.72 -2.29
C ALA A 33 10.09 4.85 -1.94
N ASP A 34 9.86 5.75 -2.89
CA ASP A 34 8.98 6.89 -2.67
C ASP A 34 7.57 6.41 -2.30
N LEU A 35 7.00 5.56 -3.15
CA LEU A 35 5.66 5.04 -2.89
C LEU A 35 5.58 4.43 -1.49
N ALA A 36 6.61 3.69 -1.11
CA ALA A 36 6.65 3.06 0.19
C ALA A 36 6.77 4.11 1.30
N LEU A 37 7.65 5.08 1.07
CA LEU A 37 7.85 6.14 2.06
C LEU A 37 6.68 7.12 2.03
N ARG A 38 5.95 7.13 0.91
CA ARG A 38 4.81 8.03 0.78
C ARG A 38 3.61 7.47 1.52
N ARG A 39 3.32 6.18 1.32
CA ARG A 39 2.19 5.55 1.99
C ARG A 39 2.48 5.37 3.47
N SER A 40 3.76 5.22 3.80
CA SER A 40 4.17 5.04 5.19
C SER A 40 3.94 6.32 5.99
N LEU A 41 2.73 6.51 6.48
CA LEU A 41 2.40 7.71 7.25
C LEU A 41 3.49 7.97 8.29
N ASP A 42 4.31 6.97 8.56
CA ASP A 42 5.38 7.12 9.53
C ASP A 42 6.52 7.96 8.96
N SER A 43 6.25 8.64 7.86
CA SER A 43 7.25 9.48 7.22
C SER A 43 7.35 10.83 7.92
N TYR A 44 6.26 11.26 8.53
CA TYR A 44 6.23 12.53 9.24
C TYR A 44 7.23 12.51 10.40
N PRO A 45 7.78 13.64 10.77
CA PRO A 45 8.75 13.73 11.89
C PRO A 45 8.32 12.89 13.09
N VAL A 46 9.17 11.94 13.44
CA VAL A 46 8.87 11.05 14.57
C VAL A 46 9.31 11.70 15.88
N SER A 47 8.33 12.22 16.63
CA SER A 47 8.62 12.87 17.91
C SER A 47 8.29 11.94 19.06
N LYS A 48 9.15 11.92 20.06
CA LYS A 48 8.95 11.07 21.23
C LYS A 48 9.18 11.86 22.52
N ASN A 49 8.30 11.66 23.49
CA ASN A 49 8.41 12.36 24.78
C ASN A 49 8.68 13.85 24.55
N ASP A 50 7.90 14.45 23.66
CA ASP A 50 8.06 15.86 23.35
C ASP A 50 6.77 16.44 22.77
N GLY A 51 5.78 16.67 23.64
CA GLY A 51 4.50 17.21 23.20
C GLY A 51 3.46 16.11 23.09
N THR A 52 3.92 14.86 23.03
CA THR A 52 3.02 13.72 22.91
C THR A 52 1.94 14.00 21.87
N ARG A 53 2.33 14.00 20.60
CA ARG A 53 1.39 14.25 19.52
C ARG A 53 0.28 13.19 19.52
N PRO A 54 -0.91 13.55 19.14
CA PRO A 54 -2.07 12.60 19.09
C PRO A 54 -1.89 11.56 17.99
N LYS A 55 -2.87 10.68 17.86
CA LYS A 55 -2.83 9.62 16.85
C LYS A 55 -4.23 9.24 16.40
N MET A 56 -4.56 9.53 15.15
CA MET A 56 -5.87 9.22 14.61
C MET A 56 -5.89 7.77 14.09
N THR A 57 -6.90 7.02 14.48
CA THR A 57 -7.04 5.63 14.05
C THR A 57 -7.78 5.55 12.72
N PRO A 58 -7.45 4.58 11.90
CA PRO A 58 -8.13 4.39 10.57
C PRO A 58 -9.64 4.60 10.67
N GLU A 59 -10.27 3.95 11.64
CA GLU A 59 -11.71 4.07 11.82
C GLU A 59 -12.11 5.54 11.96
N GLN A 60 -11.48 6.23 12.90
CA GLN A 60 -11.78 7.64 13.12
C GLN A 60 -11.72 8.42 11.81
N MET A 61 -10.62 8.25 11.08
CA MET A 61 -10.45 8.94 9.81
C MET A 61 -11.54 8.54 8.82
N ALA A 62 -11.95 7.27 8.88
CA ALA A 62 -12.99 6.78 7.99
C ALA A 62 -14.31 7.49 8.25
N LYS A 63 -14.80 7.40 9.48
CA LYS A 63 -16.05 8.04 9.85
C LYS A 63 -15.99 9.55 9.59
N GLU A 64 -14.84 10.14 9.87
CA GLU A 64 -14.66 11.57 9.67
C GLU A 64 -14.70 11.93 8.19
N MET A 65 -13.78 11.35 7.42
CA MET A 65 -13.72 11.62 5.99
C MET A 65 -14.99 11.15 5.29
N SER A 66 -15.46 9.96 5.66
CA SER A 66 -16.66 9.40 5.04
C SER A 66 -17.84 10.33 5.26
N GLU A 67 -18.05 10.76 6.50
CA GLU A 67 -19.16 11.65 6.83
C GLU A 67 -18.97 13.01 6.15
N PHE A 68 -17.71 13.44 6.05
CA PHE A 68 -17.41 14.72 5.43
C PHE A 68 -17.58 14.65 3.91
N LEU A 69 -16.81 13.79 3.27
CA LEU A 69 -16.88 13.62 1.82
C LEU A 69 -18.33 13.42 1.39
N SER A 70 -19.22 13.19 2.35
CA SER A 70 -20.62 12.98 2.06
C SER A 70 -21.48 14.09 2.66
N ARG A 71 -21.59 15.20 1.93
CA ARG A 71 -22.38 16.34 2.40
C ARG A 71 -23.77 16.32 1.79
N GLY A 72 -23.91 15.63 0.67
CA GLY A 72 -25.19 15.53 -0.02
C GLY A 72 -25.40 16.71 -0.96
N PRO A 73 -24.71 16.71 -2.08
CA PRO A 73 -24.81 17.80 -3.08
C PRO A 73 -26.06 17.66 -3.96
N ALA A 74 -27.20 17.37 -3.33
CA ALA A 74 -28.44 17.21 -4.06
C ALA A 74 -29.63 17.22 -3.10
N GLN A 1 -18.48 13.86 -23.30
CA GLN A 1 -17.83 12.61 -22.92
C GLN A 1 -16.38 12.61 -23.38
N GLN A 2 -16.09 13.36 -24.43
CA GLN A 2 -14.73 13.44 -24.96
C GLN A 2 -13.74 13.70 -23.83
N GLN A 3 -13.91 14.83 -23.14
CA GLN A 3 -13.02 15.18 -22.04
C GLN A 3 -12.77 13.98 -21.15
N ALA A 4 -13.78 13.13 -20.99
CA ALA A 4 -13.65 11.94 -20.15
C ALA A 4 -12.72 10.92 -20.80
N VAL A 5 -13.13 10.39 -21.95
CA VAL A 5 -12.33 9.39 -22.64
C VAL A 5 -10.97 9.98 -23.02
N LEU A 6 -10.93 11.30 -23.19
CA LEU A 6 -9.69 11.97 -23.56
C LEU A 6 -8.69 11.94 -22.40
N GLU A 7 -9.08 12.52 -21.27
CA GLU A 7 -8.20 12.53 -20.11
C GLU A 7 -7.96 11.13 -19.60
N GLN A 8 -8.93 10.25 -19.81
CA GLN A 8 -8.83 8.87 -19.36
C GLN A 8 -7.85 8.07 -20.22
N GLU A 9 -7.91 8.26 -21.53
CA GLU A 9 -7.02 7.51 -22.43
C GLU A 9 -5.59 8.03 -22.32
N ARG A 10 -5.43 9.36 -22.26
CA ARG A 10 -4.10 9.94 -22.15
C ARG A 10 -3.51 9.64 -20.78
N ARG A 11 -4.33 9.76 -19.74
CA ARG A 11 -3.86 9.49 -18.39
C ARG A 11 -3.45 8.02 -18.26
N ASP A 12 -4.31 7.13 -18.77
CA ASP A 12 -4.02 5.70 -18.72
C ASP A 12 -2.69 5.40 -19.43
N ARG A 13 -2.54 5.94 -20.63
CA ARG A 13 -1.31 5.71 -21.40
C ARG A 13 -0.11 6.28 -20.66
N GLU A 14 -0.25 7.51 -20.17
CA GLU A 14 0.83 8.17 -19.44
C GLU A 14 1.31 7.29 -18.29
N LEU A 15 0.45 7.10 -17.30
CA LEU A 15 0.80 6.28 -16.15
C LEU A 15 1.33 4.92 -16.61
N ALA A 16 0.50 4.17 -17.31
CA ALA A 16 0.89 2.85 -17.80
C ALA A 16 2.32 2.89 -18.34
N LEU A 17 2.67 3.99 -19.01
CA LEU A 17 4.01 4.13 -19.56
C LEU A 17 5.03 4.29 -18.43
N ARG A 18 4.74 5.17 -17.49
CA ARG A 18 5.63 5.40 -16.37
C ARG A 18 5.92 4.09 -15.65
N ILE A 19 4.87 3.43 -15.21
CA ILE A 19 5.03 2.15 -14.51
C ILE A 19 5.83 1.19 -15.37
N ALA A 20 5.39 1.00 -16.60
CA ALA A 20 6.09 0.11 -17.52
C ALA A 20 7.58 0.42 -17.54
N GLN A 21 7.91 1.70 -17.64
CA GLN A 21 9.30 2.13 -17.66
C GLN A 21 9.93 1.97 -16.28
N SER A 22 9.08 1.89 -15.25
CA SER A 22 9.57 1.73 -13.89
C SER A 22 10.08 0.31 -13.69
N GLU A 23 9.22 -0.67 -13.96
CA GLU A 23 9.59 -2.07 -13.82
C GLU A 23 10.68 -2.41 -14.82
N ALA A 24 10.56 -1.87 -16.03
CA ALA A 24 11.54 -2.13 -17.07
C ALA A 24 12.90 -1.58 -16.67
N GLU A 25 12.91 -0.37 -16.10
CA GLU A 25 14.16 0.24 -15.67
C GLU A 25 14.66 -0.40 -14.38
N LEU A 26 13.74 -0.97 -13.62
CA LEU A 26 14.09 -1.62 -12.36
C LEU A 26 14.78 -0.63 -11.42
N ILE A 27 14.43 0.64 -11.54
CA ILE A 27 15.01 1.67 -10.69
C ILE A 27 14.27 1.74 -9.36
N SER A 28 13.10 1.11 -9.29
CA SER A 28 12.31 1.12 -8.07
C SER A 28 12.83 0.08 -7.09
N ASP A 29 14.07 0.26 -6.66
CA ASP A 29 14.68 -0.67 -5.72
C ASP A 29 13.89 -0.71 -4.40
N GLU A 30 13.12 0.34 -4.15
CA GLU A 30 12.33 0.42 -2.93
C GLU A 30 11.34 -0.74 -2.86
N ALA A 31 10.85 -1.16 -4.02
CA ALA A 31 9.90 -2.27 -4.08
C ALA A 31 10.58 -3.59 -3.73
N GLN A 32 11.62 -3.91 -4.50
CA GLN A 32 12.35 -5.16 -4.27
C GLN A 32 12.92 -5.19 -2.85
N ALA A 33 13.51 -4.07 -2.44
CA ALA A 33 14.10 -3.98 -1.10
C ALA A 33 13.03 -4.21 -0.04
N ASP A 34 11.93 -3.47 -0.15
CA ASP A 34 10.84 -3.60 0.82
C ASP A 34 10.31 -5.03 0.83
N LEU A 35 9.63 -5.41 -0.25
CA LEU A 35 9.08 -6.76 -0.36
C LEU A 35 10.06 -7.79 0.20
N ALA A 36 11.32 -7.63 -0.17
CA ALA A 36 12.36 -8.56 0.29
C ALA A 36 12.44 -8.56 1.82
N LEU A 37 12.43 -7.36 2.39
CA LEU A 37 12.52 -7.23 3.85
C LEU A 37 11.33 -7.92 4.51
N ARG A 38 10.16 -7.80 3.89
CA ARG A 38 8.95 -8.40 4.43
C ARG A 38 8.96 -9.92 4.19
N ARG A 39 9.53 -10.32 3.06
CA ARG A 39 9.60 -11.74 2.74
C ARG A 39 10.60 -12.46 3.63
N SER A 40 11.26 -11.70 4.50
CA SER A 40 12.26 -12.27 5.41
C SER A 40 11.59 -12.73 6.70
N LEU A 41 10.38 -12.25 6.94
CA LEU A 41 9.65 -12.60 8.16
C LEU A 41 9.29 -14.09 8.15
N ASP A 42 9.44 -14.72 6.98
CA ASP A 42 9.14 -16.15 6.86
C ASP A 42 10.27 -16.99 7.45
N SER A 43 11.46 -16.42 7.52
CA SER A 43 12.60 -17.13 8.07
C SER A 43 12.65 -16.97 9.59
N TYR A 44 11.72 -17.60 10.28
CA TYR A 44 11.67 -17.53 11.74
C TYR A 44 12.91 -18.19 12.35
N PRO A 45 13.28 -17.80 13.54
CA PRO A 45 14.48 -18.36 14.23
C PRO A 45 14.25 -19.81 14.66
N VAL A 46 15.09 -20.71 14.14
CA VAL A 46 14.99 -22.12 14.47
C VAL A 46 15.77 -22.43 15.74
N SER A 47 15.40 -23.52 16.41
CA SER A 47 16.08 -23.92 17.63
C SER A 47 17.46 -24.48 17.33
N LYS A 48 18.50 -23.75 17.73
CA LYS A 48 19.86 -24.19 17.49
C LYS A 48 20.22 -25.35 18.41
N ASN A 49 21.21 -26.14 18.00
CA ASN A 49 21.65 -27.28 18.79
C ASN A 49 20.47 -28.20 19.10
N ASP A 50 19.91 -28.81 18.07
CA ASP A 50 18.77 -29.71 18.25
C ASP A 50 18.84 -30.86 17.24
N GLY A 51 18.96 -30.51 15.96
CA GLY A 51 19.04 -31.52 14.91
C GLY A 51 17.65 -32.06 14.57
N THR A 52 16.69 -31.82 15.46
CA THR A 52 15.32 -32.28 15.24
C THR A 52 14.39 -31.76 16.34
N ARG A 53 13.73 -30.64 16.04
CA ARG A 53 12.81 -30.05 17.01
C ARG A 53 11.43 -30.69 16.89
N PRO A 54 10.60 -30.47 17.87
CA PRO A 54 9.22 -31.04 17.90
C PRO A 54 8.30 -30.34 16.89
N LYS A 55 7.04 -30.76 16.86
CA LYS A 55 6.07 -30.18 15.93
C LYS A 55 4.66 -30.60 16.30
N MET A 56 4.36 -30.58 17.59
CA MET A 56 3.04 -30.96 18.07
C MET A 56 2.21 -29.72 18.41
N THR A 57 1.14 -29.51 17.65
CA THR A 57 0.28 -28.36 17.87
C THR A 57 -0.56 -28.56 19.14
N PRO A 58 -0.86 -27.50 19.84
CA PRO A 58 -1.67 -27.57 21.09
C PRO A 58 -2.81 -28.59 20.98
N GLU A 59 -3.39 -28.69 19.79
CA GLU A 59 -4.49 -29.62 19.57
C GLU A 59 -4.05 -31.06 19.82
N GLN A 60 -2.93 -31.45 19.20
CA GLN A 60 -2.42 -32.80 19.36
C GLN A 60 -2.10 -33.08 20.83
N MET A 61 -1.09 -32.41 21.35
CA MET A 61 -0.70 -32.59 22.75
C MET A 61 -1.92 -32.58 23.66
N ALA A 62 -2.87 -31.70 23.36
CA ALA A 62 -4.08 -31.59 24.17
C ALA A 62 -4.96 -32.83 23.97
N LYS A 63 -5.35 -33.07 22.73
CA LYS A 63 -6.20 -34.22 22.42
C LYS A 63 -5.57 -35.51 22.97
N GLU A 64 -4.31 -35.73 22.64
CA GLU A 64 -3.60 -36.91 23.11
C GLU A 64 -3.64 -37.00 24.63
N MET A 65 -3.16 -35.95 25.29
CA MET A 65 -3.16 -35.92 26.75
C MET A 65 -4.55 -36.29 27.29
N SER A 66 -5.59 -35.72 26.69
CA SER A 66 -6.95 -36.00 27.12
C SER A 66 -7.23 -37.49 27.03
N GLU A 67 -6.90 -38.10 25.91
CA GLU A 67 -7.13 -39.53 25.72
C GLU A 67 -6.14 -40.35 26.53
N PHE A 68 -4.97 -39.77 26.80
CA PHE A 68 -3.94 -40.44 27.58
C PHE A 68 -4.36 -40.54 29.03
N LEU A 69 -4.61 -39.39 29.64
CA LEU A 69 -5.02 -39.35 31.05
C LEU A 69 -6.22 -40.26 31.29
N SER A 70 -6.78 -40.79 30.21
CA SER A 70 -7.93 -41.68 30.31
C SER A 70 -7.72 -42.93 29.46
N ARG A 71 -7.40 -44.04 30.11
CA ARG A 71 -7.17 -45.29 29.40
C ARG A 71 -8.37 -45.64 28.52
N GLY A 72 -9.45 -44.88 28.68
CA GLY A 72 -10.66 -45.10 27.90
C GLY A 72 -11.47 -46.26 28.48
N PRO A 73 -11.88 -46.13 29.71
CA PRO A 73 -12.69 -47.18 30.41
C PRO A 73 -14.13 -47.21 29.90
N ALA A 74 -14.46 -48.25 29.14
CA ALA A 74 -15.81 -48.39 28.60
C ALA A 74 -15.96 -49.73 27.88
N GLN A 1 -18.36 13.99 -24.03
CA GLN A 1 -17.76 12.74 -23.59
C GLN A 1 -16.31 12.66 -24.05
N GLN A 2 -15.92 13.55 -24.96
CA GLN A 2 -14.57 13.57 -25.47
C GLN A 2 -13.56 13.81 -24.34
N GLN A 3 -13.70 14.95 -23.67
CA GLN A 3 -12.80 15.28 -22.58
C GLN A 3 -12.70 14.12 -21.59
N ALA A 4 -13.80 13.40 -21.41
CA ALA A 4 -13.83 12.28 -20.48
C ALA A 4 -12.95 11.13 -20.98
N VAL A 5 -13.36 10.52 -22.08
CA VAL A 5 -12.60 9.41 -22.65
C VAL A 5 -11.17 9.83 -22.98
N LEU A 6 -11.03 11.04 -23.54
CA LEU A 6 -9.71 11.54 -23.89
C LEU A 6 -8.82 11.62 -22.65
N GLU A 7 -9.24 12.41 -21.68
CA GLU A 7 -8.47 12.56 -20.45
C GLU A 7 -8.11 11.19 -19.88
N GLN A 8 -9.11 10.33 -19.75
CA GLN A 8 -8.89 8.99 -19.22
C GLN A 8 -7.79 8.27 -20.00
N GLU A 9 -7.84 8.39 -21.32
CA GLU A 9 -6.84 7.76 -22.18
C GLU A 9 -5.47 8.38 -21.95
N ARG A 10 -5.39 9.70 -22.05
CA ARG A 10 -4.13 10.41 -21.85
C ARG A 10 -3.43 9.90 -20.59
N ARG A 11 -4.16 9.90 -19.48
CA ARG A 11 -3.60 9.44 -18.21
C ARG A 11 -3.26 7.96 -18.28
N ASP A 12 -4.25 7.13 -18.57
CA ASP A 12 -4.04 5.70 -18.66
C ASP A 12 -2.76 5.39 -19.42
N ARG A 13 -2.57 6.03 -20.56
CA ARG A 13 -1.38 5.81 -21.37
C ARG A 13 -0.13 6.28 -20.61
N GLU A 14 -0.13 7.53 -20.17
CA GLU A 14 1.00 8.08 -19.44
C GLU A 14 1.47 7.10 -18.37
N LEU A 15 0.59 6.80 -17.41
CA LEU A 15 0.93 5.87 -16.34
C LEU A 15 1.38 4.54 -16.92
N ALA A 16 0.47 3.84 -17.60
CA ALA A 16 0.79 2.55 -18.19
C ALA A 16 2.17 2.58 -18.83
N LEU A 17 2.52 3.70 -19.45
CA LEU A 17 3.82 3.84 -20.08
C LEU A 17 4.93 3.82 -19.03
N ARG A 18 4.77 4.66 -18.01
CA ARG A 18 5.77 4.73 -16.94
C ARG A 18 6.00 3.34 -16.36
N ILE A 19 4.94 2.70 -15.90
CA ILE A 19 5.05 1.37 -15.33
C ILE A 19 5.80 0.45 -16.28
N ALA A 20 5.32 0.38 -17.52
CA ALA A 20 5.96 -0.46 -18.52
C ALA A 20 7.46 -0.21 -18.53
N GLN A 21 7.84 1.06 -18.55
CA GLN A 21 9.24 1.43 -18.56
C GLN A 21 9.90 1.07 -17.23
N SER A 22 9.08 0.94 -16.20
CA SER A 22 9.59 0.59 -14.87
C SER A 22 9.97 -0.88 -14.82
N GLU A 23 9.01 -1.74 -15.15
CA GLU A 23 9.26 -3.17 -15.16
C GLU A 23 10.36 -3.50 -16.16
N ALA A 24 10.33 -2.83 -17.30
CA ALA A 24 11.32 -3.05 -18.34
C ALA A 24 12.70 -2.65 -17.85
N GLU A 25 12.79 -1.46 -17.26
CA GLU A 25 14.07 -0.96 -16.75
C GLU A 25 14.42 -1.68 -15.44
N LEU A 26 13.41 -2.16 -14.74
CA LEU A 26 13.62 -2.86 -13.47
C LEU A 26 14.45 -1.99 -12.52
N ILE A 27 14.21 -0.68 -12.55
CA ILE A 27 14.93 0.24 -11.68
C ILE A 27 14.22 0.37 -10.34
N SER A 28 12.95 0.00 -10.31
CA SER A 28 12.16 0.08 -9.09
C SER A 28 12.65 -0.96 -8.07
N ASP A 29 13.89 -0.80 -7.62
CA ASP A 29 14.47 -1.72 -6.65
C ASP A 29 13.49 -1.96 -5.51
N GLU A 30 12.69 -0.94 -5.19
CA GLU A 30 11.72 -1.05 -4.11
C GLU A 30 10.83 -2.28 -4.31
N ALA A 31 10.30 -2.42 -5.52
CA ALA A 31 9.43 -3.56 -5.83
C ALA A 31 10.18 -4.87 -5.62
N GLN A 32 11.35 -5.00 -6.25
CA GLN A 32 12.14 -6.21 -6.12
C GLN A 32 12.35 -6.56 -4.65
N ALA A 33 12.76 -5.57 -3.86
CA ALA A 33 13.00 -5.79 -2.44
C ALA A 33 11.71 -6.23 -1.75
N ASP A 34 10.58 -5.67 -2.19
CA ASP A 34 9.30 -6.01 -1.61
C ASP A 34 8.89 -7.43 -1.97
N LEU A 35 9.01 -7.77 -3.26
CA LEU A 35 8.67 -9.11 -3.71
C LEU A 35 9.58 -10.15 -3.07
N ALA A 36 10.82 -9.76 -2.82
CA ALA A 36 11.79 -10.67 -2.20
C ALA A 36 11.48 -10.87 -0.73
N LEU A 37 11.35 -9.78 0.01
CA LEU A 37 11.05 -9.85 1.44
C LEU A 37 9.64 -10.39 1.66
N ARG A 38 8.77 -10.17 0.67
CA ARG A 38 7.39 -10.63 0.77
C ARG A 38 7.28 -12.09 0.35
N ARG A 39 8.15 -12.50 -0.56
CA ARG A 39 8.14 -13.88 -1.05
C ARG A 39 8.63 -14.83 0.05
N SER A 40 9.48 -14.31 0.94
CA SER A 40 10.01 -15.12 2.03
C SER A 40 9.03 -15.16 3.20
N LEU A 41 8.68 -16.36 3.64
CA LEU A 41 7.75 -16.52 4.75
C LEU A 41 8.47 -16.31 6.07
N ASP A 42 9.78 -16.10 6.01
CA ASP A 42 10.57 -15.89 7.22
C ASP A 42 10.17 -14.58 7.91
N SER A 43 8.95 -14.15 7.68
CA SER A 43 8.46 -12.90 8.28
C SER A 43 7.66 -13.19 9.55
N TYR A 44 6.83 -14.23 9.50
CA TYR A 44 6.01 -14.59 10.65
C TYR A 44 6.90 -15.20 11.74
N PRO A 45 6.50 -15.05 12.99
CA PRO A 45 7.27 -15.59 14.15
C PRO A 45 7.81 -17.00 13.88
N VAL A 46 8.60 -17.50 14.82
CA VAL A 46 9.18 -18.83 14.70
C VAL A 46 8.33 -19.85 15.45
N SER A 47 7.55 -20.62 14.72
CA SER A 47 6.69 -21.63 15.33
C SER A 47 7.39 -22.99 15.37
N LYS A 48 7.54 -23.55 16.56
CA LYS A 48 8.19 -24.84 16.71
C LYS A 48 7.19 -25.97 16.51
N ASN A 49 7.71 -27.19 16.33
CA ASN A 49 6.85 -28.35 16.12
C ASN A 49 5.75 -28.02 15.11
N ASP A 50 6.03 -27.10 14.20
CA ASP A 50 5.06 -26.71 13.18
C ASP A 50 4.77 -27.88 12.25
N GLY A 51 5.83 -28.48 11.71
CA GLY A 51 5.68 -29.61 10.80
C GLY A 51 5.38 -29.13 9.39
N THR A 52 5.39 -27.82 9.21
CA THR A 52 5.12 -27.23 7.90
C THR A 52 4.00 -27.97 7.19
N ARG A 53 2.78 -27.47 7.36
CA ARG A 53 1.61 -28.08 6.73
C ARG A 53 1.14 -27.25 5.54
N PRO A 54 0.61 -27.89 4.53
CA PRO A 54 0.11 -27.17 3.31
C PRO A 54 -1.11 -26.32 3.61
N LYS A 55 -1.64 -25.66 2.58
CA LYS A 55 -2.81 -24.80 2.75
C LYS A 55 -3.54 -24.62 1.42
N MET A 56 -4.77 -25.11 1.36
CA MET A 56 -5.57 -25.00 0.13
C MET A 56 -6.22 -23.62 0.05
N THR A 57 -5.74 -22.80 -0.87
CA THR A 57 -6.30 -21.47 -1.04
C THR A 57 -7.64 -21.54 -1.78
N PRO A 58 -8.55 -20.63 -1.49
CA PRO A 58 -9.88 -20.59 -2.13
C PRO A 58 -9.82 -20.95 -3.62
N GLU A 59 -8.79 -20.47 -4.29
CA GLU A 59 -8.62 -20.74 -5.72
C GLU A 59 -8.33 -22.23 -5.95
N GLN A 60 -7.41 -22.77 -5.16
CA GLN A 60 -7.05 -24.19 -5.29
C GLN A 60 -8.28 -25.07 -5.15
N MET A 61 -8.90 -25.05 -3.98
CA MET A 61 -10.09 -25.85 -3.74
C MET A 61 -11.17 -25.55 -4.77
N ALA A 62 -11.50 -24.27 -4.92
CA ALA A 62 -12.52 -23.87 -5.88
C ALA A 62 -12.30 -24.56 -7.21
N LYS A 63 -11.09 -24.44 -7.76
CA LYS A 63 -10.77 -25.07 -9.03
C LYS A 63 -10.93 -26.57 -8.95
N GLU A 64 -10.15 -27.20 -8.07
CA GLU A 64 -10.21 -28.65 -7.89
C GLU A 64 -11.66 -29.11 -7.80
N MET A 65 -12.41 -28.52 -6.87
CA MET A 65 -13.81 -28.88 -6.70
C MET A 65 -14.55 -28.85 -8.03
N SER A 66 -14.52 -27.69 -8.68
CA SER A 66 -15.20 -27.53 -9.97
C SER A 66 -14.70 -28.58 -10.96
N GLU A 67 -13.47 -29.04 -10.76
CA GLU A 67 -12.89 -30.05 -11.65
C GLU A 67 -13.44 -31.43 -11.32
N PHE A 68 -13.68 -31.68 -10.03
CA PHE A 68 -14.20 -32.98 -9.60
C PHE A 68 -15.68 -33.09 -9.94
N LEU A 69 -16.40 -31.98 -9.82
CA LEU A 69 -17.83 -31.98 -10.12
C LEU A 69 -18.06 -32.05 -11.63
N SER A 70 -16.97 -31.95 -12.38
CA SER A 70 -17.06 -32.01 -13.85
C SER A 70 -15.90 -32.82 -14.42
N ARG A 71 -16.15 -34.10 -14.69
CA ARG A 71 -15.12 -34.97 -15.25
C ARG A 71 -15.02 -34.78 -16.75
N GLY A 72 -15.79 -35.56 -17.49
CA GLY A 72 -15.78 -35.48 -18.95
C GLY A 72 -14.57 -36.21 -19.52
N PRO A 73 -14.44 -36.18 -20.83
CA PRO A 73 -13.29 -36.85 -21.53
C PRO A 73 -11.99 -36.09 -21.35
N ALA A 74 -11.85 -35.40 -20.23
CA ALA A 74 -10.64 -34.63 -19.95
C ALA A 74 -10.60 -34.20 -18.49
N GLN A 1 -18.59 13.85 -23.12
CA GLN A 1 -17.96 12.58 -22.79
C GLN A 1 -16.54 12.54 -23.36
N GLN A 2 -16.32 13.24 -24.45
CA GLN A 2 -15.00 13.28 -25.08
C GLN A 2 -13.93 13.60 -24.05
N GLN A 3 -14.04 14.76 -23.42
CA GLN A 3 -13.06 15.17 -22.41
C GLN A 3 -12.83 14.06 -21.40
N ALA A 4 -13.90 13.31 -21.10
CA ALA A 4 -13.79 12.21 -20.14
C ALA A 4 -12.88 11.11 -20.69
N VAL A 5 -13.34 10.44 -21.74
CA VAL A 5 -12.55 9.36 -22.34
C VAL A 5 -11.19 9.87 -22.79
N LEU A 6 -11.17 11.02 -23.45
CA LEU A 6 -9.92 11.60 -23.92
C LEU A 6 -8.92 11.72 -22.78
N GLU A 7 -9.34 12.38 -21.71
CA GLU A 7 -8.47 12.57 -20.55
C GLU A 7 -8.08 11.22 -19.96
N GLN A 8 -9.05 10.32 -19.85
CA GLN A 8 -8.79 8.99 -19.29
C GLN A 8 -7.75 8.25 -20.14
N GLU A 9 -7.84 8.42 -21.45
CA GLU A 9 -6.90 7.76 -22.36
C GLU A 9 -5.50 8.33 -22.17
N ARG A 10 -5.39 9.65 -22.15
CA ARG A 10 -4.10 10.30 -21.98
C ARG A 10 -3.42 9.81 -20.69
N ARG A 11 -4.12 9.97 -19.58
CA ARG A 11 -3.58 9.53 -18.29
C ARG A 11 -3.24 8.05 -18.32
N ASP A 12 -4.24 7.22 -18.64
CA ASP A 12 -4.03 5.78 -18.70
C ASP A 12 -2.73 5.45 -19.43
N ARG A 13 -2.49 6.15 -20.54
CA ARG A 13 -1.28 5.93 -21.31
C ARG A 13 -0.05 6.33 -20.50
N GLU A 14 -0.07 7.57 -20.00
CA GLU A 14 1.04 8.07 -19.20
C GLU A 14 1.48 7.03 -18.18
N LEU A 15 0.56 6.65 -17.31
CA LEU A 15 0.86 5.66 -16.28
C LEU A 15 1.31 4.35 -16.92
N ALA A 16 0.38 3.70 -17.62
CA ALA A 16 0.69 2.43 -18.28
C ALA A 16 2.08 2.46 -18.89
N LEU A 17 2.46 3.62 -19.41
CA LEU A 17 3.77 3.77 -20.03
C LEU A 17 4.86 3.70 -18.95
N ARG A 18 4.70 4.50 -17.90
CA ARG A 18 5.67 4.51 -16.81
C ARG A 18 5.79 3.11 -16.21
N ILE A 19 4.68 2.60 -15.71
CA ILE A 19 4.68 1.27 -15.11
C ILE A 19 5.37 0.28 -16.04
N ALA A 20 4.88 0.21 -17.28
CA ALA A 20 5.46 -0.70 -18.26
C ALA A 20 6.98 -0.60 -18.23
N GLN A 21 7.49 0.62 -18.30
CA GLN A 21 8.93 0.84 -18.27
C GLN A 21 9.50 0.47 -16.90
N SER A 22 8.63 0.45 -15.90
CA SER A 22 9.05 0.12 -14.54
C SER A 22 9.25 -1.39 -14.42
N GLU A 23 8.25 -2.16 -14.85
CA GLU A 23 8.34 -3.61 -14.80
C GLU A 23 9.43 -4.11 -15.73
N ALA A 24 9.59 -3.42 -16.85
CA ALA A 24 10.61 -3.80 -17.82
C ALA A 24 12.01 -3.47 -17.29
N GLU A 25 12.14 -2.28 -16.71
CA GLU A 25 13.44 -1.85 -16.18
C GLU A 25 13.66 -2.45 -14.79
N LEU A 26 12.57 -2.77 -14.10
CA LEU A 26 12.65 -3.34 -12.76
C LEU A 26 13.54 -2.49 -11.87
N ILE A 27 13.66 -1.21 -12.20
CA ILE A 27 14.48 -0.30 -11.41
C ILE A 27 13.68 0.27 -10.25
N SER A 28 12.35 0.29 -10.40
CA SER A 28 11.48 0.80 -9.36
C SER A 28 11.29 -0.22 -8.25
N ASP A 29 12.39 -0.86 -7.85
CA ASP A 29 12.34 -1.85 -6.79
C ASP A 29 11.60 -1.30 -5.58
N GLU A 30 11.42 0.02 -5.56
CA GLU A 30 10.72 0.68 -4.47
C GLU A 30 9.26 0.23 -4.43
N ALA A 31 8.72 -0.12 -5.59
CA ALA A 31 7.34 -0.58 -5.67
C ALA A 31 7.19 -1.92 -4.99
N GLN A 32 8.09 -2.85 -5.31
CA GLN A 32 8.05 -4.18 -4.71
C GLN A 32 8.27 -4.10 -3.20
N ALA A 33 9.34 -3.43 -2.79
CA ALA A 33 9.64 -3.29 -1.38
C ALA A 33 8.48 -2.63 -0.65
N ASP A 34 7.89 -1.62 -1.28
CA ASP A 34 6.77 -0.90 -0.69
C ASP A 34 5.59 -1.85 -0.49
N LEU A 35 5.10 -2.42 -1.58
CA LEU A 35 3.96 -3.33 -1.52
C LEU A 35 4.17 -4.35 -0.40
N ALA A 36 5.37 -4.94 -0.35
CA ALA A 36 5.68 -5.93 0.67
C ALA A 36 5.49 -5.33 2.07
N LEU A 37 6.14 -4.20 2.32
CA LEU A 37 6.03 -3.54 3.61
C LEU A 37 4.58 -3.21 3.93
N ARG A 38 3.85 -2.74 2.93
CA ARG A 38 2.44 -2.40 3.11
C ARG A 38 1.62 -3.65 3.41
N ARG A 39 1.84 -4.70 2.63
CA ARG A 39 1.12 -5.95 2.82
C ARG A 39 1.37 -6.50 4.22
N SER A 40 2.60 -6.35 4.70
CA SER A 40 2.96 -6.84 6.03
C SER A 40 2.71 -5.76 7.08
N LEU A 41 1.44 -5.51 7.38
CA LEU A 41 1.08 -4.50 8.37
C LEU A 41 1.36 -5.01 9.78
N ASP A 42 1.27 -6.32 9.97
CA ASP A 42 1.53 -6.92 11.27
C ASP A 42 2.98 -6.69 11.69
N SER A 43 3.75 -6.03 10.83
CA SER A 43 5.15 -5.75 11.12
C SER A 43 5.27 -4.60 12.11
N TYR A 44 5.07 -3.38 11.62
CA TYR A 44 5.16 -2.20 12.47
C TYR A 44 4.00 -2.18 13.47
N PRO A 45 4.19 -1.53 14.59
CA PRO A 45 3.13 -1.44 15.64
C PRO A 45 1.96 -0.55 15.19
N VAL A 46 0.77 -1.14 15.17
CA VAL A 46 -0.42 -0.42 14.76
C VAL A 46 -0.86 0.55 15.85
N SER A 47 -1.22 1.77 15.45
CA SER A 47 -1.65 2.77 16.41
C SER A 47 -3.07 2.49 16.89
N LYS A 48 -3.25 2.48 18.21
CA LYS A 48 -4.56 2.21 18.80
C LYS A 48 -4.86 3.23 19.89
N ASN A 49 -6.05 3.82 19.83
CA ASN A 49 -6.45 4.81 20.81
C ASN A 49 -7.97 4.97 20.84
N ASP A 50 -8.66 3.95 21.34
CA ASP A 50 -10.12 3.98 21.41
C ASP A 50 -10.57 4.57 22.75
N GLY A 51 -10.10 3.95 23.83
CA GLY A 51 -10.47 4.41 25.18
C GLY A 51 -11.76 3.76 25.65
N THR A 52 -12.35 2.94 24.79
CA THR A 52 -13.60 2.26 25.12
C THR A 52 -13.32 0.84 25.61
N ARG A 53 -12.87 0.72 26.85
CA ARG A 53 -12.56 -0.58 27.42
C ARG A 53 -13.82 -1.22 28.02
N PRO A 54 -13.91 -2.52 27.99
CA PRO A 54 -15.10 -3.26 28.54
C PRO A 54 -15.16 -3.16 30.07
N LYS A 55 -16.16 -3.81 30.65
CA LYS A 55 -16.32 -3.79 32.11
C LYS A 55 -17.27 -4.90 32.55
N MET A 56 -17.08 -6.08 31.98
CA MET A 56 -17.91 -7.23 32.32
C MET A 56 -17.21 -8.10 33.37
N THR A 57 -17.99 -8.62 34.32
CA THR A 57 -17.43 -9.46 35.36
C THR A 57 -17.22 -10.88 34.83
N PRO A 58 -16.26 -11.60 35.37
CA PRO A 58 -15.95 -13.00 34.95
C PRO A 58 -17.21 -13.80 34.65
N GLU A 59 -18.21 -13.69 35.52
CA GLU A 59 -19.46 -14.41 35.34
C GLU A 59 -20.19 -13.93 34.09
N GLN A 60 -20.27 -12.62 33.92
CA GLN A 60 -20.94 -12.03 32.76
C GLN A 60 -20.24 -12.44 31.47
N MET A 61 -18.99 -12.03 31.31
CA MET A 61 -18.23 -12.36 30.11
C MET A 61 -18.23 -13.87 29.88
N ALA A 62 -18.17 -14.65 30.96
CA ALA A 62 -18.17 -16.10 30.85
C ALA A 62 -19.49 -16.59 30.28
N LYS A 63 -20.57 -16.38 31.01
CA LYS A 63 -21.89 -16.81 30.56
C LYS A 63 -22.10 -16.45 29.10
N GLU A 64 -21.91 -15.17 28.78
CA GLU A 64 -22.08 -14.71 27.39
C GLU A 64 -21.24 -15.55 26.45
N MET A 65 -19.95 -15.67 26.75
CA MET A 65 -19.05 -16.45 25.91
C MET A 65 -19.51 -17.90 25.84
N SER A 66 -19.50 -18.58 26.98
CA SER A 66 -19.92 -19.97 27.04
C SER A 66 -21.21 -20.18 26.26
N GLU A 67 -22.09 -19.19 26.30
CA GLU A 67 -23.36 -19.28 25.58
C GLU A 67 -23.16 -19.02 24.10
N PHE A 68 -22.18 -18.16 23.78
CA PHE A 68 -21.90 -17.82 22.39
C PHE A 68 -21.21 -18.99 21.69
N LEU A 69 -20.13 -19.47 22.28
CA LEU A 69 -19.39 -20.59 21.71
C LEU A 69 -20.29 -21.82 21.58
N SER A 70 -21.45 -21.77 22.22
CA SER A 70 -22.39 -22.88 22.18
C SER A 70 -23.06 -22.95 20.82
N ARG A 71 -22.81 -21.96 19.98
CA ARG A 71 -23.39 -21.93 18.65
C ARG A 71 -22.65 -22.87 17.70
N GLY A 72 -21.78 -22.31 16.88
CA GLY A 72 -21.00 -23.12 15.94
C GLY A 72 -20.44 -22.25 14.82
N PRO A 73 -21.29 -21.74 13.97
CA PRO A 73 -20.87 -20.88 12.83
C PRO A 73 -20.46 -19.48 13.29
N ALA A 74 -20.28 -18.58 12.33
CA ALA A 74 -19.89 -17.21 12.65
C ALA A 74 -18.54 -17.19 13.37
N GLN A 1 -18.66 13.43 -23.29
CA GLN A 1 -17.88 12.35 -22.69
C GLN A 1 -16.45 12.39 -23.20
N GLN A 2 -16.24 13.08 -24.32
CA GLN A 2 -14.92 13.18 -24.91
C GLN A 2 -13.88 13.49 -23.84
N GLN A 3 -14.06 14.63 -23.17
CA GLN A 3 -13.12 15.03 -22.13
C GLN A 3 -12.85 13.87 -21.17
N ALA A 4 -13.85 13.02 -20.96
CA ALA A 4 -13.69 11.88 -20.07
C ALA A 4 -12.76 10.84 -20.70
N VAL A 5 -13.19 10.25 -21.81
CA VAL A 5 -12.39 9.24 -22.48
C VAL A 5 -11.04 9.83 -22.92
N LEU A 6 -11.04 11.13 -23.22
CA LEU A 6 -9.80 11.79 -23.65
C LEU A 6 -8.79 11.82 -22.50
N GLU A 7 -9.17 12.48 -21.41
CA GLU A 7 -8.29 12.57 -20.25
C GLU A 7 -7.97 11.19 -19.71
N GLN A 8 -8.95 10.30 -19.76
CA GLN A 8 -8.76 8.93 -19.28
C GLN A 8 -7.75 8.19 -20.14
N GLU A 9 -7.89 8.32 -21.45
CA GLU A 9 -6.98 7.65 -22.38
C GLU A 9 -5.56 8.22 -22.23
N ARG A 10 -5.44 9.54 -22.39
CA ARG A 10 -4.14 10.18 -22.27
C ARG A 10 -3.46 9.77 -20.97
N ARG A 11 -4.17 9.93 -19.86
CA ARG A 11 -3.62 9.56 -18.55
C ARG A 11 -3.26 8.09 -18.53
N ASP A 12 -4.28 7.23 -18.71
CA ASP A 12 -4.05 5.79 -18.70
C ASP A 12 -2.76 5.44 -19.42
N ARG A 13 -2.52 6.11 -20.54
CA ARG A 13 -1.30 5.86 -21.32
C ARG A 13 -0.08 6.35 -20.55
N GLU A 14 -0.18 7.55 -19.99
CA GLU A 14 0.93 8.13 -19.23
C GLU A 14 1.35 7.18 -18.11
N LEU A 15 0.38 6.77 -17.30
CA LEU A 15 0.66 5.86 -16.18
C LEU A 15 1.22 4.54 -16.71
N ALA A 16 0.42 3.85 -17.52
CA ALA A 16 0.85 2.58 -18.07
C ALA A 16 2.29 2.67 -18.57
N LEU A 17 2.66 3.82 -19.12
CA LEU A 17 4.01 4.03 -19.62
C LEU A 17 4.99 4.08 -18.46
N ARG A 18 4.65 4.87 -17.44
CA ARG A 18 5.51 5.00 -16.27
C ARG A 18 5.80 3.62 -15.67
N ILE A 19 4.73 2.91 -15.32
CA ILE A 19 4.88 1.59 -14.74
C ILE A 19 5.72 0.71 -15.66
N ALA A 20 5.31 0.60 -16.91
CA ALA A 20 6.04 -0.20 -17.88
C ALA A 20 7.52 0.13 -17.83
N GLN A 21 7.83 1.42 -17.86
CA GLN A 21 9.22 1.87 -17.82
C GLN A 21 9.81 1.62 -16.44
N SER A 22 8.93 1.44 -15.45
CA SER A 22 9.38 1.18 -14.09
C SER A 22 9.90 -0.25 -13.97
N GLU A 23 9.05 -1.21 -14.32
CA GLU A 23 9.44 -2.61 -14.27
C GLU A 23 10.60 -2.86 -15.23
N ALA A 24 10.53 -2.21 -16.39
CA ALA A 24 11.56 -2.36 -17.39
C ALA A 24 12.90 -1.84 -16.87
N GLU A 25 12.86 -0.67 -16.22
CA GLU A 25 14.07 -0.08 -15.68
C GLU A 25 14.47 -0.78 -14.39
N LEU A 26 13.49 -1.39 -13.73
CA LEU A 26 13.76 -2.11 -12.49
C LEU A 26 14.28 -1.15 -11.41
N ILE A 27 13.49 -0.11 -11.13
CA ILE A 27 13.88 0.88 -10.12
C ILE A 27 12.78 1.01 -9.07
N SER A 28 11.87 1.95 -9.28
CA SER A 28 10.77 2.18 -8.35
C SER A 28 11.24 2.01 -6.90
N ASP A 29 12.30 2.71 -6.54
CA ASP A 29 12.83 2.63 -5.19
C ASP A 29 11.71 2.68 -4.17
N GLU A 30 10.54 3.16 -4.61
CA GLU A 30 9.39 3.26 -3.73
C GLU A 30 8.85 1.87 -3.41
N ALA A 31 8.61 1.08 -4.45
CA ALA A 31 8.10 -0.27 -4.27
C ALA A 31 8.99 -1.07 -3.34
N GLN A 32 10.30 -1.05 -3.62
CA GLN A 32 11.26 -1.78 -2.80
C GLN A 32 11.22 -1.28 -1.36
N ALA A 33 11.32 0.04 -1.20
CA ALA A 33 11.30 0.64 0.13
C ALA A 33 10.00 0.29 0.86
N ASP A 34 8.88 0.55 0.20
CA ASP A 34 7.57 0.26 0.79
C ASP A 34 7.46 -1.21 1.16
N LEU A 35 7.40 -2.06 0.14
CA LEU A 35 7.29 -3.50 0.36
C LEU A 35 8.22 -3.95 1.49
N ALA A 36 9.43 -3.40 1.49
CA ALA A 36 10.41 -3.74 2.52
C ALA A 36 9.91 -3.32 3.90
N LEU A 37 9.34 -2.13 3.97
CA LEU A 37 8.82 -1.62 5.24
C LEU A 37 7.68 -2.49 5.75
N ARG A 38 6.86 -2.98 4.84
CA ARG A 38 5.73 -3.83 5.21
C ARG A 38 6.21 -5.25 5.51
N ARG A 39 7.02 -5.80 4.61
CA ARG A 39 7.54 -7.14 4.80
C ARG A 39 8.35 -7.24 6.08
N SER A 40 8.67 -6.09 6.65
CA SER A 40 9.45 -6.05 7.90
C SER A 40 8.60 -6.52 9.07
N LEU A 41 9.09 -7.51 9.79
CA LEU A 41 8.36 -8.04 10.94
C LEU A 41 8.40 -7.05 12.10
N ASP A 42 9.45 -6.23 12.13
CA ASP A 42 9.60 -5.24 13.20
C ASP A 42 8.70 -4.04 12.93
N SER A 43 7.78 -4.19 11.97
CA SER A 43 6.87 -3.11 11.63
C SER A 43 5.86 -2.89 12.75
N TYR A 44 5.16 -3.95 13.13
CA TYR A 44 4.16 -3.87 14.19
C TYR A 44 4.84 -3.93 15.56
N PRO A 45 4.29 -3.25 16.54
CA PRO A 45 4.86 -3.24 17.92
C PRO A 45 4.71 -4.60 18.62
N VAL A 46 5.22 -4.69 19.84
CA VAL A 46 5.13 -5.93 20.61
C VAL A 46 4.23 -5.76 21.82
N SER A 47 3.35 -6.73 22.02
CA SER A 47 2.41 -6.68 23.16
C SER A 47 3.00 -7.40 24.37
N LYS A 48 2.40 -7.18 25.53
CA LYS A 48 2.86 -7.82 26.75
C LYS A 48 1.69 -8.43 27.52
N ASN A 49 1.96 -9.50 28.26
CA ASN A 49 0.92 -10.16 29.04
C ASN A 49 -0.26 -10.55 28.14
N ASP A 50 0.05 -11.14 26.99
CA ASP A 50 -0.99 -11.56 26.06
C ASP A 50 -1.50 -12.95 26.40
N GLY A 51 -1.61 -13.25 27.69
CA GLY A 51 -2.07 -14.55 28.13
C GLY A 51 -1.10 -15.65 27.73
N THR A 52 0.02 -15.24 27.14
CA THR A 52 1.03 -16.20 26.70
C THR A 52 0.39 -17.40 26.03
N ARG A 53 -0.42 -17.13 25.01
CA ARG A 53 -1.10 -18.19 24.28
C ARG A 53 -0.17 -18.78 23.22
N PRO A 54 -0.30 -20.05 22.93
CA PRO A 54 0.55 -20.74 21.91
C PRO A 54 0.29 -20.22 20.50
N LYS A 55 1.00 -20.78 19.53
CA LYS A 55 0.84 -20.35 18.14
C LYS A 55 1.16 -21.51 17.18
N MET A 56 0.15 -21.95 16.45
CA MET A 56 0.34 -23.05 15.49
C MET A 56 0.71 -22.51 14.12
N THR A 57 1.87 -22.94 13.61
CA THR A 57 2.33 -22.50 12.30
C THR A 57 1.34 -22.91 11.22
N PRO A 58 1.25 -22.16 10.15
CA PRO A 58 0.32 -22.46 9.03
C PRO A 58 0.68 -23.77 8.33
N GLU A 59 1.97 -24.05 8.24
CA GLU A 59 2.43 -25.28 7.61
C GLU A 59 1.92 -26.50 8.38
N GLN A 60 1.89 -26.39 9.70
CA GLN A 60 1.42 -27.48 10.54
C GLN A 60 -0.07 -27.72 10.32
N MET A 61 -0.85 -26.66 10.37
CA MET A 61 -2.30 -26.77 10.17
C MET A 61 -2.59 -27.40 8.81
N ALA A 62 -1.86 -26.96 7.79
CA ALA A 62 -2.05 -27.47 6.45
C ALA A 62 -1.77 -28.98 6.41
N LYS A 63 -0.60 -29.36 6.92
CA LYS A 63 -0.22 -30.77 6.95
C LYS A 63 -1.32 -31.61 7.60
N GLU A 64 -1.78 -31.17 8.77
CA GLU A 64 -2.82 -31.88 9.49
C GLU A 64 -4.07 -32.01 8.63
N MET A 65 -4.53 -30.89 8.08
CA MET A 65 -5.71 -30.88 7.24
C MET A 65 -5.52 -31.80 6.04
N SER A 66 -4.52 -31.49 5.21
CA SER A 66 -4.24 -32.30 4.04
C SER A 66 -4.25 -33.78 4.38
N GLU A 67 -3.63 -34.11 5.51
CA GLU A 67 -3.56 -35.51 5.96
C GLU A 67 -4.92 -35.97 6.44
N PHE A 68 -5.73 -35.03 6.93
CA PHE A 68 -7.06 -35.35 7.42
C PHE A 68 -8.04 -35.54 6.26
N LEU A 69 -7.89 -34.72 5.23
CA LEU A 69 -8.76 -34.80 4.07
C LEU A 69 -8.46 -36.05 3.26
N SER A 70 -7.38 -36.75 3.64
CA SER A 70 -6.99 -37.97 2.94
C SER A 70 -6.47 -39.02 3.93
N ARG A 71 -7.17 -40.14 4.01
CA ARG A 71 -6.77 -41.20 4.93
C ARG A 71 -6.88 -42.57 4.24
N GLY A 72 -8.05 -42.85 3.67
CA GLY A 72 -8.28 -44.11 2.99
C GLY A 72 -7.68 -44.08 1.58
N PRO A 73 -8.25 -43.31 0.70
CA PRO A 73 -7.77 -43.19 -0.70
C PRO A 73 -6.47 -42.39 -0.80
N ALA A 74 -5.60 -42.80 -1.70
CA ALA A 74 -4.32 -42.11 -1.88
C ALA A 74 -3.62 -41.92 -0.54
N GLN A 1 -18.78 13.04 -23.07
CA GLN A 1 -17.95 11.93 -22.62
C GLN A 1 -16.53 12.08 -23.12
N GLN A 2 -16.37 12.79 -24.24
CA GLN A 2 -15.06 13.01 -24.82
C GLN A 2 -14.03 13.32 -23.74
N GLN A 3 -14.26 14.42 -23.02
CA GLN A 3 -13.36 14.83 -21.95
C GLN A 3 -13.00 13.63 -21.06
N ALA A 4 -13.98 12.77 -20.82
CA ALA A 4 -13.76 11.59 -19.97
C ALA A 4 -12.79 10.63 -20.64
N VAL A 5 -13.19 10.06 -21.76
CA VAL A 5 -12.34 9.11 -22.48
C VAL A 5 -11.03 9.78 -22.90
N LEU A 6 -11.08 11.08 -23.14
CA LEU A 6 -9.89 11.81 -23.55
C LEU A 6 -8.85 11.84 -22.42
N GLU A 7 -9.18 12.52 -21.33
CA GLU A 7 -8.26 12.61 -20.20
C GLU A 7 -7.93 11.21 -19.67
N GLN A 8 -8.89 10.31 -19.76
CA GLN A 8 -8.68 8.94 -19.28
C GLN A 8 -7.73 8.20 -20.21
N GLU A 9 -7.83 8.47 -21.51
CA GLU A 9 -6.97 7.82 -22.49
C GLU A 9 -5.53 8.28 -22.33
N ARG A 10 -5.31 9.59 -22.43
CA ARG A 10 -3.98 10.14 -22.30
C ARG A 10 -3.39 9.77 -20.94
N ARG A 11 -4.18 9.93 -19.89
CA ARG A 11 -3.73 9.59 -18.54
C ARG A 11 -3.40 8.10 -18.45
N ASP A 12 -4.35 7.27 -18.86
CA ASP A 12 -4.14 5.82 -18.82
C ASP A 12 -2.78 5.46 -19.43
N ARG A 13 -2.53 5.97 -20.63
CA ARG A 13 -1.27 5.69 -21.32
C ARG A 13 -0.09 6.19 -20.48
N GLU A 14 -0.15 7.47 -20.10
CA GLU A 14 0.92 8.05 -19.29
C GLU A 14 1.32 7.11 -18.16
N LEU A 15 0.39 6.90 -17.22
CA LEU A 15 0.67 6.02 -16.09
C LEU A 15 1.11 4.64 -16.58
N ALA A 16 0.22 3.96 -17.30
CA ALA A 16 0.53 2.64 -17.82
C ALA A 16 1.97 2.58 -18.35
N LEU A 17 2.39 3.67 -18.98
CA LEU A 17 3.75 3.75 -19.52
C LEU A 17 4.76 3.76 -18.38
N ARG A 18 4.52 4.63 -17.39
CA ARG A 18 5.41 4.74 -16.25
C ARG A 18 5.54 3.38 -15.57
N ILE A 19 4.41 2.81 -15.16
CA ILE A 19 4.43 1.51 -14.51
C ILE A 19 5.23 0.52 -15.33
N ALA A 20 4.85 0.36 -16.59
CA ALA A 20 5.54 -0.55 -17.48
C ALA A 20 7.05 -0.37 -17.35
N GLN A 21 7.49 0.88 -17.37
CA GLN A 21 8.91 1.18 -17.26
C GLN A 21 9.40 0.89 -15.83
N SER A 22 8.47 0.89 -14.89
CA SER A 22 8.81 0.61 -13.50
C SER A 22 9.12 -0.87 -13.32
N GLU A 23 8.20 -1.71 -13.79
CA GLU A 23 8.39 -3.16 -13.69
C GLU A 23 9.58 -3.58 -14.54
N ALA A 24 9.71 -2.96 -15.70
CA ALA A 24 10.80 -3.27 -16.61
C ALA A 24 12.14 -2.91 -15.98
N GLU A 25 12.20 -1.74 -15.37
CA GLU A 25 13.44 -1.29 -14.72
C GLU A 25 13.64 -2.03 -13.40
N LEU A 26 12.54 -2.49 -12.81
CA LEU A 26 12.60 -3.21 -11.55
C LEU A 26 13.30 -2.38 -10.48
N ILE A 27 13.06 -1.07 -10.50
CA ILE A 27 13.67 -0.17 -9.53
C ILE A 27 12.70 0.11 -8.38
N SER A 28 11.44 0.37 -8.73
CA SER A 28 10.42 0.65 -7.72
C SER A 28 9.86 -0.63 -7.15
N ASP A 29 10.74 -1.60 -6.89
CA ASP A 29 10.31 -2.88 -6.34
C ASP A 29 9.51 -2.67 -5.06
N GLU A 30 9.72 -1.53 -4.43
CA GLU A 30 9.01 -1.21 -3.19
C GLU A 30 7.51 -1.14 -3.42
N ALA A 31 7.13 -0.55 -4.56
CA ALA A 31 5.71 -0.42 -4.89
C ALA A 31 5.08 -1.79 -5.10
N GLN A 32 5.71 -2.60 -5.95
CA GLN A 32 5.21 -3.94 -6.23
C GLN A 32 5.04 -4.73 -4.93
N ALA A 33 6.07 -4.69 -4.08
CA ALA A 33 6.02 -5.41 -2.81
C ALA A 33 4.83 -4.95 -1.98
N ASP A 34 4.78 -3.65 -1.69
CA ASP A 34 3.70 -3.09 -0.91
C ASP A 34 2.35 -3.60 -1.43
N LEU A 35 2.04 -3.27 -2.67
CA LEU A 35 0.77 -3.69 -3.27
C LEU A 35 0.55 -5.18 -3.03
N ALA A 36 1.56 -5.98 -3.32
CA ALA A 36 1.46 -7.43 -3.13
C ALA A 36 0.97 -7.75 -1.72
N LEU A 37 1.65 -7.19 -0.71
CA LEU A 37 1.28 -7.42 0.67
C LEU A 37 -0.11 -6.85 0.96
N ARG A 38 -0.50 -5.86 0.16
CA ARG A 38 -1.81 -5.23 0.35
C ARG A 38 -2.92 -6.14 -0.16
N ARG A 39 -2.76 -6.64 -1.38
CA ARG A 39 -3.76 -7.52 -1.98
C ARG A 39 -3.65 -8.92 -1.40
N SER A 40 -2.88 -9.05 -0.33
CA SER A 40 -2.70 -10.35 0.32
C SER A 40 -4.00 -10.82 0.96
N LEU A 41 -4.74 -11.65 0.22
CA LEU A 41 -6.01 -12.17 0.73
C LEU A 41 -5.76 -13.33 1.69
N ASP A 42 -4.61 -13.97 1.55
CA ASP A 42 -4.27 -15.10 2.40
C ASP A 42 -3.83 -14.62 3.78
N SER A 43 -4.22 -13.39 4.12
CA SER A 43 -3.86 -12.81 5.41
C SER A 43 -3.97 -13.85 6.52
N TYR A 44 -5.19 -14.19 6.89
CA TYR A 44 -5.42 -15.17 7.94
C TYR A 44 -4.97 -16.56 7.48
N PRO A 45 -4.52 -17.38 8.39
CA PRO A 45 -4.07 -18.77 8.05
C PRO A 45 -5.23 -19.69 7.70
N VAL A 46 -4.92 -20.93 7.39
CA VAL A 46 -5.95 -21.91 7.03
C VAL A 46 -6.26 -22.82 8.22
N SER A 47 -7.54 -23.06 8.45
CA SER A 47 -7.97 -23.91 9.56
C SER A 47 -7.98 -25.38 9.13
N LYS A 48 -7.86 -26.28 10.10
CA LYS A 48 -7.86 -27.71 9.81
C LYS A 48 -8.79 -28.44 10.77
N ASN A 49 -9.70 -29.23 10.21
CA ASN A 49 -10.65 -29.99 11.02
C ASN A 49 -11.20 -31.17 10.24
N ASP A 50 -10.33 -31.84 9.48
CA ASP A 50 -10.74 -32.99 8.68
C ASP A 50 -9.62 -34.01 8.60
N GLY A 51 -8.38 -33.55 8.72
CA GLY A 51 -7.23 -34.44 8.67
C GLY A 51 -7.00 -34.97 7.26
N THR A 52 -7.69 -34.37 6.29
CA THR A 52 -7.56 -34.78 4.90
C THR A 52 -8.35 -33.86 3.98
N ARG A 53 -7.67 -32.83 3.47
CA ARG A 53 -8.31 -31.88 2.57
C ARG A 53 -8.66 -32.55 1.24
N PRO A 54 -9.70 -32.11 0.58
CA PRO A 54 -10.14 -32.67 -0.72
C PRO A 54 -9.15 -32.34 -1.85
N LYS A 55 -9.43 -32.84 -3.04
CA LYS A 55 -8.57 -32.60 -4.20
C LYS A 55 -9.30 -31.77 -5.25
N MET A 56 -8.60 -30.80 -5.82
CA MET A 56 -9.19 -29.93 -6.83
C MET A 56 -9.07 -30.57 -8.21
N THR A 57 -10.21 -30.67 -8.90
CA THR A 57 -10.22 -31.27 -10.24
C THR A 57 -9.64 -30.29 -11.26
N PRO A 58 -9.00 -30.79 -12.30
CA PRO A 58 -8.39 -29.94 -13.35
C PRO A 58 -9.26 -28.73 -13.68
N GLU A 59 -10.57 -28.91 -13.63
CA GLU A 59 -11.50 -27.81 -13.93
C GLU A 59 -11.43 -26.74 -12.84
N GLN A 60 -11.47 -27.17 -11.59
CA GLN A 60 -11.42 -26.24 -10.47
C GLN A 60 -10.18 -25.36 -10.56
N MET A 61 -9.01 -25.99 -10.50
CA MET A 61 -7.76 -25.25 -10.59
C MET A 61 -7.69 -24.44 -11.88
N ALA A 62 -8.12 -25.06 -12.97
CA ALA A 62 -8.09 -24.37 -14.27
C ALA A 62 -8.95 -23.11 -14.22
N LYS A 63 -10.24 -23.27 -13.93
CA LYS A 63 -11.14 -22.14 -13.86
C LYS A 63 -10.57 -21.07 -12.93
N GLU A 64 -10.03 -21.50 -11.80
CA GLU A 64 -9.45 -20.57 -10.83
C GLU A 64 -8.29 -19.80 -11.46
N MET A 65 -7.29 -20.52 -11.94
CA MET A 65 -6.14 -19.89 -12.56
C MET A 65 -6.58 -18.88 -13.61
N SER A 66 -7.51 -19.28 -14.47
CA SER A 66 -8.01 -18.40 -15.51
C SER A 66 -8.70 -17.18 -14.89
N GLU A 67 -9.38 -17.39 -13.77
CA GLU A 67 -10.08 -16.32 -13.09
C GLU A 67 -9.10 -15.44 -12.32
N PHE A 68 -8.02 -16.05 -11.84
CA PHE A 68 -7.01 -15.32 -11.08
C PHE A 68 -6.09 -14.55 -12.02
N LEU A 69 -5.54 -15.26 -13.00
CA LEU A 69 -4.63 -14.64 -13.96
C LEU A 69 -5.38 -13.63 -14.83
N SER A 70 -6.70 -13.70 -14.80
CA SER A 70 -7.53 -12.79 -15.58
C SER A 70 -8.95 -12.76 -15.06
N ARG A 71 -9.61 -11.62 -15.18
CA ARG A 71 -10.99 -11.47 -14.72
C ARG A 71 -11.84 -12.63 -15.24
N GLY A 72 -12.36 -12.48 -16.45
CA GLY A 72 -13.20 -13.52 -17.04
C GLY A 72 -14.57 -13.57 -16.36
N PRO A 73 -15.39 -12.58 -16.61
CA PRO A 73 -16.76 -12.50 -16.02
C PRO A 73 -17.52 -13.82 -16.16
N ALA A 74 -17.59 -14.58 -15.07
CA ALA A 74 -18.29 -15.86 -15.09
C ALA A 74 -19.80 -15.64 -15.11
#